data_8TPX
#
_entry.id   8TPX
#
_cell.length_a   1.00
_cell.length_b   1.00
_cell.length_c   1.00
_cell.angle_alpha   90.00
_cell.angle_beta   90.00
_cell.angle_gamma   90.00
#
_symmetry.space_group_name_H-M   'P 1'
#
loop_
_entity.id
_entity.type
_entity.pdbx_description
1 polymer 'EryAII,EryAII,EryAII,6-deoxyerythronolide-B synthase EryA3, modules 5 and 6'
2 polymer 'Antibody Fragment 1B2, Heavy Chain'
3 polymer 'Antibody Fragment 1B2, Light Chain'
#
loop_
_entity_poly.entity_id
_entity_poly.type
_entity_poly.pdbx_seq_one_letter_code
_entity_poly.pdbx_strand_id
1 'polypeptide(L)'
;MASTDSEKVAEYLRRATLDLRAARQRIRELESDPIAIVSMACRLPGGVNTPQRLWELLREGGETLSGFPTDRGWDLARLH
HPDPDNPGTSYVDKGGFLDDAAGFDAEFFGVSPREAAAMDPQQRLLLETSWELVENAGIDPHSLRGTATGVFLGVAKFGY
GEDTAAAEDVEGYSVTGVAPAVASGRISYTMGLEGPSISVDTACSSSLVALHLAVESLRKGESSMAVVGGAAVMATPGVF
VDFSRQRALAADGRSKAFGAGADGFGFSEGVTLVLLERLSEARRNGHEVLAVVRGSALNQDGASNGLSAPSGPAQRRVIR
QALESCGLEPGDVDAVEAHGTGTALGDPIEANALLDTYGRDRDADRPLWLGSVKSNIGHTQAAAGVTGLLKVVLALRNGE
LPATLHVEEPTPHVDWSSGGVALLAGNQPWRRGERTRRAAVSAFGISGTNAHVIVEEAPEREHRETTAHDGRPVPLVVSA
RTTAALRAQAAQIAELLERPDADLAGVGLGLATTRARHEHRAAVVASTREEAVRGLREIAAGAATADAVVEGVTEVDGRN
VVFLFPGQGSQWAGMGAELLSSSPVFAGKIRACDESMAPMQDWKVSDVLRQAPGAPGLDRVDVVQPVLFAVMVSLAELWR
SYGVEPAAVVGHSQGEIAAAHVAGALTLEDAAKLVVGRSRLMRSLSGEGGMAAVALGEAAVRERLRPWQDRLSVAAVNGP
RSVVVSGEPGALRAFSEDCAAEGIRVRDIDVDYASHSPQIERVREELLETTGDIAPRPARVTFHSTVESRSMDGTELDAR
YWYRNLRETVRFADAVTRLAESGYDAFIEVSPHPVVVQAVEEAVEEADGAEDAVVVGSLHRDGGDLSAFLRSMATAHVSG
VDIRWDVALPGAAPFALPTYPFQRKRYWLQPAAPAAASDELAYRVSWTPIEKPESGNLDGDWLVVTPLISPEWTEMLCEA
INANGGRALRCEVDTSASRTEMAQAVAQAGTGFRGVLSLLSSDESACRPGVPAGAVGLLTLVQALGDAGVDAPVWCLTQG
AVRTPADDDLARPAQTTAHGFAQVAGLELPGRWGGVVDLPESVDDAALRLLVAVLRGGGRAEDHLAVRDGRLHGRRVVRA
SLPQSGSRSWTPHGTVLVTGAASPVGDQLVRWLADRGAERLVLAGACPGDDLLAAVEEAGASAVVCAQDAAALREALGDE
PVTALVHAGTLTNFGSISEVAPEEFAETIAAKTALLAVLDEVLGDRAVEREVYCSSVAGIWGGAGMAAYAAGSAYLDALA
EHHRARGRSCTSVAWTPWALPGGAVDDGYLRERGLRSLSADRAMRTWERVLAAGPVSVAVADVDWPVLSEGFAATRPTAL
FAELAGRGGQAEAEPDSGPTGEPAQRLAGLSPDEQQENLLELVANAVAEVLGHESAAEINVRRAFSELGLD(4HH)LNAM
ALRKRLSASTGLRLPASLVFDHPTVTALAQHTSQLDSGTPAREASSALRDGYRQAGVSGRVRSYLDLLAGLSDFREHFDG
SDGFSLDLVDMADGPGEVTVICCAGTAAISGPHEFTRLAGALRGIAPVRAVPQPGYEEGEPLPSSMAAVAAVQADAVIRT
QGDKPFVVAGHSAGALMAYALATELLDRGHPPRGVVLIDVYPPGHQDAMNAWLEELTATLFDRETVRMDDTRLTALGAYD
RLTGQWRPRETGLPTLLVSAGEPMGPWPDDSWKPTWPFEHDTVAVPGDHFTMVQEHADAIARHIDAWLGGGNSSSVDKLA
AALEHHHHHH
;
A,B,C
2 'polypeptide(L)'
;MAEVQLVQSGGGLVQPGRSLRLSCTASGFTFGDYAMSWVRQAPGKGLEWVGFIRSKAYGGTTEYAASVKGRFTISRDDSK
SIAYLQMNSLKTEDTAVYYCTRGGTLFDYWGQGTLVTVSSASTKGPSVFPLAPSSKSTSGGTAALGCLVKDYFPEPVTVS
WNSGALTSGVHTFPAVLQSSGLYSLSSVVTVPSSSLGTQTYICNVNHKPSNTKVDKKVEPKSCAALVPRGSAHHHHHHAA
DYKDDDDKA
;
H
3 'polypeptide(L)'
;LFAIPLVVPFYSHSALDVVMTQSPLSLPVTPGEPASISCRSSQSLLHSNGYNYLDWYLQKPGQSPQLLIYLGSNRASGVP
DRFSGSGSGTDFTLKISRVEAEDVGVYYCMQSLQTPRLTFGPGTKVDIKRTVAAPSVFIFPPSDEQLKSGTASVVCLLNN
FYPRGAKVQWKVDNALQSGNSQESVTEQDSKDSTYSLSSTLTLSKADYEKHKVYACEVTHQGLSSPVTKSFNRGEC
;
L
#
# COMPACT_ATOMS: atom_id res chain seq x y z
N THR A 4 -10.46 47.28 3.61
CA THR A 4 -10.84 47.47 5.00
C THR A 4 -10.04 46.55 5.93
N ASP A 5 -9.53 47.14 7.02
CA ASP A 5 -8.72 46.37 7.96
C ASP A 5 -9.53 45.27 8.62
N SER A 6 -10.83 45.46 8.79
CA SER A 6 -11.70 44.50 9.45
C SER A 6 -12.38 43.55 8.48
N GLU A 7 -12.05 43.62 7.19
CA GLU A 7 -12.66 42.77 6.19
C GLU A 7 -11.68 41.83 5.51
N LYS A 8 -10.48 42.31 5.19
CA LYS A 8 -9.49 41.43 4.55
C LYS A 8 -9.08 40.30 5.49
N VAL A 9 -9.05 40.56 6.79
CA VAL A 9 -8.73 39.50 7.75
C VAL A 9 -9.84 38.45 7.76
N ALA A 10 -11.09 38.88 7.69
CA ALA A 10 -12.21 37.94 7.61
C ALA A 10 -12.13 37.11 6.33
N GLU A 11 -11.79 37.75 5.22
CA GLU A 11 -11.63 37.02 3.97
C GLU A 11 -10.51 36.00 4.07
N TYR A 12 -9.38 36.38 4.67
CA TYR A 12 -8.28 35.44 4.85
C TYR A 12 -8.69 34.27 5.73
N LEU A 13 -9.44 34.55 6.79
CA LEU A 13 -9.92 33.49 7.67
C LEU A 13 -10.84 32.53 6.92
N ARG A 14 -11.74 33.07 6.10
N ARG A 14 -11.75 33.07 6.10
CA ARG A 14 -12.64 32.22 5.32
CA ARG A 14 -12.64 32.22 5.32
C ARG A 14 -11.86 31.37 4.33
C ARG A 14 -11.86 31.37 4.33
N ARG A 15 -10.87 31.96 3.66
CA ARG A 15 -10.05 31.19 2.73
C ARG A 15 -9.30 30.09 3.45
N ALA A 16 -8.76 30.39 4.64
CA ALA A 16 -8.05 29.38 5.40
C ALA A 16 -8.96 28.24 5.81
N THR A 17 -10.18 28.56 6.27
CA THR A 17 -11.11 27.50 6.64
C THR A 17 -11.49 26.63 5.45
N LEU A 18 -11.78 27.26 4.31
CA LEU A 18 -12.13 26.50 3.11
C LEU A 18 -10.98 25.60 2.67
N ASP A 19 -9.76 26.14 2.68
CA ASP A 19 -8.60 25.35 2.27
C ASP A 19 -8.35 24.20 3.23
N LEU A 20 -8.54 24.43 4.54
CA LEU A 20 -8.37 23.34 5.50
C LEU A 20 -9.38 22.24 5.26
N ARG A 21 -10.65 22.61 5.02
CA ARG A 21 -11.67 21.60 4.75
C ARG A 21 -11.33 20.81 3.50
N ALA A 22 -10.92 21.52 2.43
CA ALA A 22 -10.58 20.84 1.18
C ALA A 22 -9.39 19.92 1.37
N ALA A 23 -8.38 20.35 2.12
CA ALA A 23 -7.19 19.54 2.33
C ALA A 23 -7.52 18.28 3.11
N ARG A 24 -8.35 18.39 4.15
CA ARG A 24 -8.72 17.21 4.91
C ARG A 24 -9.54 16.25 4.06
N GLN A 25 -10.45 16.79 3.24
CA GLN A 25 -11.22 15.93 2.34
C GLN A 25 -10.31 15.21 1.35
N ARG A 26 -9.30 15.92 0.83
CA ARG A 26 -8.36 15.29 -0.09
C ARG A 26 -7.55 14.21 0.59
N ILE A 27 -7.11 14.45 1.83
CA ILE A 27 -6.38 13.43 2.57
C ILE A 27 -7.24 12.19 2.75
N ARG A 28 -8.51 12.39 3.13
N ARG A 28 -8.51 12.39 3.13
CA ARG A 28 -9.40 11.26 3.32
CA ARG A 28 -9.40 11.26 3.32
C ARG A 28 -9.60 10.50 2.02
C ARG A 28 -9.61 10.50 2.01
N GLU A 29 -9.76 11.22 0.91
CA GLU A 29 -9.92 10.56 -0.39
C GLU A 29 -8.69 9.75 -0.75
N LEU A 30 -7.50 10.31 -0.51
CA LEU A 30 -6.26 9.61 -0.86
C LEU A 30 -6.08 8.35 -0.03
N GLU A 31 -6.30 8.44 1.27
CA GLU A 31 -6.03 7.28 2.13
C GLU A 31 -7.10 6.20 1.99
N SER A 32 -8.29 6.54 1.50
CA SER A 32 -9.35 5.55 1.32
C SER A 32 -10.38 6.11 0.35
N ASP A 33 -10.85 5.24 -0.55
CA ASP A 33 -11.83 5.67 -1.55
C ASP A 33 -12.58 4.46 -2.07
N PRO A 34 -13.92 4.47 -2.02
CA PRO A 34 -14.68 3.36 -2.57
C PRO A 34 -14.40 3.16 -4.06
N ILE A 35 -14.32 1.90 -4.47
CA ILE A 35 -14.09 1.54 -5.86
C ILE A 35 -15.26 0.70 -6.33
N ALA A 36 -15.94 1.15 -7.38
CA ALA A 36 -17.12 0.46 -7.88
C ALA A 36 -16.73 -0.58 -8.93
N ILE A 37 -17.39 -1.73 -8.85
CA ILE A 37 -17.27 -2.77 -9.86
C ILE A 37 -18.33 -2.51 -10.92
N VAL A 38 -17.89 -2.34 -12.17
CA VAL A 38 -18.81 -1.93 -13.22
C VAL A 38 -19.36 -3.14 -13.97
N SER A 39 -18.51 -4.10 -14.34
CA SER A 39 -18.96 -5.21 -15.16
C SER A 39 -18.15 -6.45 -14.82
N MET A 40 -18.61 -7.59 -15.33
CA MET A 40 -17.98 -8.87 -15.08
C MET A 40 -18.12 -9.79 -16.29
N ALA A 41 -17.19 -10.73 -16.41
CA ALA A 41 -17.23 -11.73 -17.47
C ALA A 41 -16.39 -12.92 -17.02
N CYS A 42 -16.85 -14.12 -17.37
CA CYS A 42 -16.19 -15.33 -16.91
C CYS A 42 -16.37 -16.43 -17.92
N ARG A 43 -15.51 -17.45 -17.83
CA ARG A 43 -15.55 -18.63 -18.69
C ARG A 43 -15.20 -19.84 -17.83
N LEU A 44 -16.21 -20.46 -17.25
CA LEU A 44 -16.07 -21.61 -16.38
C LEU A 44 -16.37 -22.89 -17.14
N PRO A 45 -15.84 -24.03 -16.69
CA PRO A 45 -15.88 -25.23 -17.54
C PRO A 45 -17.27 -25.84 -17.65
N GLY A 46 -17.96 -25.56 -18.76
CA GLY A 46 -19.30 -26.07 -18.95
C GLY A 46 -20.32 -25.03 -19.37
N GLY A 47 -19.95 -23.74 -19.32
CA GLY A 47 -20.89 -22.71 -19.69
C GLY A 47 -20.45 -21.27 -19.48
N VAL A 48 -20.96 -20.41 -20.36
CA VAL A 48 -20.47 -19.01 -20.46
C VAL A 48 -20.34 -18.29 -19.14
N ASN A 49 -21.19 -17.30 -18.91
CA ASN A 49 -20.92 -16.51 -17.69
C ASN A 49 -22.15 -15.87 -17.07
N THR A 50 -21.92 -15.24 -15.92
CA THR A 50 -23.03 -14.52 -15.28
C THR A 50 -24.19 -15.49 -15.15
N PRO A 51 -25.45 -15.05 -14.94
CA PRO A 51 -26.55 -15.94 -14.68
C PRO A 51 -26.27 -17.36 -15.19
N GLN A 52 -26.49 -17.58 -16.47
CA GLN A 52 -26.37 -18.95 -17.03
C GLN A 52 -25.49 -19.78 -16.11
N ARG A 53 -24.19 -19.58 -16.21
CA ARG A 53 -23.31 -20.47 -15.43
C ARG A 53 -23.18 -19.86 -14.04
N LEU A 54 -24.30 -19.64 -13.38
CA LEU A 54 -24.14 -19.14 -12.00
C LEU A 54 -25.44 -19.29 -11.23
N TRP A 55 -26.11 -18.18 -10.98
CA TRP A 55 -27.30 -18.28 -10.10
C TRP A 55 -28.14 -19.45 -10.55
N GLU A 56 -27.94 -19.93 -11.77
CA GLU A 56 -28.70 -21.13 -12.16
C GLU A 56 -28.00 -22.33 -11.55
N LEU A 57 -26.72 -22.52 -11.84
CA LEU A 57 -26.05 -23.75 -11.38
C LEU A 57 -25.85 -23.68 -9.87
N LEU A 58 -25.66 -22.49 -9.35
CA LEU A 58 -25.32 -22.40 -7.93
C LEU A 58 -26.49 -22.70 -7.03
N ARG A 59 -27.72 -22.71 -7.56
N ARG A 59 -27.72 -22.71 -7.56
CA ARG A 59 -28.87 -23.04 -6.74
CA ARG A 59 -28.87 -23.06 -6.74
C ARG A 59 -28.81 -24.49 -6.25
C ARG A 59 -28.80 -24.49 -6.24
N GLU A 60 -28.35 -25.41 -7.09
CA GLU A 60 -28.28 -26.82 -6.74
C GLU A 60 -26.85 -27.34 -6.72
N GLY A 61 -26.08 -27.12 -7.78
CA GLY A 61 -24.70 -27.58 -7.81
C GLY A 61 -24.46 -28.67 -8.82
N GLY A 62 -23.48 -29.53 -8.55
CA GLY A 62 -23.16 -30.63 -9.45
C GLY A 62 -21.71 -30.64 -9.86
N GLU A 63 -21.46 -30.42 -11.15
CA GLU A 63 -20.12 -30.30 -11.70
C GLU A 63 -19.32 -31.59 -11.57
N THR A 64 -18.00 -31.49 -11.73
CA THR A 64 -17.10 -32.65 -11.72
C THR A 64 -17.55 -33.68 -12.74
N LEU A 65 -17.65 -33.23 -14.00
CA LEU A 65 -18.10 -34.10 -15.06
C LEU A 65 -17.05 -35.11 -15.49
N SER A 66 -15.84 -35.03 -14.93
CA SER A 66 -14.76 -36.00 -15.20
C SER A 66 -14.47 -35.92 -16.69
N GLY A 67 -14.37 -37.04 -17.40
CA GLY A 67 -14.19 -37.00 -18.83
C GLY A 67 -12.89 -36.34 -19.23
N PHE A 68 -11.77 -37.01 -18.98
CA PHE A 68 -10.48 -36.49 -19.40
C PHE A 68 -10.55 -36.11 -20.87
N PRO A 69 -10.16 -34.89 -21.23
CA PRO A 69 -10.41 -34.40 -22.59
C PRO A 69 -9.72 -35.27 -23.64
N THR A 70 -10.42 -35.48 -24.75
CA THR A 70 -9.88 -36.26 -25.86
C THR A 70 -9.40 -35.39 -27.01
N ASP A 71 -9.87 -34.13 -27.09
CA ASP A 71 -9.43 -33.25 -28.15
C ASP A 71 -7.93 -33.02 -28.08
N ARG A 72 -7.40 -32.80 -26.88
CA ARG A 72 -5.97 -32.68 -26.68
C ARG A 72 -5.30 -34.04 -26.87
N GLY A 73 -3.98 -34.02 -27.03
CA GLY A 73 -3.25 -35.25 -27.24
C GLY A 73 -3.43 -36.21 -26.09
N TRP A 74 -2.83 -35.89 -24.93
CA TRP A 74 -3.14 -36.52 -23.65
C TRP A 74 -3.28 -38.03 -23.75
N ASP A 75 -2.19 -38.73 -24.05
CA ASP A 75 -2.21 -40.18 -24.19
C ASP A 75 -2.91 -40.84 -23.01
N LEU A 76 -4.03 -41.49 -23.29
CA LEU A 76 -4.82 -42.14 -22.26
C LEU A 76 -4.38 -43.58 -22.10
N ALA A 77 -5.06 -44.31 -21.21
CA ALA A 77 -4.79 -45.71 -20.92
C ALA A 77 -3.39 -45.91 -20.35
N ARG A 78 -2.67 -44.82 -20.12
CA ARG A 78 -1.35 -44.84 -19.51
C ARG A 78 -1.26 -43.94 -18.29
N LEU A 79 -1.92 -42.79 -18.30
CA LEU A 79 -1.91 -41.92 -17.14
C LEU A 79 -2.61 -42.59 -15.96
N HIS A 80 -3.71 -43.29 -16.21
CA HIS A 80 -4.52 -43.86 -15.15
C HIS A 80 -3.99 -45.24 -14.76
N HIS A 81 -3.77 -45.45 -13.47
CA HIS A 81 -3.37 -46.74 -12.94
C HIS A 81 -3.77 -46.80 -11.48
N PRO A 82 -4.32 -47.92 -11.01
CA PRO A 82 -4.79 -47.98 -9.62
C PRO A 82 -3.69 -47.78 -8.59
N ASP A 83 -2.46 -48.18 -8.89
CA ASP A 83 -1.38 -48.09 -7.93
C ASP A 83 -0.99 -46.63 -7.70
N PRO A 84 -1.09 -46.10 -6.48
CA PRO A 84 -0.62 -44.73 -6.24
C PRO A 84 0.89 -44.59 -6.29
N ASP A 85 1.63 -45.69 -6.20
CA ASP A 85 3.08 -45.67 -6.18
C ASP A 85 3.69 -46.00 -7.54
N ASN A 86 2.88 -46.12 -8.58
CA ASN A 86 3.40 -46.40 -9.90
C ASN A 86 4.25 -45.23 -10.37
N PRO A 87 5.38 -45.49 -11.06
CA PRO A 87 6.32 -44.40 -11.39
C PRO A 87 5.71 -43.25 -12.20
N GLY A 88 5.16 -43.54 -13.36
CA GLY A 88 4.75 -42.47 -14.25
C GLY A 88 3.27 -42.42 -14.58
N THR A 89 2.42 -42.83 -13.64
CA THR A 89 0.98 -42.80 -13.82
C THR A 89 0.35 -41.93 -12.73
N SER A 90 -0.98 -41.90 -12.71
CA SER A 90 -1.71 -41.11 -11.74
C SER A 90 -3.11 -41.68 -11.58
N TYR A 91 -3.57 -41.76 -10.34
CA TYR A 91 -4.93 -42.23 -10.07
C TYR A 91 -5.90 -41.07 -10.27
N VAL A 92 -7.12 -41.23 -9.76
CA VAL A 92 -8.25 -40.30 -9.89
C VAL A 92 -8.36 -39.73 -11.29
N ASP A 93 -9.24 -40.31 -12.11
CA ASP A 93 -9.47 -39.88 -13.47
C ASP A 93 -10.66 -38.94 -13.60
N LYS A 94 -11.19 -38.44 -12.49
CA LYS A 94 -12.30 -37.50 -12.53
C LYS A 94 -11.75 -36.08 -12.72
N GLY A 95 -12.60 -35.08 -12.51
CA GLY A 95 -12.18 -33.71 -12.62
C GLY A 95 -12.77 -33.00 -13.81
N GLY A 96 -13.42 -31.86 -13.58
CA GLY A 96 -14.03 -31.13 -14.66
C GLY A 96 -13.01 -30.52 -15.60
N PHE A 97 -13.49 -30.10 -16.76
CA PHE A 97 -12.64 -29.51 -17.78
C PHE A 97 -13.48 -28.61 -18.67
N LEU A 98 -12.80 -27.69 -19.37
CA LEU A 98 -13.49 -26.82 -20.30
C LEU A 98 -14.05 -27.62 -21.47
N ASP A 99 -15.21 -27.18 -21.96
CA ASP A 99 -15.84 -27.87 -23.09
C ASP A 99 -14.98 -27.80 -24.34
N ASP A 100 -14.41 -26.64 -24.63
CA ASP A 100 -13.53 -26.49 -25.77
C ASP A 100 -12.52 -25.39 -25.48
N ALA A 101 -11.24 -25.72 -25.59
CA ALA A 101 -10.17 -24.76 -25.34
C ALA A 101 -9.42 -24.35 -26.60
N ALA A 102 -9.61 -25.06 -27.71
CA ALA A 102 -8.90 -24.78 -28.95
C ALA A 102 -9.66 -23.84 -29.87
N GLY A 103 -10.79 -23.30 -29.41
CA GLY A 103 -11.59 -22.42 -30.24
C GLY A 103 -11.01 -21.03 -30.29
N PHE A 104 -10.98 -20.45 -31.49
CA PHE A 104 -10.52 -19.08 -31.68
C PHE A 104 -11.07 -18.56 -32.99
N ASP A 105 -11.12 -17.23 -33.10
CA ASP A 105 -11.61 -16.58 -34.31
C ASP A 105 -10.50 -16.06 -35.21
N ALA A 106 -9.36 -15.66 -34.64
CA ALA A 106 -8.18 -15.30 -35.40
C ALA A 106 -8.41 -14.09 -36.30
N GLU A 107 -9.20 -14.25 -37.36
CA GLU A 107 -9.36 -13.18 -38.34
C GLU A 107 -9.99 -11.93 -37.72
N PHE A 108 -10.85 -12.10 -36.72
CA PHE A 108 -11.50 -10.95 -36.12
C PHE A 108 -10.49 -10.04 -35.42
N PHE A 109 -9.53 -10.63 -34.72
CA PHE A 109 -8.50 -9.85 -34.03
C PHE A 109 -7.31 -9.55 -34.91
N GLY A 110 -7.28 -10.04 -36.14
CA GLY A 110 -6.20 -9.74 -37.06
C GLY A 110 -4.89 -10.41 -36.72
N VAL A 111 -4.89 -11.73 -36.66
CA VAL A 111 -3.68 -12.51 -36.44
C VAL A 111 -3.61 -13.61 -37.49
N SER A 112 -2.42 -13.84 -38.01
CA SER A 112 -2.25 -14.87 -39.03
C SER A 112 -2.51 -16.25 -38.44
N PRO A 113 -3.10 -17.17 -39.21
CA PRO A 113 -3.34 -18.52 -38.68
C PRO A 113 -2.07 -19.22 -38.24
N ARG A 114 -0.95 -18.96 -38.92
CA ARG A 114 0.32 -19.55 -38.50
C ARG A 114 0.69 -19.10 -37.10
N GLU A 115 0.56 -17.80 -36.82
CA GLU A 115 0.84 -17.31 -35.48
C GLU A 115 -0.25 -17.73 -34.50
N ALA A 116 -1.49 -17.89 -34.98
CA ALA A 116 -2.58 -18.31 -34.10
C ALA A 116 -2.38 -19.73 -33.61
N ALA A 117 -1.83 -20.60 -34.47
CA ALA A 117 -1.59 -21.98 -34.05
C ALA A 117 -0.58 -22.03 -32.91
N ALA A 118 0.51 -21.28 -33.02
CA ALA A 118 1.52 -21.22 -31.97
C ALA A 118 1.13 -20.09 -31.02
N MET A 119 0.17 -20.39 -30.15
CA MET A 119 -0.41 -19.39 -29.26
C MET A 119 -1.04 -20.10 -28.09
N ASP A 120 -0.61 -19.76 -26.88
CA ASP A 120 -1.18 -20.40 -25.70
C ASP A 120 -2.67 -20.10 -25.60
N PRO A 121 -3.49 -21.09 -25.26
CA PRO A 121 -4.94 -20.83 -25.17
C PRO A 121 -5.32 -19.78 -24.16
N GLN A 122 -4.46 -19.53 -23.16
CA GLN A 122 -4.75 -18.50 -22.17
C GLN A 122 -4.92 -17.15 -22.83
N GLN A 123 -4.05 -16.81 -23.78
CA GLN A 123 -4.12 -15.51 -24.43
C GLN A 123 -5.41 -15.38 -25.24
N ARG A 124 -5.78 -16.42 -25.99
CA ARG A 124 -6.99 -16.35 -26.79
C ARG A 124 -8.22 -16.19 -25.91
N LEU A 125 -8.32 -16.99 -24.85
CA LEU A 125 -9.46 -16.87 -23.95
C LEU A 125 -9.48 -15.52 -23.26
N LEU A 126 -8.30 -14.99 -22.91
CA LEU A 126 -8.24 -13.67 -22.29
C LEU A 126 -8.73 -12.59 -23.23
N LEU A 127 -8.35 -12.67 -24.51
CA LEU A 127 -8.83 -11.68 -25.48
C LEU A 127 -10.35 -11.73 -25.60
N GLU A 128 -10.91 -12.95 -25.75
CA GLU A 128 -12.35 -13.06 -25.88
C GLU A 128 -13.06 -12.53 -24.64
N THR A 129 -12.58 -12.92 -23.46
CA THR A 129 -13.23 -12.52 -22.23
C THR A 129 -13.12 -11.02 -22.00
N SER A 130 -11.99 -10.42 -22.35
CA SER A 130 -11.84 -8.98 -22.19
C SER A 130 -12.80 -8.24 -23.10
N TRP A 131 -12.94 -8.69 -24.36
CA TRP A 131 -13.91 -8.04 -25.24
C TRP A 131 -15.32 -8.16 -24.69
N GLU A 132 -15.68 -9.35 -24.20
CA GLU A 132 -17.01 -9.52 -23.63
C GLU A 132 -17.21 -8.63 -22.41
N LEU A 133 -16.19 -8.50 -21.57
CA LEU A 133 -16.30 -7.67 -20.38
C LEU A 133 -16.52 -6.22 -20.74
N VAL A 134 -15.75 -5.70 -21.70
CA VAL A 134 -15.95 -4.31 -22.10
C VAL A 134 -17.32 -4.13 -22.73
N GLU A 135 -17.78 -5.13 -23.50
CA GLU A 135 -19.09 -5.03 -24.10
C GLU A 135 -20.19 -4.97 -23.06
N ASN A 136 -20.12 -5.81 -22.04
CA ASN A 136 -21.17 -5.88 -21.03
C ASN A 136 -21.03 -4.77 -19.98
N ALA A 137 -20.81 -3.55 -20.43
CA ALA A 137 -20.70 -2.43 -19.52
C ALA A 137 -21.34 -1.15 -20.05
N GLY A 138 -21.98 -1.18 -21.21
CA GLY A 138 -22.53 0.03 -21.79
C GLY A 138 -21.50 0.97 -22.38
N ILE A 139 -20.25 0.52 -22.51
CA ILE A 139 -19.17 1.36 -23.02
C ILE A 139 -18.72 0.79 -24.36
N ASP A 140 -18.76 1.61 -25.40
CA ASP A 140 -18.34 1.16 -26.71
C ASP A 140 -16.86 0.83 -26.69
N PRO A 141 -16.46 -0.39 -27.08
CA PRO A 141 -15.05 -0.76 -26.99
C PRO A 141 -14.15 0.14 -27.83
N HIS A 142 -14.65 0.67 -28.93
CA HIS A 142 -13.82 1.47 -29.83
C HIS A 142 -13.50 2.85 -29.26
N SER A 143 -14.27 3.31 -28.27
CA SER A 143 -13.99 4.60 -27.66
C SER A 143 -12.91 4.53 -26.59
N LEU A 144 -12.57 3.34 -26.10
CA LEU A 144 -11.51 3.21 -25.11
C LEU A 144 -10.13 3.46 -25.69
N ARG A 145 -10.00 3.54 -27.01
CA ARG A 145 -8.70 3.77 -27.62
C ARG A 145 -8.15 5.12 -27.20
N GLY A 146 -6.89 5.14 -26.79
CA GLY A 146 -6.23 6.36 -26.37
C GLY A 146 -6.49 6.77 -24.93
N THR A 147 -7.26 5.99 -24.17
CA THR A 147 -7.55 6.33 -22.78
C THR A 147 -6.38 5.92 -21.90
N ALA A 148 -6.59 5.94 -20.59
CA ALA A 148 -5.56 5.63 -19.61
C ALA A 148 -5.97 4.46 -18.73
N THR A 149 -6.50 3.40 -19.34
CA THR A 149 -6.88 2.21 -18.60
C THR A 149 -5.74 1.19 -18.65
N GLY A 150 -5.54 0.47 -17.55
CA GLY A 150 -4.47 -0.48 -17.46
C GLY A 150 -4.98 -1.86 -17.08
N VAL A 151 -4.11 -2.84 -17.25
CA VAL A 151 -4.41 -4.24 -16.95
C VAL A 151 -3.45 -4.72 -15.88
N PHE A 152 -3.98 -5.44 -14.89
CA PHE A 152 -3.25 -5.86 -13.71
C PHE A 152 -3.50 -7.34 -13.41
N LEU A 153 -3.29 -8.20 -14.40
CA LEU A 153 -3.78 -9.56 -14.26
C LEU A 153 -2.69 -10.49 -13.69
N GLY A 154 -3.11 -11.72 -13.40
CA GLY A 154 -2.20 -12.73 -12.88
C GLY A 154 -2.33 -14.05 -13.61
N VAL A 155 -1.25 -14.49 -14.24
CA VAL A 155 -1.27 -15.66 -15.11
C VAL A 155 -0.03 -16.50 -14.84
N ALA A 156 -0.18 -17.81 -14.86
CA ALA A 156 0.91 -18.75 -14.67
C ALA A 156 1.15 -19.55 -15.94
N LYS A 157 2.34 -20.13 -16.04
CA LYS A 157 2.75 -20.90 -17.21
C LYS A 157 2.45 -22.37 -16.99
N PHE A 158 1.57 -22.93 -17.81
CA PHE A 158 1.10 -24.30 -17.67
C PHE A 158 1.47 -25.08 -18.94
N GLY A 159 2.65 -25.69 -18.94
CA GLY A 159 3.05 -26.52 -20.06
C GLY A 159 3.40 -25.69 -21.28
N TYR A 160 3.82 -26.39 -22.32
CA TYR A 160 4.28 -25.75 -23.55
C TYR A 160 4.25 -26.76 -24.68
N GLY A 161 4.36 -26.26 -25.90
CA GLY A 161 4.46 -27.13 -27.06
C GLY A 161 5.85 -27.69 -27.23
N GLU A 162 6.03 -28.98 -26.91
CA GLU A 162 7.35 -29.60 -26.96
C GLU A 162 7.86 -29.80 -28.38
N ASP A 163 7.00 -29.70 -29.38
CA ASP A 163 7.42 -29.88 -30.76
C ASP A 163 8.06 -28.62 -31.32
N GLY A 172 10.01 -20.55 -36.39
CA GLY A 172 9.87 -20.11 -37.76
C GLY A 172 9.92 -18.61 -37.92
N TYR A 173 11.12 -18.05 -37.74
CA TYR A 173 11.41 -16.63 -37.96
C TYR A 173 10.82 -15.73 -36.87
N SER A 174 9.93 -16.27 -36.05
CA SER A 174 9.22 -15.48 -35.05
C SER A 174 8.44 -16.44 -34.16
N VAL A 175 7.63 -15.87 -33.28
CA VAL A 175 6.73 -16.56 -32.34
C VAL A 175 7.49 -17.67 -31.63
N THR A 176 6.77 -18.53 -30.90
CA THR A 176 7.34 -19.65 -30.14
C THR A 176 8.32 -19.17 -29.08
N GLY A 177 8.49 -17.86 -28.96
CA GLY A 177 9.29 -17.26 -27.92
C GLY A 177 8.57 -16.04 -27.39
N VAL A 178 7.45 -15.72 -28.02
CA VAL A 178 6.63 -14.59 -27.62
C VAL A 178 5.20 -14.99 -27.29
N ALA A 179 4.69 -16.10 -27.80
CA ALA A 179 3.33 -16.50 -27.45
C ALA A 179 3.25 -17.07 -26.05
N PRO A 180 4.08 -18.07 -25.64
CA PRO A 180 4.09 -18.52 -24.24
C PRO A 180 5.04 -17.69 -23.39
N ALA A 181 4.87 -16.37 -23.40
CA ALA A 181 5.78 -15.45 -22.75
C ALA A 181 5.27 -14.95 -21.40
N VAL A 182 4.19 -15.54 -20.88
CA VAL A 182 3.62 -15.17 -19.59
C VAL A 182 3.20 -13.71 -19.59
N ALA A 183 4.15 -12.80 -19.77
CA ALA A 183 3.87 -11.37 -19.80
C ALA A 183 3.17 -11.04 -21.12
N SER A 184 1.87 -11.28 -21.15
CA SER A 184 1.03 -11.04 -22.32
C SER A 184 0.15 -9.82 -22.03
N GLY A 185 0.68 -8.64 -22.34
CA GLY A 185 -0.09 -7.42 -22.22
C GLY A 185 -0.62 -6.98 -23.58
N ARG A 186 -0.72 -7.93 -24.51
CA ARG A 186 -1.13 -7.60 -25.87
C ARG A 186 -2.59 -7.17 -25.94
N ILE A 187 -3.36 -7.35 -24.85
CA ILE A 187 -4.71 -6.82 -24.81
C ILE A 187 -4.68 -5.31 -25.04
N SER A 188 -3.78 -4.62 -24.33
CA SER A 188 -3.63 -3.19 -24.53
C SER A 188 -3.15 -2.86 -25.93
N TYR A 189 -2.41 -3.77 -26.56
CA TYR A 189 -1.96 -3.54 -27.92
C TYR A 189 -3.13 -3.58 -28.89
N THR A 190 -3.98 -4.61 -28.79
CA THR A 190 -5.11 -4.73 -29.70
C THR A 190 -6.13 -3.63 -29.46
N MET A 191 -6.49 -3.38 -28.20
CA MET A 191 -7.50 -2.38 -27.89
C MET A 191 -6.95 -0.96 -28.01
N GLY A 192 -5.67 -0.76 -27.69
CA GLY A 192 -5.07 0.55 -27.80
C GLY A 192 -5.10 1.34 -26.51
N LEU A 193 -4.78 0.68 -25.40
CA LEU A 193 -4.78 1.32 -24.09
C LEU A 193 -3.42 1.94 -23.80
N GLU A 194 -3.36 2.72 -22.72
CA GLU A 194 -2.12 3.38 -22.31
C GLU A 194 -1.76 3.18 -20.86
N GLY A 195 -2.61 2.56 -20.05
CA GLY A 195 -2.31 2.36 -18.66
C GLY A 195 -1.25 1.29 -18.46
N PRO A 196 -0.74 1.17 -17.24
CA PRO A 196 0.27 0.15 -16.95
C PRO A 196 -0.27 -1.25 -17.19
N SER A 197 0.59 -2.12 -17.70
CA SER A 197 0.26 -3.52 -17.95
C SER A 197 1.16 -4.39 -17.08
N ILE A 198 0.55 -5.19 -16.21
CA ILE A 198 1.28 -5.99 -15.23
C ILE A 198 0.71 -7.40 -15.20
N SER A 199 1.60 -8.38 -15.17
CA SER A 199 1.26 -9.78 -15.01
C SER A 199 1.99 -10.31 -13.78
N VAL A 200 1.24 -10.59 -12.72
CA VAL A 200 1.83 -11.01 -11.46
C VAL A 200 1.74 -12.53 -11.33
N ASP A 201 2.43 -13.06 -10.33
CA ASP A 201 2.40 -14.51 -10.06
C ASP A 201 2.71 -14.72 -8.59
N THR A 202 1.69 -15.07 -7.81
CA THR A 202 1.86 -15.39 -6.40
C THR A 202 1.01 -16.59 -6.03
N ALA A 203 1.06 -17.63 -6.86
CA ALA A 203 0.38 -18.92 -6.63
C ALA A 203 -1.13 -18.68 -6.57
N CYS A 204 -1.86 -19.45 -5.77
CA CYS A 204 -3.32 -19.49 -5.85
C CYS A 204 -3.98 -18.16 -5.52
N SER A 205 -3.29 -17.27 -4.81
CA SER A 205 -3.85 -15.99 -4.43
C SER A 205 -3.51 -14.87 -5.41
N SER A 206 -2.87 -15.20 -6.53
CA SER A 206 -2.30 -14.17 -7.40
C SER A 206 -3.33 -13.12 -7.77
N SER A 207 -4.49 -13.55 -8.29
CA SER A 207 -5.52 -12.61 -8.70
C SER A 207 -5.80 -11.61 -7.59
N LEU A 208 -6.01 -12.11 -6.37
CA LEU A 208 -6.33 -11.23 -5.25
C LEU A 208 -5.27 -10.14 -5.09
N VAL A 209 -3.99 -10.52 -5.01
CA VAL A 209 -2.99 -9.49 -4.79
C VAL A 209 -2.94 -8.56 -5.98
N ALA A 210 -3.16 -9.11 -7.18
CA ALA A 210 -3.28 -8.27 -8.37
C ALA A 210 -4.32 -7.19 -8.15
N LEU A 211 -5.50 -7.58 -7.68
CA LEU A 211 -6.56 -6.62 -7.41
C LEU A 211 -6.04 -5.49 -6.52
N HIS A 212 -5.32 -5.85 -5.46
CA HIS A 212 -4.82 -4.85 -4.53
C HIS A 212 -4.05 -3.77 -5.28
N LEU A 213 -3.11 -4.20 -6.14
CA LEU A 213 -2.30 -3.23 -6.87
C LEU A 213 -3.18 -2.27 -7.63
N ALA A 214 -4.18 -2.79 -8.34
CA ALA A 214 -5.05 -1.94 -9.14
C ALA A 214 -5.66 -0.84 -8.27
N VAL A 215 -6.13 -1.21 -7.08
CA VAL A 215 -6.78 -0.24 -6.21
C VAL A 215 -5.85 0.94 -5.97
N GLU A 216 -4.58 0.67 -5.65
CA GLU A 216 -3.65 1.75 -5.38
C GLU A 216 -3.55 2.69 -6.56
N SER A 217 -3.43 2.13 -7.78
CA SER A 217 -3.34 2.98 -8.95
C SER A 217 -4.59 3.83 -9.09
N LEU A 218 -5.76 3.23 -8.84
CA LEU A 218 -7.00 3.98 -8.97
C LEU A 218 -7.08 5.10 -7.95
N ARG A 219 -6.34 5.01 -6.85
CA ARG A 219 -6.32 6.08 -5.87
C ARG A 219 -5.19 7.07 -6.10
N LYS A 220 -4.25 6.75 -7.00
CA LYS A 220 -3.15 7.66 -7.27
C LYS A 220 -3.40 8.55 -8.48
N GLY A 221 -4.47 8.31 -9.22
CA GLY A 221 -4.78 9.11 -10.39
C GLY A 221 -4.03 8.74 -11.63
N GLU A 222 -3.20 7.69 -11.61
CA GLU A 222 -2.45 7.30 -12.78
C GLU A 222 -3.22 6.40 -13.73
N SER A 223 -4.45 6.03 -13.39
CA SER A 223 -5.27 5.22 -14.27
C SER A 223 -6.74 5.53 -14.01
N SER A 224 -7.55 5.44 -15.05
CA SER A 224 -8.97 5.76 -14.94
C SER A 224 -9.80 4.52 -14.60
N MET A 225 -9.62 3.43 -15.36
CA MET A 225 -10.30 2.18 -15.10
C MET A 225 -9.30 1.04 -15.16
N ALA A 226 -9.62 -0.05 -14.46
CA ALA A 226 -8.69 -1.17 -14.37
C ALA A 226 -9.40 -2.48 -14.68
N VAL A 227 -8.64 -3.41 -15.26
CA VAL A 227 -9.12 -4.74 -15.59
C VAL A 227 -8.34 -5.74 -14.73
N VAL A 228 -9.04 -6.54 -13.94
CA VAL A 228 -8.41 -7.44 -12.99
C VAL A 228 -8.98 -8.84 -13.18
N GLY A 229 -8.12 -9.84 -13.28
CA GLY A 229 -8.60 -11.19 -13.43
C GLY A 229 -7.48 -12.20 -13.50
N GLY A 230 -7.86 -13.43 -13.86
CA GLY A 230 -6.91 -14.51 -13.96
C GLY A 230 -7.41 -15.59 -14.90
N ALA A 231 -6.50 -16.52 -15.23
CA ALA A 231 -6.81 -17.56 -16.19
C ALA A 231 -5.89 -18.75 -16.01
N ALA A 232 -6.32 -19.89 -16.54
CA ALA A 232 -5.54 -21.12 -16.60
C ALA A 232 -6.09 -21.96 -17.74
N VAL A 233 -5.29 -22.90 -18.23
CA VAL A 233 -5.78 -23.78 -19.30
C VAL A 233 -5.51 -25.25 -19.02
N MET A 234 -4.47 -25.54 -18.22
CA MET A 234 -4.06 -26.91 -17.94
C MET A 234 -3.85 -27.70 -19.25
N ALA A 235 -2.89 -27.24 -20.04
CA ALA A 235 -2.68 -27.82 -21.36
C ALA A 235 -2.19 -29.26 -21.27
N THR A 236 -1.15 -29.51 -20.49
CA THR A 236 -0.56 -30.84 -20.36
C THR A 236 -1.13 -31.56 -19.16
N PRO A 237 -1.04 -32.90 -19.12
CA PRO A 237 -1.46 -33.62 -17.91
C PRO A 237 -0.81 -33.07 -16.66
N GLY A 238 0.52 -33.09 -16.63
CA GLY A 238 1.27 -32.30 -15.67
C GLY A 238 0.90 -32.54 -14.21
N VAL A 239 0.18 -31.56 -13.65
CA VAL A 239 -0.10 -31.55 -12.21
C VAL A 239 -0.77 -32.84 -11.77
N PHE A 240 -1.75 -33.30 -12.55
CA PHE A 240 -2.51 -34.49 -12.16
C PHE A 240 -1.59 -35.68 -11.93
N VAL A 241 -0.46 -35.73 -12.60
CA VAL A 241 0.52 -36.77 -12.32
C VAL A 241 1.31 -36.44 -11.06
N ASP A 242 1.90 -35.24 -11.02
CA ASP A 242 2.89 -34.94 -9.99
C ASP A 242 2.28 -35.00 -8.61
N PHE A 243 1.13 -34.34 -8.41
CA PHE A 243 0.49 -34.39 -7.09
C PHE A 243 0.07 -35.80 -6.74
N SER A 244 -0.25 -36.63 -7.74
CA SER A 244 -0.56 -38.03 -7.45
C SER A 244 0.63 -38.74 -6.84
N ARG A 245 1.84 -38.35 -7.22
CA ARG A 245 3.03 -38.92 -6.62
C ARG A 245 3.27 -38.39 -5.20
N GLN A 246 2.62 -37.29 -4.84
CA GLN A 246 2.74 -36.72 -3.50
C GLN A 246 1.68 -37.23 -2.54
N ARG A 247 0.74 -38.05 -3.02
CA ARG A 247 -0.34 -38.59 -2.20
C ARG A 247 -1.22 -37.50 -1.61
N ALA A 248 -1.20 -36.30 -2.19
CA ALA A 248 -2.04 -35.21 -1.71
C ALA A 248 -3.41 -35.24 -2.39
N LEU A 249 -3.43 -35.26 -3.71
CA LEU A 249 -4.67 -35.42 -4.44
C LEU A 249 -5.29 -36.78 -4.15
N ALA A 250 -6.60 -36.80 -3.93
CA ALA A 250 -7.30 -38.03 -3.59
C ALA A 250 -8.38 -38.33 -4.62
N ALA A 251 -8.85 -39.58 -4.61
CA ALA A 251 -9.84 -40.02 -5.57
C ALA A 251 -11.18 -39.33 -5.30
N ASP A 252 -12.16 -39.65 -6.15
CA ASP A 252 -13.49 -39.03 -6.13
C ASP A 252 -13.36 -37.53 -5.93
N GLY A 253 -12.82 -36.84 -6.93
CA GLY A 253 -12.27 -35.50 -6.75
C GLY A 253 -13.25 -34.41 -6.36
N ARG A 254 -14.46 -34.79 -5.94
CA ARG A 254 -15.38 -33.81 -5.38
C ARG A 254 -14.80 -33.25 -4.10
N SER A 255 -14.34 -32.01 -4.14
CA SER A 255 -13.71 -31.41 -2.97
C SER A 255 -14.75 -31.12 -1.89
N LYS A 256 -14.45 -31.55 -0.67
CA LYS A 256 -15.33 -31.35 0.47
C LYS A 256 -14.68 -30.35 1.42
N ALA A 257 -15.40 -29.28 1.73
CA ALA A 257 -14.90 -28.22 2.60
C ALA A 257 -15.59 -28.31 3.95
N PHE A 258 -14.79 -28.35 5.02
CA PHE A 258 -15.29 -28.41 6.38
C PHE A 258 -16.25 -29.58 6.57
N GLY A 259 -15.79 -30.77 6.20
CA GLY A 259 -16.62 -31.95 6.31
C GLY A 259 -15.91 -33.14 6.93
N ALA A 260 -15.95 -34.28 6.24
CA ALA A 260 -15.29 -35.49 6.69
C ALA A 260 -14.42 -36.09 5.59
N GLY A 261 -13.84 -35.25 4.74
CA GLY A 261 -13.00 -35.71 3.67
C GLY A 261 -11.74 -34.87 3.56
N ALA A 262 -10.77 -35.40 2.82
CA ALA A 262 -9.49 -34.70 2.64
C ALA A 262 -8.96 -35.06 1.26
N ASP A 263 -9.21 -34.17 0.29
CA ASP A 263 -8.72 -34.35 -1.07
C ASP A 263 -7.79 -33.24 -1.52
N GLY A 264 -8.20 -31.98 -1.38
CA GLY A 264 -7.41 -30.89 -1.92
C GLY A 264 -7.26 -30.97 -3.43
N PHE A 265 -8.37 -31.23 -4.13
CA PHE A 265 -8.30 -31.59 -5.53
C PHE A 265 -7.96 -30.37 -6.39
N GLY A 266 -6.97 -30.55 -7.27
CA GLY A 266 -6.51 -29.50 -8.17
C GLY A 266 -7.36 -29.40 -9.41
N PHE A 267 -8.52 -28.76 -9.28
CA PHE A 267 -9.47 -28.68 -10.38
C PHE A 267 -8.86 -27.93 -11.56
N SER A 268 -9.53 -28.07 -12.71
CA SER A 268 -9.05 -27.57 -13.98
C SER A 268 -9.28 -26.09 -14.19
N GLU A 269 -9.16 -25.68 -15.44
CA GLU A 269 -9.01 -24.30 -15.85
C GLU A 269 -10.26 -23.47 -15.55
N GLY A 270 -10.15 -22.18 -15.84
CA GLY A 270 -11.20 -21.20 -15.64
C GLY A 270 -10.65 -19.80 -15.83
N VAL A 271 -11.40 -18.92 -16.48
CA VAL A 271 -10.96 -17.56 -16.78
C VAL A 271 -11.97 -16.59 -16.22
N THR A 272 -11.49 -15.56 -15.52
CA THR A 272 -12.38 -14.59 -14.89
C THR A 272 -11.78 -13.20 -15.00
N LEU A 273 -12.64 -12.21 -15.24
CA LEU A 273 -12.23 -10.82 -15.36
C LEU A 273 -13.31 -9.90 -14.80
N VAL A 274 -12.88 -8.79 -14.20
CA VAL A 274 -13.77 -7.75 -13.70
C VAL A 274 -13.18 -6.39 -14.03
N LEU A 275 -14.06 -5.39 -14.07
CA LEU A 275 -13.71 -4.01 -14.40
C LEU A 275 -13.99 -3.11 -13.20
N LEU A 276 -12.99 -2.34 -12.80
CA LEU A 276 -13.09 -1.48 -11.62
C LEU A 276 -12.90 -0.02 -12.01
N GLU A 277 -13.67 0.86 -11.39
CA GLU A 277 -13.54 2.29 -11.61
C GLU A 277 -13.86 3.02 -10.32
N ARG A 278 -13.27 4.21 -10.16
CA ARG A 278 -13.54 5.02 -8.98
C ARG A 278 -15.02 5.38 -8.93
N LEU A 279 -15.58 5.35 -7.72
CA LEU A 279 -17.03 5.49 -7.57
C LEU A 279 -17.52 6.85 -8.06
N SER A 280 -16.80 7.91 -7.72
CA SER A 280 -17.24 9.25 -8.12
C SER A 280 -17.27 9.39 -9.63
N GLU A 281 -16.24 8.88 -10.31
CA GLU A 281 -16.23 8.95 -11.77
C GLU A 281 -17.35 8.14 -12.38
N ALA A 282 -17.64 6.97 -11.81
CA ALA A 282 -18.75 6.16 -12.31
C ALA A 282 -20.07 6.87 -12.16
N ARG A 283 -20.28 7.53 -11.01
CA ARG A 283 -21.51 8.30 -10.82
C ARG A 283 -21.59 9.47 -11.78
N ARG A 284 -20.47 10.15 -12.03
CA ARG A 284 -20.49 11.32 -12.89
C ARG A 284 -20.76 10.94 -14.34
N ASN A 285 -20.05 9.93 -14.85
CA ASN A 285 -20.23 9.53 -16.25
C ASN A 285 -21.61 8.92 -16.47
N GLY A 286 -22.09 8.11 -15.54
CA GLY A 286 -23.40 7.53 -15.67
C GLY A 286 -23.38 6.04 -15.96
N HIS A 287 -22.39 5.34 -15.44
CA HIS A 287 -22.30 3.90 -15.62
C HIS A 287 -23.19 3.19 -14.61
N GLU A 288 -23.05 1.88 -14.51
CA GLU A 288 -23.82 1.06 -13.59
C GLU A 288 -22.90 0.49 -12.53
N VAL A 289 -23.33 0.54 -11.27
CA VAL A 289 -22.53 0.09 -10.13
C VAL A 289 -23.18 -1.17 -9.56
N LEU A 290 -22.37 -2.20 -9.36
CA LEU A 290 -22.83 -3.47 -8.80
C LEU A 290 -22.43 -3.68 -7.36
N ALA A 291 -21.18 -3.37 -7.01
CA ALA A 291 -20.69 -3.56 -5.65
C ALA A 291 -19.51 -2.60 -5.44
N VAL A 292 -19.15 -2.43 -4.18
CA VAL A 292 -18.11 -1.47 -3.79
C VAL A 292 -17.01 -2.21 -3.04
N VAL A 293 -15.77 -1.91 -3.39
CA VAL A 293 -14.60 -2.40 -2.66
C VAL A 293 -14.03 -1.23 -1.86
N ARG A 294 -13.84 -1.44 -0.57
CA ARG A 294 -13.40 -0.37 0.32
C ARG A 294 -12.38 -0.87 1.33
N GLY A 295 -11.43 -1.67 0.88
CA GLY A 295 -10.33 -2.08 1.75
C GLY A 295 -9.78 -3.45 1.40
N SER A 296 -8.49 -3.61 1.60
CA SER A 296 -7.80 -4.86 1.33
C SER A 296 -6.53 -4.92 2.16
N ALA A 297 -6.01 -6.13 2.34
CA ALA A 297 -4.79 -6.31 3.11
C ALA A 297 -4.03 -7.53 2.62
N LEU A 298 -2.70 -7.44 2.65
CA LEU A 298 -1.80 -8.51 2.25
C LEU A 298 -0.73 -8.70 3.32
N ASN A 299 -0.28 -9.93 3.49
CA ASN A 299 0.83 -10.21 4.41
C ASN A 299 1.44 -11.56 4.06
N GLN A 300 2.45 -11.94 4.84
CA GLN A 300 3.21 -13.17 4.62
C GLN A 300 3.18 -14.02 5.88
N ASP A 301 3.17 -15.34 5.69
CA ASP A 301 3.15 -16.27 6.82
C ASP A 301 4.43 -16.22 7.63
N GLY A 302 5.52 -15.69 7.08
CA GLY A 302 6.75 -15.63 7.83
C GLY A 302 7.36 -17.01 8.03
N ALA A 303 8.10 -17.15 9.12
CA ALA A 303 8.79 -18.41 9.43
C ALA A 303 7.80 -19.36 10.09
N SER A 304 7.29 -20.29 9.30
CA SER A 304 6.36 -21.31 9.79
C SER A 304 7.11 -22.63 9.98
N ASN A 305 6.36 -23.69 10.30
CA ASN A 305 6.94 -25.01 10.49
C ASN A 305 7.16 -25.75 9.18
N GLY A 306 7.12 -25.06 8.05
CA GLY A 306 7.35 -25.68 6.77
C GLY A 306 7.14 -24.67 5.66
N LEU A 307 7.72 -25.00 4.50
CA LEU A 307 7.61 -24.10 3.36
C LEU A 307 6.14 -23.95 2.92
N SER A 308 5.40 -25.05 2.90
CA SER A 308 3.99 -25.03 2.52
C SER A 308 3.18 -25.48 3.73
N ALA A 309 2.84 -24.53 4.59
CA ALA A 309 2.06 -24.82 5.79
C ALA A 309 1.37 -23.55 6.27
N PRO A 310 0.06 -23.58 6.47
CA PRO A 310 -0.65 -22.38 6.91
C PRO A 310 -0.28 -22.01 8.34
N SER A 311 -0.43 -20.72 8.65
CA SER A 311 -0.18 -20.20 9.97
C SER A 311 -1.35 -19.34 10.40
N GLY A 312 -2.00 -19.73 11.50
CA GLY A 312 -3.16 -19.03 12.01
C GLY A 312 -2.92 -17.59 12.42
N PRO A 313 -1.84 -17.34 13.18
CA PRO A 313 -1.55 -15.96 13.59
C PRO A 313 -1.46 -14.98 12.42
N ALA A 314 -0.86 -15.40 11.30
CA ALA A 314 -0.79 -14.51 10.15
C ALA A 314 -2.18 -14.18 9.62
N GLN A 315 -3.06 -15.18 9.58
CA GLN A 315 -4.41 -14.94 9.10
C GLN A 315 -5.17 -13.98 10.03
N ARG A 316 -5.03 -14.17 11.34
CA ARG A 316 -5.65 -13.24 12.27
C ARG A 316 -5.11 -11.83 12.07
N ARG A 317 -3.80 -11.71 11.91
CA ARG A 317 -3.20 -10.38 11.73
C ARG A 317 -3.71 -9.71 10.47
N VAL A 318 -3.78 -10.45 9.36
CA VAL A 318 -4.21 -9.84 8.11
C VAL A 318 -5.69 -9.47 8.18
N ILE A 319 -6.50 -10.29 8.83
CA ILE A 319 -7.93 -9.96 8.96
C ILE A 319 -8.10 -8.68 9.77
N ARG A 320 -7.40 -8.58 10.90
CA ARG A 320 -7.51 -7.38 11.71
C ARG A 320 -6.97 -6.16 10.97
N GLN A 321 -5.90 -6.33 10.19
CA GLN A 321 -5.36 -5.23 9.42
C GLN A 321 -6.36 -4.74 8.37
N ALA A 322 -7.01 -5.67 7.67
CA ALA A 322 -8.01 -5.26 6.70
C ALA A 322 -9.17 -4.53 7.35
N LEU A 323 -9.63 -5.04 8.50
CA LEU A 323 -10.73 -4.38 9.20
C LEU A 323 -10.34 -2.97 9.63
N GLU A 324 -9.12 -2.81 10.14
CA GLU A 324 -8.66 -1.49 10.55
C GLU A 324 -8.56 -0.56 9.34
N SER A 325 -8.05 -1.06 8.23
CA SER A 325 -7.91 -0.22 7.04
C SER A 325 -9.27 0.25 6.54
N CYS A 326 -10.26 -0.63 6.54
CA CYS A 326 -11.60 -0.23 6.15
C CYS A 326 -12.23 0.75 7.13
N GLY A 327 -11.71 0.84 8.35
CA GLY A 327 -12.33 1.68 9.35
C GLY A 327 -13.62 1.15 9.92
N LEU A 328 -13.83 -0.16 9.86
CA LEU A 328 -15.07 -0.79 10.27
C LEU A 328 -14.85 -1.61 11.55
N GLU A 329 -15.90 -2.31 11.95
CA GLU A 329 -15.88 -3.17 13.12
C GLU A 329 -16.08 -4.63 12.73
N PRO A 330 -15.53 -5.57 13.48
CA PRO A 330 -15.67 -6.98 13.12
C PRO A 330 -17.11 -7.47 13.15
N GLY A 331 -18.00 -6.76 13.84
CA GLY A 331 -19.40 -7.14 13.90
C GLY A 331 -20.26 -6.62 12.76
N ASP A 332 -19.66 -6.00 11.75
CA ASP A 332 -20.40 -5.42 10.65
C ASP A 332 -20.37 -6.29 9.40
N VAL A 333 -19.89 -7.52 9.50
CA VAL A 333 -19.79 -8.43 8.38
C VAL A 333 -20.73 -9.61 8.63
N ASP A 334 -21.55 -9.94 7.63
CA ASP A 334 -22.58 -10.96 7.81
C ASP A 334 -22.23 -12.29 7.14
N ALA A 335 -21.42 -12.28 6.10
CA ALA A 335 -21.07 -13.51 5.40
C ALA A 335 -19.62 -13.43 4.95
N VAL A 336 -18.92 -14.56 5.04
CA VAL A 336 -17.51 -14.64 4.68
C VAL A 336 -17.31 -15.83 3.75
N GLU A 337 -16.62 -15.61 2.64
CA GLU A 337 -16.23 -16.67 1.73
C GLU A 337 -14.83 -17.13 2.07
N ALA A 338 -14.67 -18.42 2.33
CA ALA A 338 -13.43 -18.98 2.82
C ALA A 338 -12.63 -19.62 1.70
N HIS A 339 -11.31 -19.64 1.87
CA HIS A 339 -10.40 -20.36 0.99
C HIS A 339 -10.51 -21.84 1.31
N GLY A 340 -11.50 -22.49 0.71
CA GLY A 340 -11.87 -23.84 1.10
C GLY A 340 -10.77 -24.86 0.99
N THR A 341 -10.41 -25.25 -0.22
CA THR A 341 -9.32 -26.18 -0.49
C THR A 341 -9.35 -27.36 0.47
N GLY A 342 -10.41 -28.15 0.36
CA GLY A 342 -10.70 -29.17 1.36
C GLY A 342 -9.56 -30.16 1.58
N THR A 343 -8.89 -30.03 2.71
CA THR A 343 -7.81 -30.92 3.09
C THR A 343 -8.01 -31.39 4.52
N ALA A 344 -7.02 -32.07 5.09
CA ALA A 344 -7.12 -32.53 6.47
C ALA A 344 -6.52 -31.55 7.46
N LEU A 345 -5.87 -30.48 7.01
CA LEU A 345 -5.21 -29.58 7.94
C LEU A 345 -5.62 -28.12 7.75
N GLY A 346 -5.83 -27.68 6.50
CA GLY A 346 -6.14 -26.28 6.28
C GLY A 346 -7.48 -25.86 6.86
N ASP A 347 -8.49 -26.71 6.71
CA ASP A 347 -9.82 -26.36 7.18
C ASP A 347 -9.89 -26.13 8.69
N PRO A 348 -9.36 -27.00 9.55
CA PRO A 348 -9.40 -26.68 10.99
C PRO A 348 -8.68 -25.39 11.33
N ILE A 349 -7.55 -25.12 10.68
CA ILE A 349 -6.80 -23.90 10.96
C ILE A 349 -7.61 -22.67 10.58
N GLU A 350 -8.21 -22.70 9.39
CA GLU A 350 -9.03 -21.56 8.94
C GLU A 350 -10.23 -21.37 9.85
N ALA A 351 -10.89 -22.46 10.24
CA ALA A 351 -12.04 -22.35 11.11
C ALA A 351 -11.66 -21.76 12.47
N ASN A 352 -10.55 -22.22 13.05
CA ASN A 352 -10.11 -21.69 14.33
C ASN A 352 -9.76 -20.22 14.22
N ALA A 353 -9.06 -19.83 13.15
CA ALA A 353 -8.71 -18.42 12.97
C ALA A 353 -9.95 -17.55 12.84
N LEU A 354 -10.94 -18.01 12.06
CA LEU A 354 -12.16 -17.24 11.90
C LEU A 354 -12.91 -17.12 13.22
N LEU A 355 -12.99 -18.22 13.97
CA LEU A 355 -13.65 -18.17 15.28
C LEU A 355 -12.95 -17.21 16.21
N ASP A 356 -11.62 -17.16 16.16
CA ASP A 356 -10.88 -16.29 17.07
C ASP A 356 -11.04 -14.83 16.69
N THR A 357 -11.05 -14.51 15.39
CA THR A 357 -11.06 -13.10 15.02
C THR A 357 -12.47 -12.53 14.88
N TYR A 358 -13.38 -13.25 14.23
CA TYR A 358 -14.74 -12.75 14.03
C TYR A 358 -15.69 -13.17 15.13
N GLY A 359 -15.27 -14.07 16.02
CA GLY A 359 -16.13 -14.53 17.08
C GLY A 359 -16.17 -13.59 18.26
N ARG A 360 -16.08 -14.14 19.46
CA ARG A 360 -16.04 -13.36 20.70
C ARG A 360 -17.28 -12.46 20.82
N ASP A 361 -18.43 -13.13 20.96
CA ASP A 361 -19.72 -12.47 21.13
C ASP A 361 -20.02 -11.57 19.93
N ARG A 362 -20.20 -12.24 18.79
CA ARG A 362 -20.40 -11.55 17.51
C ARG A 362 -21.59 -10.60 17.60
N ASP A 363 -22.79 -11.14 17.72
CA ASP A 363 -23.96 -10.33 18.06
C ASP A 363 -24.63 -10.82 19.33
N ALA A 364 -25.03 -12.09 19.36
CA ALA A 364 -25.87 -12.75 20.36
C ALA A 364 -26.70 -13.81 19.66
N ASP A 365 -27.36 -13.41 18.58
CA ASP A 365 -28.21 -14.29 17.80
C ASP A 365 -27.83 -14.39 16.33
N ARG A 366 -27.31 -13.32 15.75
CA ARG A 366 -26.90 -13.36 14.36
C ARG A 366 -25.63 -14.18 14.22
N PRO A 367 -25.65 -15.27 13.46
CA PRO A 367 -24.42 -16.02 13.20
C PRO A 367 -23.73 -15.54 11.94
N LEU A 368 -22.43 -15.76 11.89
CA LEU A 368 -21.64 -15.41 10.71
C LEU A 368 -21.72 -16.56 9.72
N TRP A 369 -22.47 -16.38 8.64
CA TRP A 369 -22.61 -17.41 7.63
C TRP A 369 -21.28 -17.65 6.93
N LEU A 370 -20.98 -18.93 6.68
CA LEU A 370 -19.72 -19.32 6.07
C LEU A 370 -19.99 -20.22 4.87
N GLY A 371 -19.25 -20.00 3.79
CA GLY A 371 -19.41 -20.79 2.59
C GLY A 371 -18.12 -20.85 1.79
N SER A 372 -18.14 -21.66 0.74
CA SER A 372 -16.99 -21.81 -0.13
C SER A 372 -17.44 -22.21 -1.52
N VAL A 373 -16.99 -21.48 -2.54
CA VAL A 373 -17.33 -21.81 -3.92
C VAL A 373 -16.66 -23.11 -4.35
N LYS A 374 -15.41 -23.31 -3.91
CA LYS A 374 -14.64 -24.46 -4.38
C LYS A 374 -15.31 -25.79 -4.05
N SER A 375 -16.21 -25.82 -3.07
CA SER A 375 -16.95 -27.04 -2.79
C SER A 375 -17.92 -27.40 -3.91
N ASN A 376 -18.15 -26.49 -4.86
CA ASN A 376 -19.11 -26.71 -5.92
C ASN A 376 -18.52 -26.58 -7.31
N ILE A 377 -17.44 -25.83 -7.49
CA ILE A 377 -16.89 -25.59 -8.81
C ILE A 377 -15.45 -26.09 -8.95
N GLY A 378 -14.72 -26.28 -7.86
CA GLY A 378 -13.35 -26.74 -7.92
C GLY A 378 -12.35 -25.64 -7.60
N HIS A 379 -11.09 -26.05 -7.48
CA HIS A 379 -10.04 -25.13 -7.08
C HIS A 379 -9.81 -24.02 -8.11
N THR A 380 -9.83 -24.37 -9.40
CA THR A 380 -9.66 -23.43 -10.50
C THR A 380 -8.32 -22.71 -10.46
N GLN A 381 -7.34 -23.23 -9.73
CA GLN A 381 -5.93 -22.82 -9.81
C GLN A 381 -5.82 -21.33 -9.48
N ALA A 382 -5.19 -20.52 -10.32
CA ALA A 382 -4.84 -19.15 -9.94
C ALA A 382 -6.03 -18.21 -9.91
N ALA A 383 -7.05 -18.48 -10.74
CA ALA A 383 -8.22 -17.61 -10.80
C ALA A 383 -9.24 -17.91 -9.71
N ALA A 384 -8.84 -18.61 -8.65
CA ALA A 384 -9.79 -18.99 -7.62
C ALA A 384 -10.35 -17.77 -6.89
N GLY A 385 -9.46 -16.91 -6.39
CA GLY A 385 -9.90 -15.85 -5.49
C GLY A 385 -10.90 -14.91 -6.13
N VAL A 386 -10.60 -14.44 -7.34
CA VAL A 386 -11.52 -13.55 -8.03
C VAL A 386 -12.84 -14.27 -8.29
N THR A 387 -12.78 -15.58 -8.51
CA THR A 387 -14.00 -16.36 -8.69
C THR A 387 -14.91 -16.22 -7.48
N GLY A 388 -14.32 -16.17 -6.28
CA GLY A 388 -15.13 -15.95 -5.08
C GLY A 388 -15.93 -14.66 -5.17
N LEU A 389 -15.31 -13.60 -5.69
CA LEU A 389 -16.03 -12.36 -5.91
C LEU A 389 -17.28 -12.59 -6.75
N LEU A 390 -17.12 -13.37 -7.83
CA LEU A 390 -18.23 -13.63 -8.73
C LEU A 390 -19.41 -14.24 -7.99
N LYS A 391 -19.16 -14.91 -6.88
CA LYS A 391 -20.25 -15.39 -6.04
C LYS A 391 -20.86 -14.25 -5.25
N VAL A 392 -20.04 -13.55 -4.46
CA VAL A 392 -20.56 -12.63 -3.45
C VAL A 392 -21.44 -11.56 -4.08
N VAL A 393 -20.95 -10.95 -5.16
CA VAL A 393 -21.69 -9.86 -5.78
C VAL A 393 -23.07 -10.33 -6.21
N LEU A 394 -23.17 -11.56 -6.74
CA LEU A 394 -24.47 -12.05 -7.17
C LEU A 394 -25.41 -12.20 -5.99
N ALA A 395 -24.88 -12.61 -4.84
CA ALA A 395 -25.70 -12.68 -3.64
C ALA A 395 -26.30 -11.32 -3.31
N LEU A 396 -25.59 -10.24 -3.64
CA LEU A 396 -26.14 -8.92 -3.40
C LEU A 396 -27.23 -8.56 -4.40
N ARG A 397 -27.18 -9.13 -5.59
CA ARG A 397 -28.10 -8.77 -6.66
C ARG A 397 -29.30 -9.70 -6.76
N ASN A 398 -29.45 -10.64 -5.83
CA ASN A 398 -30.59 -11.54 -5.84
C ASN A 398 -31.21 -11.75 -4.47
N GLY A 399 -30.67 -11.15 -3.42
CA GLY A 399 -31.25 -11.30 -2.09
C GLY A 399 -31.26 -12.72 -1.59
N GLU A 400 -30.23 -13.49 -1.89
CA GLU A 400 -30.15 -14.88 -1.47
C GLU A 400 -28.69 -15.27 -1.35
N LEU A 401 -28.40 -16.16 -0.40
CA LEU A 401 -27.05 -16.66 -0.24
C LEU A 401 -26.94 -18.02 -0.90
N PRO A 402 -26.20 -18.15 -1.99
CA PRO A 402 -26.14 -19.44 -2.69
C PRO A 402 -25.31 -20.44 -1.92
N ALA A 403 -25.91 -21.03 -0.89
CA ALA A 403 -25.19 -21.93 0.01
C ALA A 403 -25.21 -23.34 -0.57
N THR A 404 -24.18 -23.66 -1.34
CA THR A 404 -24.06 -25.01 -1.88
C THR A 404 -23.49 -25.95 -0.83
N LEU A 405 -22.20 -25.80 -0.54
CA LEU A 405 -21.52 -26.49 0.56
C LEU A 405 -21.93 -27.96 0.65
N HIS A 406 -21.69 -28.72 -0.42
CA HIS A 406 -22.23 -30.07 -0.52
C HIS A 406 -21.60 -31.02 0.49
N VAL A 407 -21.85 -30.77 1.78
CA VAL A 407 -21.43 -31.68 2.84
C VAL A 407 -22.31 -31.42 4.04
N GLU A 408 -22.76 -32.50 4.67
CA GLU A 408 -23.69 -32.41 5.79
C GLU A 408 -22.96 -32.38 7.13
N GLU A 409 -22.21 -33.44 7.43
CA GLU A 409 -21.58 -33.57 8.73
C GLU A 409 -20.37 -32.65 8.81
N PRO A 410 -20.31 -31.74 9.78
CA PRO A 410 -19.16 -30.83 9.87
C PRO A 410 -17.93 -31.55 10.44
N THR A 411 -16.81 -30.87 10.34
CA THR A 411 -15.56 -31.41 10.86
C THR A 411 -15.61 -31.46 12.38
N PRO A 412 -15.35 -32.61 13.00
CA PRO A 412 -15.39 -32.69 14.46
C PRO A 412 -14.10 -32.24 15.15
N HIS A 413 -13.02 -32.04 14.40
CA HIS A 413 -11.78 -31.60 15.01
C HIS A 413 -11.92 -30.22 15.63
N VAL A 414 -12.61 -29.32 14.95
CA VAL A 414 -12.79 -27.96 15.40
C VAL A 414 -14.05 -27.88 16.26
N ASP A 415 -14.02 -27.01 17.27
CA ASP A 415 -15.18 -26.78 18.13
C ASP A 415 -16.21 -26.00 17.34
N TRP A 416 -17.00 -26.73 16.56
CA TRP A 416 -17.99 -26.10 15.70
C TRP A 416 -19.11 -25.45 16.50
N SER A 417 -19.51 -26.06 17.62
CA SER A 417 -20.56 -25.50 18.45
C SER A 417 -19.97 -24.45 19.37
N SER A 418 -20.79 -23.94 20.30
CA SER A 418 -20.37 -22.94 21.27
C SER A 418 -19.81 -21.69 20.57
N GLY A 419 -20.45 -21.31 19.48
CA GLY A 419 -20.00 -20.14 18.73
C GLY A 419 -21.11 -19.61 17.85
N GLY A 420 -20.87 -18.42 17.31
CA GLY A 420 -21.81 -17.77 16.43
C GLY A 420 -21.34 -17.76 15.00
N VAL A 421 -20.73 -18.86 14.56
CA VAL A 421 -20.32 -19.04 13.18
C VAL A 421 -21.01 -20.31 12.70
N ALA A 422 -22.07 -20.16 11.92
CA ALA A 422 -22.90 -21.27 11.49
C ALA A 422 -22.60 -21.62 10.04
N LEU A 423 -22.37 -22.89 9.78
CA LEU A 423 -22.14 -23.34 8.41
C LEU A 423 -23.41 -23.20 7.59
N LEU A 424 -23.25 -22.85 6.32
CA LEU A 424 -24.38 -22.59 5.43
C LEU A 424 -24.89 -23.92 4.86
N ALA A 425 -25.70 -24.60 5.67
CA ALA A 425 -26.19 -25.92 5.27
C ALA A 425 -27.19 -25.83 4.13
N GLY A 426 -28.16 -24.93 4.25
CA GLY A 426 -29.25 -24.87 3.27
C GLY A 426 -29.26 -23.62 2.42
N ASN A 427 -30.14 -22.68 2.74
CA ASN A 427 -30.22 -21.42 2.05
C ASN A 427 -30.81 -20.39 2.99
N GLN A 428 -30.33 -19.15 2.90
CA GLN A 428 -30.77 -18.10 3.80
C GLN A 428 -31.20 -16.88 2.99
N PRO A 429 -32.34 -16.26 3.32
CA PRO A 429 -32.71 -15.02 2.66
C PRO A 429 -31.69 -13.92 2.93
N TRP A 430 -31.52 -13.05 1.94
CA TRP A 430 -30.51 -11.99 1.97
C TRP A 430 -31.12 -10.69 1.48
N ARG A 431 -32.33 -10.39 1.94
CA ARG A 431 -33.09 -9.26 1.41
C ARG A 431 -32.47 -7.94 1.81
N ARG A 432 -32.78 -6.90 1.05
CA ARG A 432 -32.25 -5.57 1.28
C ARG A 432 -32.95 -4.94 2.48
N GLY A 433 -32.68 -3.65 2.72
CA GLY A 433 -33.31 -2.94 3.82
C GLY A 433 -32.31 -2.30 4.75
N GLU A 434 -32.59 -2.37 6.06
CA GLU A 434 -31.69 -1.80 7.04
C GLU A 434 -30.45 -2.68 7.20
N ARG A 435 -29.44 -2.12 7.86
CA ARG A 435 -28.18 -2.83 8.12
C ARG A 435 -27.52 -3.24 6.80
N THR A 436 -27.06 -2.22 6.08
CA THR A 436 -26.41 -2.38 4.77
C THR A 436 -25.52 -3.61 4.73
N ARG A 437 -25.72 -4.43 3.71
CA ARG A 437 -25.05 -5.72 3.61
C ARG A 437 -23.56 -5.55 3.33
N ARG A 438 -22.76 -6.44 3.91
CA ARG A 438 -21.32 -6.46 3.69
C ARG A 438 -20.86 -7.91 3.64
N ALA A 439 -19.70 -8.12 3.02
CA ALA A 439 -19.15 -9.46 2.90
C ALA A 439 -17.63 -9.37 2.82
N ALA A 440 -16.98 -10.52 3.01
CA ALA A 440 -15.53 -10.58 2.98
C ALA A 440 -15.07 -11.82 2.25
N VAL A 441 -13.91 -11.71 1.60
CA VAL A 441 -13.27 -12.84 0.93
C VAL A 441 -11.81 -12.90 1.35
N SER A 442 -11.24 -14.09 1.27
CA SER A 442 -9.88 -14.33 1.72
C SER A 442 -9.21 -15.33 0.80
N ALA A 443 -7.88 -15.26 0.75
CA ALA A 443 -7.10 -16.18 -0.07
C ALA A 443 -5.75 -16.44 0.59
N PHE A 444 -5.31 -17.69 0.53
CA PHE A 444 -4.03 -18.10 1.11
C PHE A 444 -3.28 -18.93 0.08
N GLY A 445 -2.12 -18.45 -0.36
CA GLY A 445 -1.37 -19.12 -1.39
C GLY A 445 -0.40 -20.16 -0.85
N ILE A 446 0.17 -20.93 -1.77
CA ILE A 446 1.14 -21.96 -1.40
C ILE A 446 2.44 -21.35 -0.92
N SER A 447 2.90 -20.30 -1.61
CA SER A 447 4.18 -19.67 -1.24
C SER A 447 4.14 -19.10 0.16
N GLY A 448 2.98 -18.67 0.62
CA GLY A 448 2.86 -18.15 1.97
C GLY A 448 2.36 -16.72 2.05
N THR A 449 1.68 -16.26 1.00
CA THR A 449 1.13 -14.93 0.95
C THR A 449 -0.38 -14.98 1.16
N ASN A 450 -0.88 -14.15 2.07
CA ASN A 450 -2.29 -14.15 2.44
C ASN A 450 -2.90 -12.80 2.12
N ALA A 451 -4.16 -12.83 1.65
CA ALA A 451 -4.88 -11.62 1.25
C ALA A 451 -6.30 -11.67 1.79
N HIS A 452 -6.82 -10.49 2.16
CA HIS A 452 -8.18 -10.34 2.65
C HIS A 452 -8.81 -9.10 2.03
N VAL A 453 -10.10 -9.20 1.69
CA VAL A 453 -10.81 -8.12 1.00
C VAL A 453 -12.22 -8.01 1.55
N ILE A 454 -12.70 -6.77 1.70
CA ILE A 454 -14.05 -6.48 2.19
C ILE A 454 -14.83 -5.79 1.10
N VAL A 455 -16.06 -6.25 0.84
CA VAL A 455 -16.93 -5.68 -0.17
C VAL A 455 -18.26 -5.28 0.45
N GLU A 456 -18.92 -4.32 -0.19
CA GLU A 456 -20.12 -3.70 0.35
C GLU A 456 -21.14 -3.50 -0.76
N GLU A 457 -22.41 -3.47 -0.36
CA GLU A 457 -23.50 -3.31 -1.31
C GLU A 457 -23.53 -1.89 -1.88
N ALA A 458 -24.00 -1.79 -3.12
CA ALA A 458 -24.03 -0.53 -3.84
C ALA A 458 -25.18 0.35 -3.36
N PRO A 459 -25.01 1.68 -3.42
CA PRO A 459 -26.11 2.57 -3.05
C PRO A 459 -27.28 2.42 -4.02
N GLU A 460 -28.48 2.67 -3.50
CA GLU A 460 -29.70 2.48 -4.26
C GLU A 460 -30.07 3.78 -4.98
N ARG A 461 -30.10 3.72 -6.31
CA ARG A 461 -30.59 4.84 -7.11
C ARG A 461 -31.20 4.26 -8.39
N GLU A 462 -32.52 4.03 -8.35
CA GLU A 462 -33.24 3.41 -9.47
C GLU A 462 -34.65 3.98 -9.49
N HIS A 463 -34.84 5.03 -10.30
CA HIS A 463 -36.17 5.60 -10.51
C HIS A 463 -36.62 5.47 -11.96
N ARG A 464 -35.87 6.02 -12.90
CA ARG A 464 -36.14 5.93 -14.33
C ARG A 464 -37.50 6.48 -14.72
N GLU A 465 -37.87 6.35 -16.00
CA GLU A 465 -39.14 6.82 -16.51
C GLU A 465 -39.62 5.87 -17.60
N THR A 466 -40.83 6.12 -18.08
CA THR A 466 -41.44 5.33 -19.14
C THR A 466 -41.90 6.25 -20.25
N THR A 467 -41.60 5.89 -21.49
CA THR A 467 -41.91 6.72 -22.65
C THR A 467 -42.23 5.79 -23.82
N ALA A 468 -42.18 6.34 -25.04
CA ALA A 468 -42.38 5.61 -26.28
C ALA A 468 -43.80 5.10 -26.44
N HIS A 469 -43.96 3.98 -27.14
CA HIS A 469 -45.23 3.32 -27.47
C HIS A 469 -46.06 4.11 -28.47
N ASP A 470 -45.61 5.27 -28.94
CA ASP A 470 -46.31 6.00 -29.98
C ASP A 470 -45.87 5.46 -31.34
N GLY A 471 -46.31 6.12 -32.42
CA GLY A 471 -45.88 5.70 -33.74
C GLY A 471 -44.38 5.85 -33.91
N ARG A 472 -43.92 7.11 -34.01
CA ARG A 472 -42.52 7.51 -33.86
C ARG A 472 -41.56 6.51 -34.47
N PRO A 473 -41.47 6.43 -35.80
CA PRO A 473 -40.63 5.41 -36.43
C PRO A 473 -39.20 5.45 -35.90
N VAL A 474 -38.68 4.29 -35.56
CA VAL A 474 -37.41 4.14 -34.85
C VAL A 474 -36.43 3.40 -35.75
N PRO A 475 -35.25 3.95 -36.00
CA PRO A 475 -34.23 3.20 -36.74
C PRO A 475 -33.70 2.04 -35.91
N LEU A 476 -33.32 0.98 -36.60
CA LEU A 476 -32.81 -0.25 -35.99
C LEU A 476 -31.57 -0.74 -36.70
N VAL A 477 -30.59 0.15 -36.87
CA VAL A 477 -29.33 -0.18 -37.51
C VAL A 477 -28.77 -1.47 -36.92
N VAL A 478 -28.19 -2.31 -37.79
CA VAL A 478 -27.89 -3.69 -37.42
C VAL A 478 -26.97 -3.71 -36.20
N SER A 479 -27.02 -4.83 -35.48
CA SER A 479 -26.11 -5.02 -34.35
C SER A 479 -24.70 -5.26 -34.84
N ALA A 480 -24.14 -4.28 -35.56
CA ALA A 480 -22.74 -4.24 -35.94
C ALA A 480 -22.36 -5.45 -36.81
N ARG A 481 -22.90 -5.47 -38.02
CA ARG A 481 -22.35 -6.34 -39.04
C ARG A 481 -20.90 -5.96 -39.26
N THR A 482 -19.99 -6.89 -38.95
CA THR A 482 -18.60 -6.49 -38.78
C THR A 482 -17.60 -7.30 -39.59
N THR A 483 -16.31 -7.11 -39.27
CA THR A 483 -15.21 -7.72 -40.01
C THR A 483 -15.28 -9.23 -39.99
N ALA A 484 -16.25 -9.77 -39.27
CA ALA A 484 -16.39 -11.21 -39.14
C ALA A 484 -16.88 -11.82 -40.45
N ALA A 485 -15.92 -12.27 -41.26
CA ALA A 485 -16.13 -13.13 -42.43
C ALA A 485 -17.05 -12.54 -43.48
N LEU A 486 -17.48 -11.27 -43.33
CA LEU A 486 -18.27 -10.58 -44.33
C LEU A 486 -19.63 -11.24 -44.55
N ARG A 487 -19.94 -12.24 -43.74
N ARG A 487 -19.94 -12.23 -43.73
CA ARG A 487 -21.14 -13.05 -43.91
CA ARG A 487 -21.12 -13.08 -43.92
C ARG A 487 -21.29 -13.89 -42.64
C ARG A 487 -21.29 -13.89 -42.65
N ALA A 488 -22.17 -14.90 -42.70
CA ALA A 488 -22.26 -15.92 -41.66
C ALA A 488 -22.66 -15.34 -40.30
N GLN A 489 -21.80 -14.50 -39.74
CA GLN A 489 -22.08 -13.89 -38.46
C GLN A 489 -23.36 -13.06 -38.47
N ALA A 490 -23.77 -12.56 -39.64
CA ALA A 490 -25.06 -11.89 -39.75
C ALA A 490 -26.15 -12.76 -39.16
N ALA A 491 -26.05 -14.07 -39.41
CA ALA A 491 -26.93 -15.07 -38.81
C ALA A 491 -27.23 -14.76 -37.35
N GLN A 492 -26.18 -14.68 -36.51
CA GLN A 492 -26.46 -14.50 -35.09
C GLN A 492 -27.18 -13.18 -34.86
N ILE A 493 -26.75 -12.12 -35.54
CA ILE A 493 -27.40 -10.83 -35.37
C ILE A 493 -28.85 -10.92 -35.81
N ALA A 494 -29.13 -11.72 -36.83
CA ALA A 494 -30.52 -11.93 -37.22
C ALA A 494 -31.30 -12.61 -36.09
N GLU A 495 -30.70 -13.60 -35.44
CA GLU A 495 -31.41 -14.37 -34.45
C GLU A 495 -31.20 -13.87 -33.02
N LEU A 496 -30.12 -13.13 -32.76
CA LEU A 496 -29.93 -12.58 -31.42
C LEU A 496 -30.99 -11.54 -31.09
N LEU A 497 -31.65 -10.97 -32.09
CA LEU A 497 -32.72 -10.00 -31.87
C LEU A 497 -34.06 -10.72 -31.99
N GLU A 498 -34.40 -11.43 -30.92
CA GLU A 498 -35.70 -12.09 -30.77
C GLU A 498 -36.36 -11.51 -29.54
N ARG A 499 -37.46 -10.79 -29.73
CA ARG A 499 -38.07 -10.04 -28.64
C ARG A 499 -39.35 -10.72 -28.19
N PRO A 500 -39.39 -11.34 -27.01
CA PRO A 500 -40.65 -11.88 -26.49
C PRO A 500 -41.63 -10.78 -26.10
N ASP A 501 -41.16 -9.82 -25.30
CA ASP A 501 -42.00 -8.69 -24.89
C ASP A 501 -41.06 -7.53 -24.50
N ALA A 502 -40.87 -6.60 -25.42
CA ALA A 502 -40.03 -5.43 -25.21
C ALA A 502 -40.31 -4.45 -26.33
N ASP A 503 -39.60 -3.32 -26.31
CA ASP A 503 -39.76 -2.29 -27.33
C ASP A 503 -38.50 -1.44 -27.38
N LEU A 504 -38.39 -0.68 -28.46
CA LEU A 504 -37.26 0.23 -28.68
C LEU A 504 -35.95 -0.53 -28.72
N ALA A 505 -35.25 -0.60 -27.59
CA ALA A 505 -33.95 -1.28 -27.49
C ALA A 505 -32.97 -0.72 -28.50
N GLY A 506 -32.65 0.55 -28.33
CA GLY A 506 -31.73 1.23 -29.22
C GLY A 506 -30.34 0.63 -29.19
N VAL A 507 -29.98 -0.07 -30.28
CA VAL A 507 -28.72 -0.79 -30.38
C VAL A 507 -27.65 0.12 -30.97
N GLY A 508 -28.02 0.90 -31.99
CA GLY A 508 -27.11 1.81 -32.63
C GLY A 508 -26.80 3.02 -31.77
N LEU A 509 -27.49 3.14 -30.66
CA LEU A 509 -27.25 4.21 -29.70
C LEU A 509 -25.84 4.10 -29.13
N GLY A 510 -25.45 5.04 -28.27
CA GLY A 510 -24.15 4.99 -27.62
C GLY A 510 -23.86 3.68 -26.91
N LEU A 511 -24.88 2.81 -26.83
CA LEU A 511 -24.77 1.49 -26.25
C LEU A 511 -23.51 0.78 -26.75
N ALA A 512 -22.92 -0.02 -25.87
CA ALA A 512 -21.62 -0.64 -26.10
C ALA A 512 -21.60 -1.51 -27.35
N THR A 513 -22.76 -2.02 -27.77
CA THR A 513 -22.79 -2.95 -28.89
C THR A 513 -22.30 -2.30 -30.17
N THR A 514 -22.24 -0.96 -30.20
CA THR A 514 -21.88 -0.20 -31.39
C THR A 514 -20.81 -0.88 -32.23
N ARG A 515 -19.65 -1.14 -31.63
CA ARG A 515 -18.57 -1.87 -32.28
C ARG A 515 -18.17 -1.19 -33.60
N ALA A 516 -18.64 0.04 -33.81
CA ALA A 516 -18.40 0.86 -34.99
C ALA A 516 -18.92 0.22 -36.27
N ARG A 517 -19.68 -0.88 -36.15
CA ARG A 517 -20.12 -1.64 -37.30
C ARG A 517 -18.96 -1.80 -38.28
N HIS A 518 -17.90 -2.46 -37.82
CA HIS A 518 -16.55 -2.36 -38.37
C HIS A 518 -16.50 -2.19 -39.89
N GLU A 519 -17.02 -3.14 -40.62
CA GLU A 519 -17.00 -2.92 -42.06
C GLU A 519 -18.36 -3.12 -42.72
N HIS A 520 -19.14 -4.10 -42.27
CA HIS A 520 -20.23 -4.62 -43.08
C HIS A 520 -21.45 -3.71 -43.05
N ARG A 521 -22.06 -3.54 -41.87
CA ARG A 521 -23.20 -2.66 -41.67
C ARG A 521 -24.45 -3.15 -42.39
N ALA A 522 -25.61 -2.72 -41.89
CA ALA A 522 -26.92 -3.04 -42.43
C ALA A 522 -27.92 -2.22 -41.61
N ALA A 523 -29.16 -2.15 -42.08
CA ALA A 523 -30.14 -1.32 -41.39
C ALA A 523 -31.55 -1.81 -41.67
N VAL A 524 -32.46 -1.41 -40.78
CA VAL A 524 -33.89 -1.64 -40.96
C VAL A 524 -34.64 -0.55 -40.20
N VAL A 525 -35.75 -0.09 -40.77
CA VAL A 525 -36.55 0.98 -40.19
C VAL A 525 -38.00 0.53 -40.16
N ALA A 526 -38.58 0.48 -38.97
CA ALA A 526 -39.97 0.07 -38.81
C ALA A 526 -40.41 0.46 -37.41
N SER A 527 -41.70 0.28 -37.14
CA SER A 527 -42.25 0.52 -35.82
C SER A 527 -43.26 -0.52 -35.37
N THR A 528 -43.47 -1.59 -36.14
CA THR A 528 -44.50 -2.59 -35.84
C THR A 528 -43.94 -3.79 -35.10
N ARG A 529 -43.02 -4.52 -35.72
CA ARG A 529 -42.58 -5.81 -35.21
C ARG A 529 -41.10 -5.98 -35.54
N GLU A 530 -40.63 -7.23 -35.45
CA GLU A 530 -39.20 -7.49 -35.65
C GLU A 530 -38.81 -7.36 -37.12
N GLU A 531 -39.35 -8.24 -37.96
CA GLU A 531 -39.06 -8.31 -39.39
C GLU A 531 -37.59 -8.55 -39.69
N ALA A 532 -36.77 -8.81 -38.68
CA ALA A 532 -35.36 -9.10 -38.90
C ALA A 532 -35.14 -10.55 -39.33
N VAL A 533 -35.93 -11.48 -38.82
CA VAL A 533 -35.90 -12.87 -39.28
C VAL A 533 -36.30 -12.98 -40.74
N ARG A 534 -36.79 -11.89 -41.32
CA ARG A 534 -37.11 -11.80 -42.74
C ARG A 534 -35.82 -11.57 -43.52
N GLY A 535 -35.94 -11.12 -44.77
CA GLY A 535 -34.84 -11.07 -45.72
C GLY A 535 -33.46 -10.75 -45.16
N LEU A 536 -33.40 -9.83 -44.19
CA LEU A 536 -32.12 -9.52 -43.56
C LEU A 536 -31.50 -10.77 -42.93
N ARG A 537 -32.33 -11.65 -42.37
CA ARG A 537 -31.81 -12.90 -41.82
C ARG A 537 -31.15 -13.73 -42.91
N GLU A 538 -31.84 -13.93 -44.02
CA GLU A 538 -31.31 -14.75 -45.10
C GLU A 538 -30.39 -13.96 -46.01
N ILE A 539 -30.07 -12.71 -45.66
CA ILE A 539 -29.12 -11.92 -46.44
C ILE A 539 -27.75 -12.59 -46.48
N ALA A 540 -27.43 -13.42 -45.49
CA ALA A 540 -26.20 -14.20 -45.54
C ALA A 540 -26.22 -15.22 -46.65
N ALA A 541 -27.42 -15.58 -47.15
CA ALA A 541 -27.53 -16.52 -48.27
C ALA A 541 -28.64 -16.12 -49.24
N GLY A 542 -29.09 -14.87 -49.22
CA GLY A 542 -30.15 -14.44 -50.11
C GLY A 542 -30.26 -12.93 -50.23
N ALA A 543 -31.46 -12.44 -50.52
CA ALA A 543 -31.71 -11.02 -50.75
C ALA A 543 -32.81 -10.52 -49.83
N ALA A 544 -33.11 -9.23 -49.94
CA ALA A 544 -34.11 -8.59 -49.10
C ALA A 544 -35.18 -7.93 -49.97
N THR A 545 -36.13 -7.24 -49.33
CA THR A 545 -37.25 -6.62 -50.03
C THR A 545 -37.20 -5.10 -49.98
N ALA A 546 -37.12 -4.52 -48.77
CA ALA A 546 -37.09 -3.07 -48.62
C ALA A 546 -36.16 -2.67 -47.48
N ASP A 547 -34.97 -3.30 -47.42
CA ASP A 547 -34.01 -3.03 -46.36
C ASP A 547 -32.65 -2.75 -46.96
N ALA A 548 -31.98 -1.73 -46.42
CA ALA A 548 -30.68 -1.34 -46.93
C ALA A 548 -29.62 -2.33 -46.50
N VAL A 549 -28.85 -2.83 -47.46
CA VAL A 549 -27.73 -3.73 -47.22
C VAL A 549 -26.50 -3.12 -47.86
N VAL A 550 -25.40 -3.06 -47.11
CA VAL A 550 -24.21 -2.35 -47.53
C VAL A 550 -22.99 -3.23 -47.35
N GLU A 551 -22.00 -3.04 -48.22
CA GLU A 551 -20.74 -3.76 -48.20
C GLU A 551 -19.61 -2.76 -47.97
N GLY A 552 -19.80 -1.88 -46.99
CA GLY A 552 -18.82 -0.84 -46.74
C GLY A 552 -17.46 -1.41 -46.38
N VAL A 553 -16.43 -0.60 -46.62
CA VAL A 553 -15.06 -1.02 -46.38
C VAL A 553 -14.40 0.02 -45.47
N THR A 554 -15.21 0.94 -44.95
CA THR A 554 -14.76 2.10 -44.16
C THR A 554 -13.43 2.64 -44.69
N GLU A 555 -13.43 2.96 -45.99
CA GLU A 555 -12.26 3.52 -46.64
C GLU A 555 -11.73 4.72 -45.85
N VAL A 556 -12.64 5.65 -45.54
CA VAL A 556 -12.38 6.71 -44.57
C VAL A 556 -13.60 6.79 -43.67
N ASP A 557 -13.38 6.70 -42.36
CA ASP A 557 -14.51 6.67 -41.43
C ASP A 557 -15.31 7.96 -41.51
N GLY A 558 -14.64 9.10 -41.60
CA GLY A 558 -15.33 10.36 -41.78
C GLY A 558 -15.15 10.93 -43.17
N ARG A 559 -16.18 10.79 -44.01
CA ARG A 559 -16.11 11.28 -45.38
C ARG A 559 -16.33 12.78 -45.44
N ASN A 560 -15.72 13.41 -46.44
CA ASN A 560 -16.09 14.78 -46.77
C ASN A 560 -17.53 14.81 -47.26
N VAL A 561 -18.15 15.98 -47.19
CA VAL A 561 -19.58 16.11 -47.48
C VAL A 561 -19.80 17.27 -48.44
N VAL A 562 -20.59 17.03 -49.49
CA VAL A 562 -21.04 18.09 -50.39
C VAL A 562 -22.52 17.92 -50.66
N PHE A 563 -23.18 19.04 -50.97
CA PHE A 563 -24.60 19.05 -51.26
C PHE A 563 -24.83 19.56 -52.68
N LEU A 564 -25.95 19.18 -53.25
CA LEU A 564 -26.41 19.74 -54.51
C LEU A 564 -27.68 20.56 -54.27
N PHE A 565 -27.88 21.56 -55.10
CA PHE A 565 -29.09 22.35 -54.97
C PHE A 565 -29.72 22.76 -56.29
N PRO A 566 -29.85 21.89 -57.30
CA PRO A 566 -30.64 22.27 -58.48
C PRO A 566 -32.06 21.75 -58.39
N GLY A 567 -33.03 22.64 -58.61
CA GLY A 567 -34.41 22.23 -58.73
C GLY A 567 -34.98 22.48 -60.12
N GLN A 568 -36.03 23.29 -60.19
CA GLN A 568 -36.68 23.68 -61.44
C GLN A 568 -37.14 22.44 -62.22
N GLY A 569 -38.13 21.76 -61.65
CA GLY A 569 -38.63 20.55 -62.25
C GLY A 569 -39.10 19.51 -61.24
N SER A 570 -38.86 19.77 -59.96
CA SER A 570 -39.40 18.89 -58.92
C SER A 570 -40.92 18.91 -58.98
N GLN A 571 -41.51 20.06 -58.67
CA GLN A 571 -42.93 20.34 -58.85
C GLN A 571 -43.80 19.18 -58.38
N TRP A 572 -43.56 18.77 -57.14
CA TRP A 572 -44.38 17.74 -56.54
C TRP A 572 -45.73 18.35 -56.13
N ALA A 573 -46.63 17.51 -55.60
CA ALA A 573 -47.99 17.92 -55.30
C ALA A 573 -48.17 18.40 -53.87
N GLY A 574 -47.14 18.98 -53.28
CA GLY A 574 -47.15 19.34 -51.87
C GLY A 574 -46.02 18.64 -51.16
N MET A 575 -45.05 19.41 -50.66
CA MET A 575 -43.77 18.82 -50.29
C MET A 575 -43.90 18.12 -48.94
N GLY A 576 -44.89 17.23 -48.82
CA GLY A 576 -45.11 16.56 -47.56
C GLY A 576 -45.63 17.49 -46.47
N ALA A 577 -46.40 16.93 -45.54
CA ALA A 577 -46.88 17.69 -44.39
C ALA A 577 -46.71 16.96 -43.07
N GLU A 578 -46.60 15.63 -43.08
CA GLU A 578 -46.43 14.89 -41.83
C GLU A 578 -45.11 15.23 -41.17
N LEU A 579 -44.05 15.40 -41.96
CA LEU A 579 -42.78 15.83 -41.38
C LEU A 579 -42.86 17.26 -40.87
N LEU A 580 -43.72 18.08 -41.46
CA LEU A 580 -43.92 19.43 -40.95
C LEU A 580 -44.51 19.39 -39.55
N SER A 581 -45.46 18.49 -39.31
CA SER A 581 -46.06 18.36 -37.99
C SER A 581 -45.16 17.64 -37.00
N SER A 582 -44.36 16.69 -37.46
CA SER A 582 -43.56 15.86 -36.57
C SER A 582 -42.20 16.48 -36.28
N SER A 583 -41.41 16.71 -37.30
CA SER A 583 -40.07 17.26 -37.11
C SER A 583 -40.15 18.71 -36.69
N PRO A 584 -39.55 19.10 -35.57
CA PRO A 584 -39.69 20.48 -35.10
C PRO A 584 -38.78 21.46 -35.82
N VAL A 585 -37.58 21.03 -36.19
CA VAL A 585 -36.63 21.94 -36.84
C VAL A 585 -37.12 22.33 -38.22
N PHE A 586 -37.72 21.38 -38.95
CA PHE A 586 -38.26 21.68 -40.27
C PHE A 586 -39.36 22.73 -40.17
N ALA A 587 -40.29 22.54 -39.22
CA ALA A 587 -41.36 23.51 -39.04
C ALA A 587 -40.82 24.87 -38.61
N GLY A 588 -39.80 24.87 -37.73
CA GLY A 588 -39.23 26.13 -37.29
C GLY A 588 -38.61 26.91 -38.43
N LYS A 589 -37.83 26.21 -39.28
CA LYS A 589 -37.22 26.89 -40.42
C LYS A 589 -38.29 27.37 -41.40
N ILE A 590 -39.33 26.56 -41.62
CA ILE A 590 -40.40 26.98 -42.53
C ILE A 590 -41.07 28.23 -42.00
N ARG A 591 -41.37 28.26 -40.71
CA ARG A 591 -42.01 29.44 -40.11
C ARG A 591 -41.10 30.65 -40.18
N ALA A 592 -39.80 30.47 -39.93
CA ALA A 592 -38.88 31.59 -40.02
C ALA A 592 -38.82 32.17 -41.43
N CYS A 593 -38.76 31.29 -42.44
CA CYS A 593 -38.76 31.75 -43.82
C CYS A 593 -40.06 32.47 -44.15
N ASP A 594 -41.19 31.93 -43.68
CA ASP A 594 -42.47 32.59 -43.93
C ASP A 594 -42.53 33.97 -43.30
N GLU A 595 -42.02 34.10 -42.08
CA GLU A 595 -41.96 35.41 -41.43
C GLU A 595 -41.06 36.37 -42.19
N SER A 596 -39.92 35.88 -42.68
CA SER A 596 -39.01 36.73 -43.43
C SER A 596 -39.65 37.22 -44.73
N MET A 597 -40.39 36.36 -45.42
CA MET A 597 -41.01 36.74 -46.68
C MET A 597 -42.35 37.43 -46.50
N ALA A 598 -42.91 37.43 -45.29
CA ALA A 598 -44.22 38.04 -45.06
C ALA A 598 -44.31 39.52 -45.42
N PRO A 599 -43.40 40.40 -44.99
CA PRO A 599 -43.64 41.84 -45.16
C PRO A 599 -43.45 42.35 -46.58
N MET A 600 -43.35 41.48 -47.59
CA MET A 600 -43.21 41.99 -48.95
C MET A 600 -44.26 41.36 -49.86
N GLN A 601 -44.62 40.09 -49.61
CA GLN A 601 -45.67 39.43 -50.35
C GLN A 601 -46.70 38.85 -49.38
N ASP A 602 -47.92 38.68 -49.88
CA ASP A 602 -49.01 38.26 -49.01
C ASP A 602 -49.05 36.75 -48.80
N TRP A 603 -48.53 35.97 -49.74
CA TRP A 603 -48.66 34.52 -49.66
C TRP A 603 -47.80 33.95 -48.54
N LYS A 604 -48.31 32.91 -47.90
CA LYS A 604 -47.59 32.17 -46.86
C LYS A 604 -47.23 30.79 -47.39
N VAL A 605 -45.96 30.42 -47.27
CA VAL A 605 -45.49 29.15 -47.80
C VAL A 605 -46.12 27.98 -47.05
N SER A 606 -46.34 28.14 -45.74
CA SER A 606 -46.92 27.07 -44.96
C SER A 606 -48.33 26.74 -45.43
N ASP A 607 -49.12 27.75 -45.75
CA ASP A 607 -50.48 27.52 -46.21
C ASP A 607 -50.50 26.75 -47.52
N VAL A 608 -49.62 27.13 -48.46
CA VAL A 608 -49.55 26.42 -49.72
C VAL A 608 -49.09 24.99 -49.50
N LEU A 609 -48.12 24.81 -48.60
CA LEU A 609 -47.57 23.48 -48.34
C LEU A 609 -48.65 22.55 -47.77
N ARG A 610 -49.47 23.07 -46.84
CA ARG A 610 -50.50 22.26 -46.22
C ARG A 610 -51.67 21.98 -47.15
N GLN A 611 -51.72 22.63 -48.31
CA GLN A 611 -52.83 22.49 -49.25
C GLN A 611 -54.16 22.87 -48.58
N ALA A 612 -54.12 23.88 -47.73
CA ALA A 612 -55.31 24.38 -47.09
C ALA A 612 -56.20 25.09 -48.12
N PRO A 613 -57.51 25.15 -47.87
CA PRO A 613 -58.40 25.85 -48.80
C PRO A 613 -58.01 27.31 -48.93
N GLY A 614 -58.14 27.83 -50.15
CA GLY A 614 -57.73 29.19 -50.45
C GLY A 614 -56.29 29.33 -50.89
N ALA A 615 -55.50 28.26 -50.82
CA ALA A 615 -54.12 28.33 -51.27
C ALA A 615 -54.06 28.41 -52.80
N PRO A 616 -53.07 29.12 -53.34
CA PRO A 616 -52.95 29.21 -54.79
C PRO A 616 -52.46 27.89 -55.39
N GLY A 617 -52.80 27.68 -56.66
CA GLY A 617 -52.35 26.50 -57.35
C GLY A 617 -50.88 26.56 -57.70
N LEU A 618 -50.30 25.38 -57.94
CA LEU A 618 -48.89 25.27 -58.30
C LEU A 618 -48.68 25.46 -59.79
N ASP A 619 -49.20 26.56 -60.33
CA ASP A 619 -49.07 26.90 -61.74
C ASP A 619 -48.29 28.18 -61.95
N ARG A 620 -48.68 29.26 -61.27
CA ARG A 620 -47.95 30.52 -61.38
C ARG A 620 -46.54 30.36 -60.83
N VAL A 621 -45.56 30.87 -61.56
CA VAL A 621 -44.17 30.75 -61.13
C VAL A 621 -43.94 31.53 -59.84
N ASP A 622 -44.62 32.68 -59.69
CA ASP A 622 -44.45 33.52 -58.50
C ASP A 622 -44.67 32.75 -57.20
N VAL A 623 -45.36 31.62 -57.25
CA VAL A 623 -45.53 30.76 -56.10
C VAL A 623 -44.58 29.56 -56.15
N VAL A 624 -44.38 29.00 -57.35
CA VAL A 624 -43.62 27.76 -57.46
C VAL A 624 -42.16 27.98 -57.08
N GLN A 625 -41.54 29.01 -57.65
CA GLN A 625 -40.11 29.23 -57.40
C GLN A 625 -39.80 29.52 -55.93
N PRO A 626 -40.50 30.41 -55.23
CA PRO A 626 -40.14 30.64 -53.82
C PRO A 626 -40.37 29.43 -52.94
N VAL A 627 -41.53 28.76 -53.10
CA VAL A 627 -41.88 27.66 -52.21
C VAL A 627 -40.80 26.60 -52.20
N LEU A 628 -40.37 26.18 -53.40
CA LEU A 628 -39.30 25.20 -53.50
C LEU A 628 -38.08 25.65 -52.72
N PHE A 629 -37.69 26.92 -52.90
CA PHE A 629 -36.58 27.46 -52.11
C PHE A 629 -36.84 27.28 -50.63
N ALA A 630 -38.02 27.70 -50.17
CA ALA A 630 -38.34 27.60 -48.75
C ALA A 630 -38.24 26.17 -48.26
N VAL A 631 -38.42 25.20 -49.15
CA VAL A 631 -38.25 23.81 -48.75
C VAL A 631 -36.77 23.44 -48.68
N MET A 632 -36.02 23.78 -49.72
CA MET A 632 -34.68 23.22 -49.89
C MET A 632 -33.80 23.54 -48.69
N VAL A 633 -33.71 24.81 -48.31
CA VAL A 633 -32.88 25.21 -47.18
C VAL A 633 -33.29 24.42 -45.94
N SER A 634 -34.61 24.28 -45.74
CA SER A 634 -35.09 23.56 -44.56
C SER A 634 -34.56 22.13 -44.56
N LEU A 635 -34.55 21.48 -45.72
CA LEU A 635 -34.03 20.13 -45.81
C LEU A 635 -32.57 20.12 -45.34
N ALA A 636 -31.80 21.10 -45.79
CA ALA A 636 -30.41 21.20 -45.33
C ALA A 636 -30.37 21.33 -43.82
N GLU A 637 -31.23 22.17 -43.25
CA GLU A 637 -31.27 22.33 -41.81
C GLU A 637 -31.54 21.00 -41.11
N LEU A 638 -32.31 20.12 -41.75
CA LEU A 638 -32.51 18.80 -41.17
C LEU A 638 -31.23 17.98 -41.25
N TRP A 639 -30.59 17.96 -42.43
CA TRP A 639 -29.38 17.15 -42.59
C TRP A 639 -28.29 17.61 -41.63
N ARG A 640 -28.07 18.92 -41.57
CA ARG A 640 -27.09 19.45 -40.63
C ARG A 640 -27.45 19.12 -39.20
N SER A 641 -28.74 18.96 -38.91
CA SER A 641 -29.16 18.60 -37.56
C SER A 641 -28.74 17.19 -37.17
N TYR A 642 -28.27 16.39 -38.12
CA TYR A 642 -27.86 15.02 -37.85
C TYR A 642 -26.36 14.83 -37.97
N GLY A 643 -25.59 15.90 -37.80
CA GLY A 643 -24.15 15.81 -37.85
C GLY A 643 -23.57 15.66 -39.24
N VAL A 644 -24.31 16.04 -40.26
CA VAL A 644 -23.83 15.98 -41.65
C VAL A 644 -23.52 17.42 -42.06
N GLU A 645 -22.25 17.78 -42.05
CA GLU A 645 -21.85 19.14 -42.35
C GLU A 645 -21.27 19.22 -43.75
N PRO A 646 -21.92 19.89 -44.69
CA PRO A 646 -21.40 19.95 -46.06
C PRO A 646 -20.15 20.82 -46.14
N ALA A 647 -19.47 20.71 -47.26
CA ALA A 647 -18.26 21.50 -47.46
C ALA A 647 -18.26 22.29 -48.76
N ALA A 648 -18.82 21.75 -49.84
CA ALA A 648 -18.68 22.33 -51.17
C ALA A 648 -20.00 22.32 -51.93
N VAL A 649 -21.05 22.92 -51.33
CA VAL A 649 -22.32 23.04 -52.02
C VAL A 649 -22.11 23.62 -53.41
N VAL A 650 -22.69 22.97 -54.42
CA VAL A 650 -22.39 23.28 -55.81
C VAL A 650 -23.66 23.39 -56.64
N GLY A 651 -24.80 23.51 -55.97
CA GLY A 651 -26.07 23.53 -56.68
C GLY A 651 -26.19 24.71 -57.62
N HIS A 652 -26.96 24.51 -58.69
CA HIS A 652 -27.05 25.49 -59.78
C HIS A 652 -28.48 25.94 -60.05
N SER A 653 -28.65 26.69 -61.13
CA SER A 653 -29.95 27.21 -61.59
C SER A 653 -30.51 28.11 -60.48
N GLN A 654 -31.81 28.05 -60.20
CA GLN A 654 -32.40 28.85 -59.13
C GLN A 654 -31.88 28.46 -57.76
N GLY A 655 -31.22 27.31 -57.63
CA GLY A 655 -30.64 26.89 -56.37
C GLY A 655 -29.28 27.48 -56.05
N GLU A 656 -28.72 28.30 -56.94
CA GLU A 656 -27.47 28.99 -56.64
C GLU A 656 -27.64 29.83 -55.38
N ILE A 657 -28.75 30.55 -55.28
CA ILE A 657 -29.01 31.40 -54.12
C ILE A 657 -29.23 30.57 -52.86
N ALA A 658 -29.91 29.43 -53.00
CA ALA A 658 -30.08 28.55 -51.85
C ALA A 658 -28.74 28.02 -51.35
N ALA A 659 -27.87 27.63 -52.27
CA ALA A 659 -26.53 27.18 -51.87
C ALA A 659 -25.75 28.32 -51.22
N ALA A 660 -25.88 29.53 -51.74
CA ALA A 660 -25.21 30.68 -51.14
C ALA A 660 -25.71 30.90 -49.72
N HIS A 661 -27.02 30.80 -49.50
CA HIS A 661 -27.56 30.93 -48.16
C HIS A 661 -27.03 29.86 -47.24
N VAL A 662 -26.97 28.61 -47.72
CA VAL A 662 -26.38 27.54 -46.92
C VAL A 662 -24.90 27.82 -46.70
N ALA A 663 -24.23 28.37 -47.71
CA ALA A 663 -22.83 28.77 -47.56
C ALA A 663 -22.66 29.97 -46.65
N GLY A 664 -23.75 30.64 -46.26
CA GLY A 664 -23.66 31.77 -45.36
C GLY A 664 -23.34 33.09 -46.01
N ALA A 665 -23.29 33.15 -47.34
CA ALA A 665 -22.97 34.40 -48.03
C ALA A 665 -24.14 35.36 -48.11
N LEU A 666 -25.36 34.91 -47.81
CA LEU A 666 -26.54 35.75 -47.93
C LEU A 666 -27.42 35.57 -46.70
N THR A 667 -28.23 36.58 -46.41
CA THR A 667 -29.20 36.52 -45.33
C THR A 667 -30.52 35.95 -45.85
N LEU A 668 -31.37 35.55 -44.91
CA LEU A 668 -32.64 34.92 -45.28
C LEU A 668 -33.56 35.89 -46.01
N GLU A 669 -33.76 37.08 -45.44
CA GLU A 669 -34.69 38.03 -46.02
C GLU A 669 -34.18 38.54 -47.38
N ASP A 670 -32.87 38.72 -47.50
CA ASP A 670 -32.30 39.17 -48.77
C ASP A 670 -32.55 38.14 -49.87
N ALA A 671 -32.29 36.87 -49.56
CA ALA A 671 -32.53 35.81 -50.54
C ALA A 671 -34.01 35.72 -50.89
N ALA A 672 -34.89 35.83 -49.88
CA ALA A 672 -36.32 35.74 -50.14
C ALA A 672 -36.80 36.86 -51.05
N LYS A 673 -36.39 38.09 -50.75
CA LYS A 673 -36.81 39.22 -51.57
C LYS A 673 -36.24 39.12 -52.97
N LEU A 674 -35.00 38.63 -53.10
CA LEU A 674 -34.43 38.42 -54.43
C LEU A 674 -35.24 37.38 -55.20
N VAL A 675 -35.62 36.29 -54.54
CA VAL A 675 -36.40 35.25 -55.21
C VAL A 675 -37.71 35.82 -55.71
N VAL A 676 -38.44 36.52 -54.83
CA VAL A 676 -39.76 37.01 -55.22
C VAL A 676 -39.65 38.05 -56.33
N GLY A 677 -38.69 38.97 -56.21
CA GLY A 677 -38.51 39.97 -57.25
C GLY A 677 -38.14 39.36 -58.59
N ARG A 678 -37.22 38.39 -58.58
CA ARG A 678 -36.82 37.72 -59.81
C ARG A 678 -38.00 37.01 -60.44
N SER A 679 -38.78 36.28 -59.64
CA SER A 679 -39.95 35.58 -60.17
C SER A 679 -40.96 36.56 -60.76
N ARG A 680 -41.23 37.66 -60.05
CA ARG A 680 -42.21 38.62 -60.53
C ARG A 680 -41.77 39.28 -61.82
N LEU A 681 -40.48 39.65 -61.91
CA LEU A 681 -39.99 40.29 -63.12
C LEU A 681 -39.93 39.32 -64.29
N MET A 682 -39.64 38.04 -64.02
CA MET A 682 -39.66 37.06 -65.09
C MET A 682 -41.09 36.78 -65.55
N ARG A 683 -42.06 36.90 -64.63
CA ARG A 683 -43.45 36.59 -64.96
C ARG A 683 -43.98 37.44 -66.11
N SER A 684 -43.39 38.60 -66.36
CA SER A 684 -43.80 39.42 -67.49
C SER A 684 -43.58 38.72 -68.83
N LEU A 685 -42.69 37.72 -68.86
CA LEU A 685 -42.44 36.94 -70.06
C LEU A 685 -43.09 35.58 -69.92
N SER A 686 -43.90 35.21 -70.92
CA SER A 686 -44.58 33.92 -70.91
C SER A 686 -44.89 33.53 -72.35
N GLY A 687 -44.82 32.23 -72.62
CA GLY A 687 -45.11 31.73 -73.96
C GLY A 687 -44.18 32.27 -75.02
N GLU A 688 -42.90 32.47 -74.68
CA GLU A 688 -41.94 33.01 -75.60
C GLU A 688 -40.64 32.21 -75.66
N GLY A 689 -40.52 31.13 -74.89
CA GLY A 689 -39.29 30.36 -74.87
C GLY A 689 -39.52 28.96 -74.38
N GLY A 690 -38.46 28.15 -74.48
CA GLY A 690 -38.49 26.76 -74.08
C GLY A 690 -37.22 26.06 -74.49
N MET A 691 -36.72 25.16 -73.64
CA MET A 691 -35.46 24.47 -73.90
C MET A 691 -35.72 23.17 -74.64
N ALA A 692 -34.68 22.35 -74.76
CA ALA A 692 -34.80 21.02 -75.35
C ALA A 692 -33.89 20.08 -74.60
N ALA A 693 -34.34 18.84 -74.43
CA ALA A 693 -33.59 17.83 -73.68
C ALA A 693 -33.15 16.72 -74.62
N VAL A 694 -31.85 16.44 -74.63
CA VAL A 694 -31.29 15.38 -75.46
C VAL A 694 -31.11 14.12 -74.62
N GLY A 697 -25.34 13.87 -77.27
CA GLY A 697 -24.17 14.33 -78.00
C GLY A 697 -24.16 15.83 -78.23
N GLU A 698 -23.16 16.52 -77.66
CA GLU A 698 -23.08 17.96 -77.80
C GLU A 698 -22.81 18.36 -79.24
N ALA A 699 -21.82 17.73 -79.87
CA ALA A 699 -21.43 18.13 -81.22
C ALA A 699 -22.57 17.91 -82.21
N ALA A 700 -23.33 16.82 -82.03
CA ALA A 700 -24.43 16.54 -82.94
C ALA A 700 -25.46 17.65 -82.95
N VAL A 701 -25.94 18.03 -81.76
CA VAL A 701 -26.95 19.09 -81.70
C VAL A 701 -26.35 20.44 -82.09
N ARG A 702 -25.09 20.68 -81.74
CA ARG A 702 -24.45 21.95 -82.12
C ARG A 702 -24.39 22.10 -83.64
N GLU A 703 -24.04 21.03 -84.35
CA GLU A 703 -23.97 21.08 -85.80
C GLU A 703 -25.33 20.93 -86.47
N ARG A 704 -26.33 20.44 -85.73
CA ARG A 704 -27.67 20.29 -86.31
C ARG A 704 -28.50 21.57 -86.17
N LEU A 705 -28.30 22.33 -85.10
CA LEU A 705 -29.06 23.55 -84.88
C LEU A 705 -28.59 24.72 -85.73
N ARG A 706 -27.70 24.49 -86.69
CA ARG A 706 -27.21 25.57 -87.54
C ARG A 706 -28.32 26.29 -88.31
N PRO A 707 -29.29 25.62 -88.94
CA PRO A 707 -30.34 26.35 -89.66
C PRO A 707 -31.24 27.19 -88.76
N TRP A 708 -31.02 27.19 -87.45
CA TRP A 708 -31.82 27.98 -86.52
C TRP A 708 -30.92 28.95 -85.77
N GLN A 709 -31.40 30.17 -85.59
CA GLN A 709 -30.65 31.21 -84.91
C GLN A 709 -30.87 31.22 -83.40
N ASP A 710 -31.72 30.34 -82.88
CA ASP A 710 -31.99 30.30 -81.46
C ASP A 710 -30.76 29.87 -80.65
N VAL A 714 -27.72 26.73 -76.25
CA VAL A 714 -27.36 25.81 -75.19
C VAL A 714 -27.79 26.34 -73.84
N ALA A 715 -28.39 25.46 -73.03
CA ALA A 715 -28.88 25.82 -71.70
C ALA A 715 -28.06 25.21 -70.58
N ALA A 716 -27.91 23.88 -70.57
CA ALA A 716 -27.16 23.22 -69.52
C ALA A 716 -26.63 21.90 -70.03
N VAL A 717 -25.55 21.43 -69.40
CA VAL A 717 -24.92 20.16 -69.73
C VAL A 717 -24.96 19.31 -68.47
N ASN A 718 -25.93 18.41 -68.39
CA ASN A 718 -26.08 17.54 -67.22
C ASN A 718 -25.35 16.22 -67.36
N GLY A 719 -24.74 15.94 -68.52
CA GLY A 719 -24.03 14.72 -68.73
C GLY A 719 -23.71 14.48 -70.19
N PRO A 720 -23.08 13.33 -70.48
CA PRO A 720 -22.76 13.02 -71.88
C PRO A 720 -24.00 12.92 -72.76
N ARG A 721 -25.13 12.51 -72.22
CA ARG A 721 -26.35 12.36 -72.99
C ARG A 721 -27.53 13.13 -72.37
N SER A 722 -27.29 13.97 -71.38
CA SER A 722 -28.33 14.72 -70.70
C SER A 722 -28.15 16.23 -70.88
N VAL A 723 -27.67 16.64 -72.05
CA VAL A 723 -27.44 18.05 -72.32
C VAL A 723 -28.77 18.73 -72.61
N VAL A 724 -29.01 19.87 -71.96
CA VAL A 724 -30.20 20.67 -72.21
C VAL A 724 -29.78 21.89 -73.02
N VAL A 725 -30.38 22.05 -74.19
CA VAL A 725 -30.01 23.09 -75.13
C VAL A 725 -31.07 24.18 -75.10
N SER A 726 -30.64 25.41 -75.38
CA SER A 726 -31.55 26.52 -75.52
C SER A 726 -32.38 26.37 -76.79
N GLY A 727 -33.63 26.80 -76.73
CA GLY A 727 -34.56 26.63 -77.83
C GLY A 727 -35.16 27.95 -78.26
N GLU A 728 -36.44 27.87 -78.63
CA GLU A 728 -37.16 28.99 -79.22
C GLU A 728 -38.66 28.72 -79.09
N PRO A 729 -39.54 29.63 -79.56
CA PRO A 729 -40.98 29.32 -79.55
C PRO A 729 -41.36 28.16 -80.46
N GLY A 730 -42.66 27.94 -80.64
CA GLY A 730 -43.22 26.72 -81.17
C GLY A 730 -42.55 26.08 -82.37
N ALA A 731 -41.78 26.86 -83.14
CA ALA A 731 -40.92 26.25 -84.15
C ALA A 731 -39.99 25.22 -83.53
N LEU A 732 -39.56 25.45 -82.29
CA LEU A 732 -38.79 24.44 -81.56
C LEU A 732 -39.59 23.17 -81.36
N ARG A 733 -40.91 23.27 -81.18
CA ARG A 733 -41.73 22.07 -81.09
C ARG A 733 -41.68 21.29 -82.40
N ALA A 734 -41.72 21.98 -83.53
CA ALA A 734 -41.59 21.31 -84.82
C ALA A 734 -40.23 20.64 -84.95
N PHE A 735 -39.17 21.33 -84.54
CA PHE A 735 -37.84 20.72 -84.58
C PHE A 735 -37.76 19.50 -83.68
N SER A 736 -38.38 19.58 -82.50
CA SER A 736 -38.40 18.44 -81.58
C SER A 736 -39.16 17.26 -82.18
N GLU A 737 -40.26 17.54 -82.88
CA GLU A 737 -40.97 16.47 -83.57
C GLU A 737 -40.12 15.85 -84.67
N ASP A 738 -39.37 16.69 -85.40
CA ASP A 738 -38.48 16.17 -86.44
C ASP A 738 -37.42 15.27 -85.83
N CYS A 739 -36.86 15.66 -84.68
CA CYS A 739 -35.90 14.82 -83.99
C CYS A 739 -36.57 13.55 -83.46
N ALA A 740 -37.81 13.64 -83.01
CA ALA A 740 -38.54 12.47 -82.52
C ALA A 740 -38.86 11.50 -83.64
N ALA A 741 -38.90 11.97 -84.89
CA ALA A 741 -38.92 11.02 -86.00
C ALA A 741 -37.68 10.14 -85.98
N GLU A 742 -36.54 10.68 -85.55
CA GLU A 742 -35.35 9.92 -85.27
C GLU A 742 -35.37 9.48 -83.81
N GLY A 743 -34.27 8.94 -83.30
CA GLY A 743 -34.20 8.57 -81.90
C GLY A 743 -33.71 9.71 -81.04
N ILE A 744 -32.46 9.61 -80.58
CA ILE A 744 -31.77 10.66 -79.83
C ILE A 744 -32.58 11.04 -78.59
N ARG A 745 -33.26 10.05 -78.02
CA ARG A 745 -33.95 10.16 -76.72
C ARG A 745 -34.69 11.48 -76.55
N VAL A 746 -35.55 11.79 -77.53
CA VAL A 746 -36.29 13.04 -77.49
C VAL A 746 -37.24 13.03 -76.30
N ARG A 747 -37.21 14.12 -75.53
CA ARG A 747 -38.03 14.21 -74.32
C ARG A 747 -38.87 15.49 -74.32
N ASP A 748 -39.52 15.76 -73.20
CA ASP A 748 -40.38 16.93 -73.04
C ASP A 748 -39.70 17.98 -72.19
N ILE A 749 -40.28 19.18 -72.20
CA ILE A 749 -39.73 20.33 -71.49
C ILE A 749 -40.83 20.94 -70.62
N ASP A 750 -40.41 21.57 -69.52
CA ASP A 750 -41.33 22.09 -68.52
C ASP A 750 -41.94 23.43 -68.94
N VAL A 751 -42.54 24.13 -67.97
CA VAL A 751 -43.27 25.39 -68.19
C VAL A 751 -42.46 26.36 -69.03
N ASP A 752 -43.15 27.17 -69.84
CA ASP A 752 -42.50 28.05 -70.79
C ASP A 752 -41.62 29.08 -70.10
N TYR A 753 -40.40 29.23 -70.60
CA TYR A 753 -39.43 30.22 -70.17
C TYR A 753 -38.19 30.07 -71.06
N ALA A 754 -37.37 31.11 -71.09
CA ALA A 754 -36.19 31.14 -71.95
C ALA A 754 -34.96 31.52 -71.16
N SER A 755 -34.83 30.98 -69.94
CA SER A 755 -33.66 31.26 -69.12
C SER A 755 -32.41 30.64 -69.76
N HIS A 756 -31.26 31.19 -69.39
CA HIS A 756 -29.97 30.77 -69.93
C HIS A 756 -29.94 30.89 -71.45
N SER A 757 -30.66 31.87 -71.98
CA SER A 757 -30.76 32.11 -73.41
C SER A 757 -30.72 33.61 -73.66
N PRO A 758 -30.20 34.04 -74.81
CA PRO A 758 -30.22 35.46 -75.14
C PRO A 758 -31.61 36.04 -75.31
N GLN A 759 -32.62 35.19 -75.47
CA GLN A 759 -33.99 35.63 -75.72
C GLN A 759 -34.64 36.27 -74.51
N ILE A 760 -33.91 36.46 -73.42
CA ILE A 760 -34.51 37.05 -72.22
C ILE A 760 -34.78 38.54 -72.43
N GLU A 761 -33.69 39.32 -72.60
CA GLU A 761 -33.79 40.75 -72.88
C GLU A 761 -34.77 41.47 -71.97
N ARG A 762 -35.76 42.13 -72.57
CA ARG A 762 -36.83 42.81 -71.86
C ARG A 762 -36.30 43.80 -70.83
N VAL A 763 -36.55 43.50 -69.55
CA VAL A 763 -36.15 44.42 -68.49
C VAL A 763 -34.64 44.55 -68.42
N ARG A 764 -33.92 43.44 -68.53
CA ARG A 764 -32.45 43.43 -68.58
C ARG A 764 -31.83 44.24 -67.45
N GLU A 765 -31.31 45.43 -67.80
CA GLU A 765 -30.67 46.29 -66.80
C GLU A 765 -31.64 46.67 -65.70
N GLU A 766 -32.95 46.68 -65.99
CA GLU A 766 -33.93 46.99 -64.95
C GLU A 766 -33.80 46.05 -63.77
N LEU A 767 -33.37 44.80 -64.01
CA LEU A 767 -33.14 43.88 -62.90
C LEU A 767 -32.07 44.43 -61.96
N LEU A 768 -30.95 44.89 -62.53
CA LEU A 768 -29.81 45.28 -61.72
C LEU A 768 -30.18 46.39 -60.74
N GLU A 769 -30.92 47.40 -61.20
CA GLU A 769 -31.37 48.45 -60.29
C GLU A 769 -32.35 47.91 -59.26
N THR A 770 -33.26 47.03 -59.68
CA THR A 770 -34.27 46.52 -58.76
C THR A 770 -33.69 45.47 -57.81
N THR A 771 -32.79 44.64 -58.31
CA THR A 771 -32.25 43.53 -57.52
C THR A 771 -30.96 43.87 -56.79
N GLY A 772 -30.43 45.08 -56.96
CA GLY A 772 -29.18 45.40 -56.28
C GLY A 772 -29.39 46.02 -54.93
N ASP A 773 -29.41 45.18 -53.90
CA ASP A 773 -29.47 45.67 -52.52
C ASP A 773 -28.64 44.82 -51.56
N ILE A 774 -27.82 43.91 -52.05
CA ILE A 774 -27.24 42.87 -51.21
C ILE A 774 -25.98 43.37 -50.53
N ALA A 775 -25.57 42.64 -49.50
CA ALA A 775 -24.30 42.86 -48.80
C ALA A 775 -23.61 41.52 -48.69
N PRO A 776 -22.96 41.05 -49.75
CA PRO A 776 -22.37 39.71 -49.73
C PRO A 776 -21.27 39.60 -48.70
N ARG A 777 -21.11 38.40 -48.17
CA ARG A 777 -20.18 38.10 -47.09
C ARG A 777 -19.29 36.94 -47.50
N PRO A 778 -18.12 36.82 -46.88
CA PRO A 778 -17.24 35.68 -47.21
C PRO A 778 -17.92 34.35 -46.94
N ALA A 779 -17.68 33.39 -47.83
CA ALA A 779 -18.31 32.09 -47.73
C ALA A 779 -17.79 31.33 -46.51
N ARG A 780 -18.71 30.62 -45.83
CA ARG A 780 -18.31 29.85 -44.66
C ARG A 780 -17.48 28.63 -45.06
N VAL A 781 -17.88 27.94 -46.11
CA VAL A 781 -17.20 26.70 -46.49
C VAL A 781 -16.66 26.77 -47.92
N THR A 782 -17.56 26.84 -48.91
CA THR A 782 -17.20 26.88 -50.31
C THR A 782 -18.45 27.17 -51.12
N PHE A 783 -18.32 27.98 -52.17
CA PHE A 783 -19.42 28.34 -53.04
C PHE A 783 -19.05 28.08 -54.50
N HIS A 784 -18.53 26.89 -54.77
CA HIS A 784 -18.17 26.54 -56.14
C HIS A 784 -19.41 26.60 -57.03
N SER A 785 -19.27 27.25 -58.18
CA SER A 785 -20.38 27.51 -59.09
C SER A 785 -20.18 26.75 -60.40
N THR A 786 -21.23 26.74 -61.20
CA THR A 786 -21.20 26.08 -62.50
C THR A 786 -21.02 27.03 -63.66
N VAL A 787 -21.34 28.31 -63.49
CA VAL A 787 -21.11 29.30 -64.55
C VAL A 787 -19.63 29.42 -64.83
N GLU A 788 -18.82 29.48 -63.78
CA GLU A 788 -17.36 29.47 -63.90
C GLU A 788 -16.84 28.18 -63.30
N SER A 789 -16.03 27.44 -64.07
CA SER A 789 -15.55 26.15 -63.61
C SER A 789 -14.41 26.32 -62.62
N ARG A 790 -14.66 27.09 -61.56
CA ARG A 790 -13.69 27.30 -60.51
C ARG A 790 -14.43 27.78 -59.27
N SER A 791 -13.77 27.65 -58.12
CA SER A 791 -14.40 28.08 -56.87
C SER A 791 -14.56 29.58 -56.84
N MET A 792 -15.73 30.03 -56.41
CA MET A 792 -15.99 31.46 -56.20
C MET A 792 -15.45 31.86 -54.84
N ASP A 793 -15.82 33.06 -54.40
CA ASP A 793 -15.41 33.59 -53.11
C ASP A 793 -16.48 34.55 -52.61
N GLY A 794 -16.46 34.79 -51.31
CA GLY A 794 -17.43 35.69 -50.72
C GLY A 794 -17.20 37.14 -51.14
N THR A 795 -18.24 37.95 -50.93
CA THR A 795 -18.24 39.37 -51.25
C THR A 795 -17.99 39.65 -52.73
N GLU A 796 -18.02 38.63 -53.57
CA GLU A 796 -17.79 38.77 -55.01
C GLU A 796 -19.06 38.58 -55.82
N LEU A 797 -20.22 38.63 -55.17
CA LEU A 797 -21.50 38.38 -55.83
C LEU A 797 -22.23 39.69 -56.04
N ASP A 798 -22.70 39.92 -57.26
CA ASP A 798 -23.42 41.14 -57.60
C ASP A 798 -24.61 40.80 -58.48
N ALA A 799 -25.49 41.79 -58.67
CA ALA A 799 -26.68 41.58 -59.47
C ALA A 799 -26.33 41.15 -60.90
N ARG A 800 -25.18 41.60 -61.41
CA ARG A 800 -24.75 41.16 -62.73
C ARG A 800 -24.46 39.67 -62.76
N TYR A 801 -23.91 39.13 -61.66
CA TYR A 801 -23.65 37.70 -61.59
C TYR A 801 -24.93 36.90 -61.72
N TRP A 802 -25.99 37.31 -61.02
CA TRP A 802 -27.25 36.59 -61.12
C TRP A 802 -27.94 36.85 -62.45
N TYR A 803 -27.70 38.02 -63.04
CA TYR A 803 -28.21 38.26 -64.39
C TYR A 803 -27.59 37.29 -65.38
N ARG A 804 -26.27 37.10 -65.29
CA ARG A 804 -25.61 36.15 -66.17
C ARG A 804 -25.96 34.72 -65.83
N ASN A 805 -26.36 34.45 -64.58
CA ASN A 805 -26.83 33.12 -64.22
C ASN A 805 -28.08 32.76 -65.01
N LEU A 806 -29.00 33.71 -65.17
CA LEU A 806 -30.21 33.51 -65.94
C LEU A 806 -29.98 33.66 -67.44
N ARG A 807 -28.81 34.14 -67.86
CA ARG A 807 -28.52 34.41 -69.26
C ARG A 807 -27.53 33.44 -69.88
N GLU A 808 -26.45 33.10 -69.17
CA GLU A 808 -25.40 32.27 -69.73
C GLU A 808 -25.72 30.79 -69.56
N THR A 809 -24.98 29.97 -70.29
CA THR A 809 -25.17 28.52 -70.24
C THR A 809 -24.69 27.95 -68.92
N VAL A 810 -25.27 26.82 -68.53
CA VAL A 810 -24.92 26.14 -67.28
C VAL A 810 -23.98 24.99 -67.60
N ARG A 811 -22.84 24.98 -66.93
CA ARG A 811 -21.82 23.94 -67.09
C ARG A 811 -21.82 23.10 -65.81
N PHE A 812 -22.68 22.09 -65.78
CA PHE A 812 -22.90 21.28 -64.58
C PHE A 812 -22.11 19.98 -64.57
N ALA A 813 -22.23 19.18 -65.65
CA ALA A 813 -21.57 17.89 -65.67
C ALA A 813 -20.05 18.03 -65.61
N ASP A 814 -19.50 19.01 -66.32
CA ASP A 814 -18.06 19.23 -66.28
C ASP A 814 -17.60 19.61 -64.89
N ALA A 815 -18.38 20.47 -64.21
CA ALA A 815 -18.02 20.85 -62.84
C ALA A 815 -18.09 19.64 -61.91
N VAL A 816 -19.10 18.79 -62.07
CA VAL A 816 -19.21 17.60 -61.24
C VAL A 816 -18.01 16.68 -61.47
N THR A 817 -17.64 16.47 -62.73
CA THR A 817 -16.48 15.63 -63.02
C THR A 817 -15.21 16.22 -62.44
N ARG A 818 -15.04 17.53 -62.55
CA ARG A 818 -13.88 18.19 -61.96
C ARG A 818 -13.83 17.99 -60.45
N LEU A 819 -14.98 18.10 -59.79
CA LEU A 819 -15.03 17.89 -58.35
C LEU A 819 -14.81 16.43 -57.98
N ALA A 820 -15.13 15.51 -58.89
CA ALA A 820 -15.00 14.09 -58.58
C ALA A 820 -13.55 13.71 -58.30
N GLU A 821 -12.63 14.19 -59.13
CA GLU A 821 -11.22 13.94 -58.94
C GLU A 821 -10.55 14.98 -58.06
N SER A 822 -11.32 15.92 -57.51
CA SER A 822 -10.74 16.94 -56.65
C SER A 822 -10.24 16.32 -55.35
N GLY A 823 -9.59 17.14 -54.53
CA GLY A 823 -8.98 16.64 -53.32
C GLY A 823 -9.98 16.07 -52.33
N TYR A 824 -11.10 16.78 -52.15
CA TYR A 824 -12.09 16.31 -51.17
C TYR A 824 -12.69 14.97 -51.57
N ASP A 825 -13.01 14.81 -52.86
CA ASP A 825 -13.41 13.52 -53.43
C ASP A 825 -14.66 13.02 -52.70
N ALA A 826 -14.64 11.85 -52.07
CA ALA A 826 -15.64 11.40 -51.10
C ALA A 826 -16.98 11.01 -51.71
N PHE A 827 -17.19 11.26 -53.01
CA PHE A 827 -18.37 10.81 -53.77
C PHE A 827 -19.63 10.75 -52.92
N ILE A 828 -20.00 11.90 -52.34
CA ILE A 828 -21.07 11.88 -51.36
C ILE A 828 -22.13 12.84 -51.88
N GLU A 829 -22.29 12.89 -53.21
CA GLU A 829 -23.31 13.74 -53.80
C GLU A 829 -24.68 13.39 -53.21
N VAL A 830 -25.24 14.30 -52.44
CA VAL A 830 -26.44 14.04 -51.66
C VAL A 830 -27.70 14.47 -52.39
N SER A 831 -27.71 15.69 -52.93
CA SER A 831 -28.85 16.24 -53.67
C SER A 831 -30.11 16.27 -52.81
N PRO A 832 -30.19 17.15 -51.82
CA PRO A 832 -31.41 17.26 -51.00
C PRO A 832 -32.55 17.93 -51.72
N HIS A 833 -33.34 17.14 -52.47
CA HIS A 833 -34.44 17.62 -53.26
C HIS A 833 -35.71 16.88 -52.90
N PRO A 834 -36.88 17.49 -53.12
CA PRO A 834 -38.14 16.72 -53.02
C PRO A 834 -38.35 15.76 -54.18
N VAL A 835 -37.44 15.74 -55.15
CA VAL A 835 -37.51 14.85 -56.30
C VAL A 835 -36.13 14.21 -56.46
N VAL A 836 -36.10 13.08 -57.17
CA VAL A 836 -34.83 12.41 -57.41
C VAL A 836 -33.95 13.23 -58.35
N VAL A 837 -34.40 13.41 -59.59
CA VAL A 837 -33.79 14.28 -60.61
C VAL A 837 -32.27 14.16 -60.69
N GLN A 838 -31.71 13.09 -60.11
CA GLN A 838 -30.26 12.90 -60.08
C GLN A 838 -29.78 12.45 -61.46
N ALA A 839 -29.90 13.39 -62.42
CA ALA A 839 -29.53 13.09 -63.79
C ALA A 839 -28.03 12.83 -63.93
N VAL A 840 -27.24 13.16 -62.91
CA VAL A 840 -25.82 12.82 -62.93
C VAL A 840 -25.65 11.32 -63.09
N GLU A 841 -26.39 10.54 -62.31
CA GLU A 841 -26.42 9.09 -62.41
C GLU A 841 -25.00 8.52 -62.49
N GLU A 842 -24.28 8.74 -61.39
CA GLU A 842 -22.87 8.42 -61.29
C GLU A 842 -22.09 9.26 -62.31
N ALA A 843 -21.81 8.67 -63.47
CA ALA A 843 -21.07 9.37 -64.53
C ALA A 843 -19.75 9.94 -63.99
N VAL A 844 -19.19 9.26 -63.00
CA VAL A 844 -17.94 9.67 -62.38
C VAL A 844 -16.89 8.57 -62.42
N GLU A 845 -17.25 7.38 -62.88
CA GLU A 845 -16.26 6.31 -63.01
C GLU A 845 -15.20 6.64 -64.04
N GLU A 846 -15.55 7.43 -65.05
CA GLU A 846 -14.57 7.92 -66.03
C GLU A 846 -13.99 9.27 -65.60
N ALA A 847 -13.55 9.34 -64.34
CA ALA A 847 -12.98 10.57 -63.80
C ALA A 847 -11.74 10.29 -62.97
N ASP A 848 -11.06 9.17 -63.26
CA ASP A 848 -9.79 8.78 -62.63
C ASP A 848 -9.83 8.91 -61.10
N GLY A 849 -11.01 8.79 -60.52
CA GLY A 849 -11.19 8.83 -59.09
C GLY A 849 -11.23 7.44 -58.49
N ALA A 850 -11.72 7.38 -57.24
CA ALA A 850 -11.88 6.10 -56.57
C ALA A 850 -13.13 5.41 -57.09
N GLU A 851 -13.52 4.30 -56.46
CA GLU A 851 -14.66 3.51 -56.92
C GLU A 851 -15.81 3.48 -55.93
N ASP A 852 -15.60 3.93 -54.69
CA ASP A 852 -16.66 3.87 -53.67
C ASP A 852 -17.56 5.10 -53.79
N ALA A 853 -18.35 5.11 -54.86
CA ALA A 853 -19.32 6.16 -55.08
C ALA A 853 -20.57 5.90 -54.27
N VAL A 854 -21.12 6.97 -53.69
CA VAL A 854 -22.34 6.89 -52.89
C VAL A 854 -23.53 7.48 -53.63
N VAL A 855 -23.43 8.76 -54.04
CA VAL A 855 -24.46 9.51 -54.77
C VAL A 855 -25.85 9.16 -54.25
N VAL A 856 -26.03 9.26 -52.94
CA VAL A 856 -27.32 8.93 -52.34
C VAL A 856 -28.36 9.99 -52.73
N GLY A 857 -29.62 9.65 -52.51
CA GLY A 857 -30.74 10.53 -52.81
C GLY A 857 -31.15 11.35 -51.62
N SER A 858 -32.44 11.69 -51.59
CA SER A 858 -33.03 12.51 -50.54
C SER A 858 -34.48 12.08 -50.38
N LEU A 859 -35.29 12.95 -49.78
CA LEU A 859 -36.71 12.67 -49.62
C LEU A 859 -37.33 12.24 -50.94
N HIS A 860 -38.07 11.15 -50.90
CA HIS A 860 -38.58 10.53 -52.12
C HIS A 860 -39.57 11.43 -52.84
N ARG A 861 -39.61 11.29 -54.17
CA ARG A 861 -40.47 12.15 -54.98
C ARG A 861 -41.94 11.94 -54.67
N ASP A 862 -42.36 10.70 -54.49
CA ASP A 862 -43.76 10.38 -54.28
C ASP A 862 -44.07 9.89 -52.88
N GLY A 863 -43.39 8.85 -52.42
CA GLY A 863 -43.58 8.37 -51.07
C GLY A 863 -42.64 9.01 -50.09
N GLY A 864 -42.87 10.30 -49.79
CA GLY A 864 -41.98 11.07 -48.94
C GLY A 864 -42.63 11.39 -47.61
N ASP A 865 -41.95 11.04 -46.53
CA ASP A 865 -42.39 11.33 -45.17
C ASP A 865 -41.18 11.21 -44.25
N LEU A 866 -41.42 11.24 -42.94
CA LEU A 866 -40.32 11.06 -41.99
C LEU A 866 -39.69 9.68 -42.13
N SER A 867 -40.52 8.65 -42.31
CA SER A 867 -39.98 7.31 -42.52
C SER A 867 -39.15 7.24 -43.79
N ALA A 868 -39.59 7.93 -44.84
CA ALA A 868 -38.80 7.96 -46.07
C ALA A 868 -37.46 8.63 -45.84
N PHE A 869 -37.44 9.72 -45.07
CA PHE A 869 -36.16 10.38 -44.77
C PHE A 869 -35.26 9.47 -43.95
N LEU A 870 -35.82 8.74 -43.00
CA LEU A 870 -35.01 7.80 -42.22
C LEU A 870 -34.43 6.72 -43.13
N ARG A 871 -35.25 6.23 -44.07
CA ARG A 871 -34.76 5.23 -45.02
C ARG A 871 -33.63 5.80 -45.87
N SER A 872 -33.77 7.05 -46.31
CA SER A 872 -32.71 7.67 -47.10
C SER A 872 -31.43 7.83 -46.29
N MET A 873 -31.56 8.21 -45.02
CA MET A 873 -30.38 8.31 -44.17
C MET A 873 -29.71 6.96 -43.99
N ALA A 874 -30.50 5.91 -43.78
CA ALA A 874 -29.93 4.57 -43.65
C ALA A 874 -29.22 4.16 -44.93
N THR A 875 -29.84 4.42 -46.08
CA THR A 875 -29.18 4.20 -47.36
C THR A 875 -27.99 5.13 -47.56
N ALA A 876 -27.94 6.23 -46.82
CA ALA A 876 -26.75 7.07 -46.81
C ALA A 876 -25.70 6.54 -45.84
N HIS A 877 -26.13 5.92 -44.74
CA HIS A 877 -25.22 5.39 -43.74
C HIS A 877 -24.37 4.26 -44.30
N VAL A 878 -24.60 3.91 -45.56
CA VAL A 878 -23.77 2.94 -46.27
C VAL A 878 -22.38 3.55 -46.43
N SER A 879 -21.42 2.71 -46.85
CA SER A 879 -20.07 3.17 -47.10
C SER A 879 -19.43 3.72 -45.83
N GLY A 880 -19.15 5.02 -45.81
CA GLY A 880 -18.39 5.57 -44.71
C GLY A 880 -19.05 6.67 -43.89
N VAL A 881 -19.92 7.45 -44.52
CA VAL A 881 -20.46 8.62 -43.84
C VAL A 881 -21.29 8.19 -42.63
N ASP A 882 -21.12 8.89 -41.52
CA ASP A 882 -21.71 8.52 -40.24
C ASP A 882 -22.66 9.59 -39.78
N ILE A 883 -23.70 9.18 -39.07
CA ILE A 883 -24.69 10.09 -38.49
C ILE A 883 -24.89 9.68 -37.03
N ARG A 884 -25.50 10.59 -36.27
CA ARG A 884 -25.81 10.36 -34.87
C ARG A 884 -27.28 9.96 -34.78
N TRP A 885 -27.55 8.69 -34.50
CA TRP A 885 -28.91 8.19 -34.45
C TRP A 885 -29.64 8.58 -33.17
N ASP A 886 -28.91 9.03 -32.14
CA ASP A 886 -29.55 9.35 -30.86
C ASP A 886 -30.53 10.52 -30.98
N VAL A 887 -30.36 11.38 -31.98
CA VAL A 887 -31.27 12.51 -32.14
C VAL A 887 -32.68 12.02 -32.42
N ALA A 888 -32.81 10.98 -33.25
CA ALA A 888 -34.13 10.47 -33.63
C ALA A 888 -34.86 9.80 -32.47
N LEU A 889 -34.19 9.54 -31.36
CA LEU A 889 -34.79 8.84 -30.22
C LEU A 889 -34.58 9.67 -28.97
N PRO A 890 -35.40 10.70 -28.77
CA PRO A 890 -35.27 11.56 -27.58
C PRO A 890 -35.92 10.91 -26.38
N GLY A 891 -35.09 10.35 -25.49
CA GLY A 891 -35.59 9.71 -24.30
C GLY A 891 -35.70 8.20 -24.45
N ALA A 892 -34.80 7.47 -23.81
CA ALA A 892 -34.75 6.02 -23.92
C ALA A 892 -33.77 5.50 -22.87
N ALA A 893 -33.50 4.20 -22.92
CA ALA A 893 -32.56 3.56 -22.01
C ALA A 893 -32.07 2.28 -22.66
N PRO A 894 -30.77 1.99 -22.57
CA PRO A 894 -30.26 0.72 -23.13
C PRO A 894 -30.87 -0.48 -22.41
N PHE A 895 -30.96 -1.59 -23.14
CA PHE A 895 -31.67 -2.76 -22.64
C PHE A 895 -30.74 -3.93 -22.33
N ALA A 896 -30.01 -4.43 -23.34
CA ALA A 896 -29.18 -5.62 -23.17
C ALA A 896 -28.40 -5.84 -24.47
N LEU A 897 -27.51 -6.82 -24.45
CA LEU A 897 -26.64 -7.05 -25.60
C LEU A 897 -25.95 -8.42 -25.55
N PRO A 898 -26.04 -9.21 -26.61
CA PRO A 898 -25.21 -10.42 -26.72
C PRO A 898 -23.83 -10.13 -27.31
N THR A 899 -23.07 -11.19 -27.60
CA THR A 899 -21.69 -11.08 -28.06
C THR A 899 -21.51 -11.76 -29.42
N TYR A 900 -20.25 -11.89 -29.85
CA TYR A 900 -19.66 -12.30 -31.13
C TYR A 900 -19.45 -13.81 -31.20
N PRO A 901 -19.75 -14.41 -32.36
CA PRO A 901 -19.67 -15.87 -32.53
C PRO A 901 -18.39 -16.40 -33.16
N PHE A 902 -18.45 -17.69 -33.52
CA PHE A 902 -17.58 -18.32 -34.50
C PHE A 902 -16.10 -18.48 -34.15
N GLN A 903 -15.80 -19.29 -33.14
CA GLN A 903 -14.45 -19.77 -32.91
C GLN A 903 -14.13 -20.93 -33.86
N ARG A 904 -12.84 -21.26 -33.96
CA ARG A 904 -12.37 -22.37 -34.77
C ARG A 904 -11.21 -23.06 -34.06
N LYS A 905 -10.94 -24.30 -34.48
CA LYS A 905 -9.93 -25.14 -33.85
C LYS A 905 -8.53 -24.74 -34.27
N ARG A 906 -7.58 -24.83 -33.33
CA ARG A 906 -6.18 -24.52 -33.60
C ARG A 906 -5.27 -25.62 -33.07
N TYR A 907 -5.72 -26.33 -32.04
CA TYR A 907 -5.14 -27.59 -31.58
C TYR A 907 -3.73 -27.44 -31.01
N TRP A 908 -3.17 -26.25 -31.12
CA TRP A 908 -1.94 -25.85 -30.41
C TRP A 908 -0.83 -26.88 -30.54
N LEU A 909 -0.61 -27.35 -31.77
CA LEU A 909 0.55 -28.18 -32.10
C LEU A 909 0.63 -29.42 -31.21
N GLN A 910 -0.37 -30.28 -31.35
CA GLN A 910 -0.39 -31.54 -30.59
C GLN A 910 0.83 -32.42 -30.86
N PRO A 911 1.24 -32.67 -32.11
CA PRO A 911 2.42 -33.52 -32.26
C PRO A 911 3.72 -32.77 -31.99
N THR B 4 -10.64 45.83 20.84
CA THR B 4 -11.28 45.58 19.55
C THR B 4 -11.36 44.10 19.26
N ASP B 5 -11.80 43.77 18.04
CA ASP B 5 -11.91 42.38 17.61
C ASP B 5 -10.74 41.93 16.75
N SER B 6 -9.76 42.80 16.50
CA SER B 6 -8.65 42.45 15.62
C SER B 6 -7.84 41.30 16.21
N GLU B 7 -7.62 41.30 17.52
CA GLU B 7 -6.81 40.27 18.14
C GLU B 7 -7.43 38.90 17.96
N LYS B 8 -8.75 38.79 18.15
CA LYS B 8 -9.42 37.50 18.01
C LYS B 8 -9.27 36.98 16.58
N VAL B 9 -9.50 37.85 15.60
CA VAL B 9 -9.41 37.44 14.20
C VAL B 9 -7.98 37.02 13.88
N ALA B 10 -6.99 37.77 14.36
CA ALA B 10 -5.60 37.41 14.11
C ALA B 10 -5.26 36.06 14.72
N GLU B 11 -5.69 35.81 15.95
CA GLU B 11 -5.40 34.54 16.59
C GLU B 11 -6.04 33.38 15.84
N TYR B 12 -7.31 33.53 15.46
CA TYR B 12 -7.99 32.47 14.72
C TYR B 12 -7.31 32.24 13.37
N LEU B 13 -6.91 33.32 12.71
CA LEU B 13 -6.22 33.17 11.43
C LEU B 13 -4.90 32.43 11.60
N ARG B 14 -4.16 32.74 12.65
N ARG B 14 -4.16 32.74 12.65
CA ARG B 14 -2.88 32.07 12.88
CA ARG B 14 -2.89 32.07 12.87
C ARG B 14 -3.08 30.58 13.14
C ARG B 14 -3.08 30.58 13.14
N ARG B 15 -4.08 30.23 13.97
CA ARG B 15 -4.36 28.82 14.22
C ARG B 15 -4.77 28.10 12.94
N ALA B 16 -5.60 28.75 12.12
CA ALA B 16 -6.02 28.14 10.86
C ALA B 16 -4.82 27.92 9.94
N THR B 17 -3.91 28.90 9.87
CA THR B 17 -2.73 28.74 9.03
C THR B 17 -1.84 27.62 9.53
N LEU B 18 -1.70 27.49 10.85
CA LEU B 18 -0.92 26.39 11.39
C LEU B 18 -1.51 25.04 10.99
N ASP B 19 -2.83 24.91 11.12
CA ASP B 19 -3.48 23.65 10.73
C ASP B 19 -3.31 23.40 9.24
N LEU B 20 -3.39 24.45 8.42
CA LEU B 20 -3.20 24.29 6.98
C LEU B 20 -1.80 23.80 6.67
N ARG B 21 -0.79 24.35 7.35
CA ARG B 21 0.58 23.89 7.14
C ARG B 21 0.71 22.42 7.51
N ALA B 22 0.12 22.02 8.62
CA ALA B 22 0.18 20.61 9.01
C ALA B 22 -0.47 19.72 7.95
N ALA B 23 -1.62 20.13 7.43
CA ALA B 23 -2.30 19.33 6.42
C ALA B 23 -1.47 19.22 5.14
N ARG B 24 -0.85 20.32 4.72
CA ARG B 24 -0.02 20.27 3.52
C ARG B 24 1.18 19.35 3.72
N GLN B 25 1.79 19.41 4.89
CA GLN B 25 2.90 18.49 5.18
C GLN B 25 2.45 17.05 5.12
N ARG B 26 1.26 16.76 5.67
CA ARG B 26 0.73 15.40 5.62
C ARG B 26 0.51 14.95 4.18
N ILE B 27 -0.06 15.83 3.34
CA ILE B 27 -0.30 15.47 1.95
C ILE B 27 1.02 15.18 1.24
N ARG B 28 2.02 16.03 1.46
N ARG B 28 2.02 16.03 1.46
CA ARG B 28 3.31 15.82 0.81
CA ARG B 28 3.32 15.82 0.82
C ARG B 28 3.96 14.51 1.26
C ARG B 28 3.96 14.51 1.26
N GLU B 29 3.90 14.21 2.56
CA GLU B 29 4.45 12.95 3.04
C GLU B 29 3.69 11.76 2.48
N LEU B 30 2.39 11.94 2.20
CA LEU B 30 1.60 10.84 1.67
C LEU B 30 1.92 10.57 0.21
N GLU B 31 2.11 11.61 -0.60
CA GLU B 31 2.18 11.42 -2.04
C GLU B 31 3.56 11.66 -2.65
N SER B 32 4.45 12.38 -1.98
CA SER B 32 5.74 12.71 -2.59
C SER B 32 6.87 12.58 -1.59
N ASP B 33 6.85 11.52 -0.79
CA ASP B 33 7.90 11.32 0.20
C ASP B 33 9.12 10.69 -0.45
N PRO B 34 10.29 11.32 -0.38
CA PRO B 34 11.49 10.72 -0.99
C PRO B 34 11.90 9.44 -0.29
N ILE B 35 12.49 8.53 -1.05
CA ILE B 35 12.98 7.27 -0.52
C ILE B 35 14.50 7.29 -0.57
N ALA B 36 15.13 6.45 0.24
CA ALA B 36 16.58 6.41 0.36
C ALA B 36 17.09 5.00 0.19
N ILE B 37 18.28 4.89 -0.42
CA ILE B 37 18.93 3.62 -0.68
C ILE B 37 20.00 3.39 0.38
N VAL B 38 20.01 2.21 0.97
CA VAL B 38 20.93 1.91 2.07
C VAL B 38 22.16 1.19 1.55
N SER B 39 21.96 0.02 0.92
CA SER B 39 23.08 -0.78 0.46
C SER B 39 22.65 -1.59 -0.75
N MET B 40 23.62 -2.29 -1.35
CA MET B 40 23.38 -3.02 -2.58
C MET B 40 24.25 -4.26 -2.63
N ALA B 41 23.85 -5.21 -3.47
CA ALA B 41 24.66 -6.40 -3.72
C ALA B 41 24.42 -6.85 -5.15
N CYS B 42 25.40 -7.54 -5.73
CA CYS B 42 25.31 -7.92 -7.13
C CYS B 42 26.23 -9.07 -7.44
N ARG B 43 25.84 -9.86 -8.44
CA ARG B 43 26.70 -10.86 -9.07
C ARG B 43 26.65 -10.64 -10.56
N LEU B 44 27.82 -10.51 -11.18
CA LEU B 44 27.96 -10.03 -12.55
C LEU B 44 28.90 -10.91 -13.33
N PRO B 45 28.88 -10.82 -14.66
CA PRO B 45 29.77 -11.66 -15.47
C PRO B 45 31.24 -11.45 -15.12
N GLY B 46 32.00 -12.52 -15.20
CA GLY B 46 33.37 -12.49 -14.74
C GLY B 46 33.40 -12.47 -13.22
N GLY B 47 34.58 -12.19 -12.69
CA GLY B 47 34.72 -12.07 -11.26
C GLY B 47 34.44 -10.66 -10.80
N VAL B 48 33.23 -10.40 -10.34
CA VAL B 48 32.87 -9.05 -9.91
C VAL B 48 32.48 -9.05 -8.44
N ASN B 49 31.41 -9.76 -8.09
N ASN B 49 31.41 -9.76 -8.09
CA ASN B 49 30.96 -9.88 -6.71
CA ASN B 49 30.96 -9.88 -6.71
C ASN B 49 30.78 -8.53 -6.05
C ASN B 49 30.79 -8.52 -6.05
N THR B 50 31.80 -8.08 -5.31
CA THR B 50 31.72 -6.80 -4.63
C THR B 50 31.57 -5.67 -5.64
N PRO B 51 30.68 -4.70 -5.38
CA PRO B 51 30.51 -3.58 -6.32
C PRO B 51 31.79 -2.80 -6.58
N GLN B 52 32.74 -2.81 -5.65
CA GLN B 52 34.01 -2.13 -5.89
C GLN B 52 34.69 -2.65 -7.14
N ARG B 53 34.62 -3.96 -7.37
CA ARG B 53 35.17 -4.53 -8.58
C ARG B 53 34.44 -4.00 -9.82
N LEU B 54 33.13 -3.86 -9.73
CA LEU B 54 32.37 -3.31 -10.84
C LEU B 54 32.80 -1.88 -11.14
N TRP B 55 33.00 -1.07 -10.11
CA TRP B 55 33.46 0.30 -10.34
C TRP B 55 34.85 0.31 -10.96
N GLU B 56 35.72 -0.59 -10.52
CA GLU B 56 37.05 -0.67 -11.10
C GLU B 56 36.98 -1.03 -12.58
N LEU B 57 36.11 -1.98 -12.93
CA LEU B 57 35.93 -2.32 -14.34
C LEU B 57 35.41 -1.13 -15.14
N LEU B 58 34.43 -0.42 -14.58
CA LEU B 58 33.84 0.70 -15.30
C LEU B 58 34.87 1.80 -15.55
N ARG B 59 35.69 2.09 -14.54
N ARG B 59 35.69 2.10 -14.53
CA ARG B 59 36.67 3.17 -14.67
CA ARG B 59 36.66 3.18 -14.69
C ARG B 59 37.83 2.76 -15.57
C ARG B 59 37.85 2.77 -15.54
N GLU B 60 38.25 1.49 -15.50
CA GLU B 60 39.38 1.02 -16.28
C GLU B 60 38.99 0.58 -17.68
N GLY B 61 37.70 0.54 -18.00
CA GLY B 61 37.27 0.05 -19.29
C GLY B 61 37.32 -1.47 -19.36
N GLY B 62 37.42 -1.96 -20.59
CA GLY B 62 37.48 -3.38 -20.83
C GLY B 62 36.11 -4.02 -20.83
N GLU B 63 36.09 -5.31 -21.11
CA GLU B 63 34.85 -6.05 -21.22
C GLU B 63 34.86 -7.28 -20.32
N THR B 64 33.83 -8.11 -20.43
CA THR B 64 33.74 -9.32 -19.63
C THR B 64 33.42 -10.55 -20.48
N LEU B 65 33.86 -10.57 -21.73
CA LEU B 65 33.50 -11.65 -22.64
C LEU B 65 34.17 -12.96 -22.23
N SER B 66 33.50 -14.07 -22.51
CA SER B 66 34.03 -15.40 -22.21
C SER B 66 33.44 -16.39 -23.19
N GLY B 67 34.09 -17.53 -23.30
CA GLY B 67 33.61 -18.58 -24.17
C GLY B 67 32.44 -19.33 -23.55
N PHE B 68 32.01 -20.37 -24.26
CA PHE B 68 30.89 -21.17 -23.80
C PHE B 68 31.26 -21.90 -22.50
N PRO B 69 30.27 -22.11 -21.63
CA PRO B 69 30.53 -22.78 -20.34
C PRO B 69 30.68 -24.30 -20.48
N THR B 70 31.89 -24.73 -20.83
CA THR B 70 32.16 -26.13 -21.09
C THR B 70 32.40 -26.89 -19.78
N ASP B 71 31.43 -26.78 -18.88
CA ASP B 71 31.49 -27.49 -17.61
C ASP B 71 30.20 -28.23 -17.24
N ARG B 72 29.04 -27.80 -17.70
CA ARG B 72 27.77 -28.36 -17.28
C ARG B 72 26.96 -28.95 -18.42
N GLY B 73 26.72 -28.17 -19.47
CA GLY B 73 25.83 -28.61 -20.53
C GLY B 73 26.56 -29.35 -21.62
N TRP B 74 26.60 -28.78 -22.81
CA TRP B 74 27.16 -29.43 -23.98
C TRP B 74 27.38 -28.38 -25.06
N ASP B 75 28.04 -28.79 -26.14
CA ASP B 75 28.37 -27.91 -27.26
C ASP B 75 27.25 -27.97 -28.30
N LEU B 76 26.70 -26.81 -28.64
CA LEU B 76 25.33 -26.74 -29.15
C LEU B 76 25.08 -27.60 -30.38
N ALA B 77 25.57 -27.18 -31.54
CA ALA B 77 25.66 -28.08 -32.69
C ALA B 77 27.09 -28.56 -32.91
N ARG B 78 27.74 -29.06 -31.86
CA ARG B 78 29.15 -29.40 -31.91
C ARG B 78 29.96 -28.25 -32.53
N LEU B 79 29.96 -27.12 -31.81
CA LEU B 79 30.51 -25.87 -32.32
C LEU B 79 29.77 -25.47 -33.59
N HIS B 80 28.50 -25.08 -33.42
CA HIS B 80 27.53 -24.91 -34.50
C HIS B 80 28.17 -24.27 -35.73
N HIS B 81 28.04 -24.96 -36.86
CA HIS B 81 28.52 -24.44 -38.12
C HIS B 81 27.63 -23.29 -38.59
N PRO B 82 28.15 -22.41 -39.48
CA PRO B 82 27.34 -21.31 -40.03
C PRO B 82 26.39 -21.74 -41.15
N ASP B 83 25.70 -22.85 -40.94
CA ASP B 83 24.69 -23.36 -41.86
C ASP B 83 23.39 -23.49 -41.07
N PRO B 84 22.52 -22.49 -41.13
CA PRO B 84 21.41 -22.42 -40.16
C PRO B 84 20.26 -23.36 -40.46
N ASP B 85 20.20 -24.48 -39.74
CA ASP B 85 18.96 -25.24 -39.63
C ASP B 85 18.49 -25.35 -38.17
N ASN B 86 19.28 -25.98 -37.31
CA ASN B 86 18.97 -26.11 -35.89
C ASN B 86 19.42 -24.93 -35.02
N PRO B 87 20.70 -24.51 -35.08
CA PRO B 87 21.20 -23.61 -34.03
C PRO B 87 21.01 -22.13 -34.33
N GLY B 88 21.47 -21.28 -33.41
CA GLY B 88 21.42 -19.85 -33.66
C GLY B 88 22.25 -19.44 -34.86
N THR B 89 23.43 -20.07 -35.02
CA THR B 89 24.19 -20.05 -36.25
C THR B 89 24.79 -18.67 -36.57
N SER B 90 24.40 -17.65 -35.82
CA SER B 90 24.98 -16.34 -36.02
C SER B 90 26.38 -16.23 -35.44
N TYR B 91 27.01 -17.36 -35.12
CA TYR B 91 28.33 -17.42 -34.51
C TYR B 91 28.40 -16.51 -33.29
N VAL B 92 27.38 -16.63 -32.45
CA VAL B 92 27.30 -15.88 -31.20
C VAL B 92 27.94 -16.71 -30.10
N ASP B 93 28.70 -17.72 -30.50
CA ASP B 93 29.36 -18.60 -29.53
C ASP B 93 30.23 -17.83 -28.57
N LYS B 94 30.82 -16.72 -29.00
CA LYS B 94 31.59 -15.90 -28.09
C LYS B 94 30.67 -15.35 -26.99
N GLY B 95 29.73 -14.48 -27.36
CA GLY B 95 28.69 -14.00 -26.47
C GLY B 95 29.11 -13.70 -25.04
N GLY B 96 28.20 -13.95 -24.11
CA GLY B 96 28.53 -13.95 -22.69
C GLY B 96 28.64 -15.38 -22.21
N PHE B 97 27.74 -16.23 -22.70
CA PHE B 97 27.85 -17.68 -22.59
C PHE B 97 28.00 -18.14 -21.14
N LEU B 98 26.97 -17.85 -20.36
CA LEU B 98 26.93 -18.23 -18.94
C LEU B 98 28.21 -17.83 -18.22
N ASP B 99 28.59 -16.58 -18.40
CA ASP B 99 29.78 -16.04 -17.73
C ASP B 99 29.46 -15.87 -16.24
N ASP B 100 29.50 -16.99 -15.52
CA ASP B 100 29.15 -17.05 -14.11
C ASP B 100 29.64 -18.40 -13.57
N ALA B 101 29.17 -18.78 -12.38
CA ALA B 101 29.43 -20.08 -11.77
C ALA B 101 28.10 -20.65 -11.26
N ALA B 102 28.18 -21.81 -10.60
CA ALA B 102 26.99 -22.46 -10.07
C ALA B 102 27.39 -23.35 -8.89
N GLY B 103 27.18 -22.84 -7.68
CA GLY B 103 27.49 -23.58 -6.47
C GLY B 103 26.55 -23.18 -5.36
N PHE B 104 26.66 -23.89 -4.24
CA PHE B 104 25.75 -23.66 -3.13
C PHE B 104 26.39 -24.14 -1.83
N ASP B 105 25.84 -23.66 -0.71
CA ASP B 105 26.30 -24.04 0.61
C ASP B 105 25.37 -25.03 1.31
N ALA B 106 24.06 -24.93 1.06
CA ALA B 106 23.08 -25.88 1.58
C ALA B 106 23.01 -25.89 3.10
N GLU B 107 24.08 -26.34 3.74
CA GLU B 107 24.05 -26.50 5.19
C GLU B 107 23.87 -25.17 5.91
N PHE B 108 24.34 -24.08 5.32
CA PHE B 108 24.17 -22.78 5.95
C PHE B 108 22.70 -22.42 6.09
N PHE B 109 21.91 -22.69 5.04
CA PHE B 109 20.48 -22.47 5.08
C PHE B 109 19.70 -23.69 5.52
N GLY B 110 20.38 -24.82 5.75
CA GLY B 110 19.71 -26.01 6.23
C GLY B 110 18.69 -26.57 5.27
N VAL B 111 19.02 -26.62 3.97
CA VAL B 111 18.10 -27.17 2.99
C VAL B 111 18.33 -28.65 2.73
N SER B 112 19.49 -29.19 3.13
CA SER B 112 19.86 -30.59 2.98
C SER B 112 20.05 -30.97 1.51
N PRO B 113 20.79 -32.04 1.21
CA PRO B 113 21.03 -32.39 -0.19
C PRO B 113 19.80 -32.99 -0.85
N ARG B 114 19.97 -33.48 -2.08
CA ARG B 114 18.90 -34.00 -2.92
C ARG B 114 17.96 -32.88 -3.37
N GLU B 115 17.23 -32.27 -2.45
CA GLU B 115 16.38 -31.15 -2.84
C GLU B 115 17.19 -29.94 -3.28
N ALA B 116 18.43 -29.82 -2.81
CA ALA B 116 19.30 -28.77 -3.33
C ALA B 116 19.60 -28.97 -4.81
N ALA B 117 19.63 -30.22 -5.26
CA ALA B 117 19.85 -30.48 -6.68
C ALA B 117 18.69 -29.96 -7.52
N ALA B 118 17.46 -30.06 -7.01
CA ALA B 118 16.31 -29.59 -7.76
C ALA B 118 16.20 -28.07 -7.80
N MET B 119 16.97 -27.38 -6.97
CA MET B 119 16.91 -25.92 -6.94
C MET B 119 17.57 -25.35 -8.20
N ASP B 120 16.88 -24.42 -8.85
CA ASP B 120 17.49 -23.68 -9.95
C ASP B 120 18.48 -22.67 -9.38
N PRO B 121 19.49 -22.28 -10.16
CA PRO B 121 20.52 -21.37 -9.62
C PRO B 121 19.97 -20.02 -9.20
N GLN B 122 18.83 -19.60 -9.74
CA GLN B 122 18.26 -18.31 -9.38
C GLN B 122 18.02 -18.22 -7.88
N GLN B 123 17.35 -19.22 -7.31
CA GLN B 123 16.96 -19.14 -5.91
C GLN B 123 18.18 -19.18 -5.00
N ARG B 124 19.15 -20.04 -5.30
CA ARG B 124 20.35 -20.12 -4.48
C ARG B 124 21.14 -18.82 -4.51
N LEU B 125 21.34 -18.27 -5.71
CA LEU B 125 22.08 -17.02 -5.81
C LEU B 125 21.31 -15.88 -5.15
N LEU B 126 19.98 -15.91 -5.23
CA LEU B 126 19.18 -14.89 -4.57
C LEU B 126 19.34 -14.98 -3.06
N LEU B 127 19.36 -16.19 -2.50
CA LEU B 127 19.57 -16.33 -1.07
C LEU B 127 20.93 -15.77 -0.66
N GLU B 128 21.98 -16.16 -1.39
CA GLU B 128 23.31 -15.67 -1.05
C GLU B 128 23.40 -14.15 -1.13
N THR B 129 22.85 -13.57 -2.20
CA THR B 129 22.92 -12.13 -2.38
C THR B 129 22.07 -11.40 -1.35
N SER B 130 20.93 -11.96 -0.96
CA SER B 130 20.13 -11.34 0.09
C SER B 130 20.89 -11.30 1.41
N TRP B 131 21.55 -12.40 1.76
CA TRP B 131 22.34 -12.40 2.99
C TRP B 131 23.46 -11.37 2.91
N GLU B 132 24.15 -11.32 1.78
CA GLU B 132 25.24 -10.35 1.63
C GLU B 132 24.71 -8.93 1.72
N LEU B 133 23.56 -8.65 1.11
CA LEU B 133 22.98 -7.32 1.13
C LEU B 133 22.61 -6.91 2.54
N VAL B 134 21.99 -7.82 3.31
CA VAL B 134 21.64 -7.49 4.68
C VAL B 134 22.89 -7.22 5.50
N GLU B 135 23.92 -8.04 5.32
CA GLU B 135 25.15 -7.81 6.07
C GLU B 135 25.80 -6.47 5.72
N ASN B 136 25.81 -6.11 4.43
CA ASN B 136 26.48 -4.90 4.00
C ASN B 136 25.83 -3.64 4.58
N ALA B 137 24.52 -3.70 4.86
CA ALA B 137 23.84 -2.52 5.40
C ALA B 137 24.25 -2.21 6.83
N GLY B 138 25.01 -3.09 7.49
CA GLY B 138 25.34 -2.89 8.88
C GLY B 138 24.24 -3.23 9.84
N ILE B 139 23.40 -4.21 9.49
CA ILE B 139 22.26 -4.61 10.30
C ILE B 139 22.38 -6.10 10.58
N ASP B 140 22.17 -6.49 11.83
CA ASP B 140 22.19 -7.90 12.19
C ASP B 140 20.99 -8.59 11.55
N PRO B 141 21.20 -9.63 10.73
CA PRO B 141 20.04 -10.29 10.09
C PRO B 141 19.04 -10.83 11.08
N HIS B 142 19.48 -11.38 12.21
CA HIS B 142 18.55 -11.91 13.19
C HIS B 142 17.65 -10.82 13.77
N SER B 143 18.10 -9.57 13.76
CA SER B 143 17.26 -8.47 14.23
C SER B 143 16.08 -8.22 13.30
N LEU B 144 16.15 -8.69 12.06
CA LEU B 144 15.05 -8.51 11.11
C LEU B 144 13.99 -9.60 11.21
N ARG B 145 14.17 -10.55 12.12
CA ARG B 145 13.18 -11.61 12.25
C ARG B 145 11.89 -11.06 12.84
N GLY B 146 10.77 -11.34 12.18
CA GLY B 146 9.47 -10.90 12.67
C GLY B 146 9.08 -9.49 12.31
N THR B 147 9.87 -8.79 11.51
CA THR B 147 9.56 -7.42 11.13
C THR B 147 8.61 -7.42 9.94
N ALA B 148 8.38 -6.24 9.35
CA ALA B 148 7.44 -6.07 8.25
C ALA B 148 8.15 -5.69 6.95
N THR B 149 9.27 -6.35 6.67
CA THR B 149 10.03 -6.09 5.45
C THR B 149 9.45 -6.88 4.28
N GLY B 150 9.25 -6.21 3.14
CA GLY B 150 8.71 -6.84 1.96
C GLY B 150 9.77 -7.25 0.96
N VAL B 151 9.34 -8.04 -0.03
CA VAL B 151 10.22 -8.56 -1.07
C VAL B 151 9.54 -8.34 -2.42
N PHE B 152 10.28 -7.83 -3.39
CA PHE B 152 9.76 -7.60 -4.74
C PHE B 152 10.82 -8.01 -5.74
N LEU B 153 10.48 -8.95 -6.62
CA LEU B 153 11.44 -9.48 -7.57
C LEU B 153 10.78 -9.70 -8.92
N GLY B 154 11.61 -9.86 -9.95
CA GLY B 154 11.14 -10.32 -11.25
C GLY B 154 12.04 -11.33 -11.92
N VAL B 155 11.56 -12.56 -12.10
CA VAL B 155 12.30 -13.64 -12.76
C VAL B 155 11.31 -14.54 -13.48
N ALA B 156 11.71 -15.04 -14.66
CA ALA B 156 11.05 -16.15 -15.32
C ALA B 156 11.86 -16.70 -16.50
N LYS B 157 12.21 -17.99 -16.47
CA LYS B 157 12.85 -18.65 -17.61
C LYS B 157 12.87 -20.16 -17.36
N PHE B 158 13.61 -20.92 -18.18
CA PHE B 158 13.59 -22.38 -18.09
C PHE B 158 13.78 -22.87 -16.66
N GLY B 159 13.15 -24.01 -16.38
CA GLY B 159 13.20 -24.65 -15.07
C GLY B 159 14.46 -25.46 -14.84
N TYR B 160 15.55 -24.77 -14.52
CA TYR B 160 16.83 -25.39 -14.24
C TYR B 160 17.28 -26.25 -15.42
N GLY B 161 17.63 -27.51 -15.15
CA GLY B 161 18.00 -28.41 -16.21
C GLY B 161 16.84 -28.96 -16.99
N GLU B 162 15.62 -28.81 -16.46
CA GLU B 162 14.40 -29.31 -17.10
C GLU B 162 14.59 -30.77 -17.49
N ASP B 163 14.03 -31.14 -18.65
CA ASP B 163 14.19 -32.46 -19.24
C ASP B 163 14.16 -33.57 -18.20
N THR B 164 15.20 -34.42 -18.20
CA THR B 164 15.35 -35.51 -17.24
C THR B 164 14.06 -36.27 -17.04
N ALA B 165 13.76 -36.63 -15.79
CA ALA B 165 12.54 -37.33 -15.43
C ALA B 165 12.36 -37.32 -13.92
N ALA B 166 11.18 -37.70 -13.46
CA ALA B 166 10.94 -37.79 -12.01
C ALA B 166 11.52 -39.08 -11.46
N ALA B 167 11.20 -39.39 -10.21
CA ALA B 167 11.69 -40.60 -9.58
C ALA B 167 10.79 -40.94 -8.39
N GLU B 168 11.28 -40.71 -7.17
CA GLU B 168 10.45 -40.82 -5.98
C GLU B 168 10.64 -39.55 -5.18
N ASP B 169 9.92 -38.49 -5.58
CA ASP B 169 9.86 -37.23 -4.83
C ASP B 169 8.56 -37.13 -4.05
N VAL B 170 8.39 -37.97 -3.03
CA VAL B 170 7.15 -38.00 -2.25
C VAL B 170 6.98 -36.68 -1.52
N GLU B 171 8.09 -35.98 -1.27
CA GLU B 171 8.01 -34.71 -0.55
C GLU B 171 7.47 -33.61 -1.45
N GLY B 172 7.92 -33.56 -2.70
CA GLY B 172 7.47 -32.54 -3.61
C GLY B 172 8.51 -31.48 -3.90
N TYR B 173 9.78 -31.87 -3.92
CA TYR B 173 10.88 -30.95 -4.14
C TYR B 173 11.06 -30.64 -5.63
N SER B 174 10.22 -31.24 -6.48
CA SER B 174 10.34 -31.07 -7.91
C SER B 174 9.46 -29.96 -8.47
N VAL B 175 8.45 -29.51 -7.73
CA VAL B 175 7.55 -28.47 -8.23
C VAL B 175 7.83 -27.16 -7.51
N THR B 176 8.35 -27.25 -6.28
CA THR B 176 8.64 -26.05 -5.50
C THR B 176 10.11 -25.71 -5.59
N GLY B 177 10.74 -26.04 -6.71
CA GLY B 177 12.15 -25.73 -6.90
C GLY B 177 12.40 -25.06 -8.23
N VAL B 178 11.39 -25.06 -9.10
CA VAL B 178 11.50 -24.44 -10.40
C VAL B 178 10.33 -23.48 -10.61
N ALA B 179 9.71 -23.08 -9.52
CA ALA B 179 8.59 -22.15 -9.65
C ALA B 179 9.09 -20.71 -9.60
N PRO B 180 8.51 -19.83 -10.40
CA PRO B 180 8.95 -18.43 -10.39
C PRO B 180 8.39 -17.64 -9.23
N ALA B 181 7.29 -18.13 -8.66
CA ALA B 181 6.62 -17.46 -7.55
C ALA B 181 7.07 -17.95 -6.19
N VAL B 182 8.07 -18.83 -6.14
CA VAL B 182 8.54 -19.40 -4.88
C VAL B 182 9.86 -18.80 -4.41
N ALA B 183 10.52 -17.99 -5.25
CA ALA B 183 11.77 -17.37 -4.83
C ALA B 183 11.55 -16.40 -3.67
N SER B 184 10.57 -15.52 -3.81
CA SER B 184 10.25 -14.59 -2.72
C SER B 184 9.77 -15.35 -1.50
N GLY B 185 8.99 -16.41 -1.70
CA GLY B 185 8.55 -17.21 -0.57
C GLY B 185 9.70 -17.83 0.17
N ARG B 186 10.69 -18.37 -0.55
CA ARG B 186 11.85 -18.95 0.09
C ARG B 186 12.65 -17.90 0.86
N ILE B 187 12.82 -16.72 0.25
CA ILE B 187 13.56 -15.66 0.93
C ILE B 187 12.87 -15.28 2.23
N SER B 188 11.55 -15.08 2.17
CA SER B 188 10.81 -14.72 3.37
C SER B 188 10.88 -15.82 4.42
N TYR B 189 10.73 -17.08 4.00
CA TYR B 189 10.73 -18.19 4.94
C TYR B 189 12.07 -18.34 5.63
N THR B 190 13.17 -18.23 4.89
CA THR B 190 14.49 -18.39 5.50
C THR B 190 14.84 -17.19 6.36
N MET B 191 14.59 -15.97 5.88
CA MET B 191 14.97 -14.79 6.64
C MET B 191 14.03 -14.56 7.82
N GLY B 192 12.75 -14.92 7.68
CA GLY B 192 11.79 -14.69 8.72
C GLY B 192 10.98 -13.41 8.58
N LEU B 193 11.02 -12.77 7.42
CA LEU B 193 10.28 -11.52 7.22
C LEU B 193 8.78 -11.80 7.15
N GLU B 194 7.99 -10.73 7.24
CA GLU B 194 6.54 -10.86 7.20
C GLU B 194 5.86 -9.86 6.28
N GLY B 195 6.61 -9.11 5.49
CA GLY B 195 6.00 -8.20 4.54
C GLY B 195 5.52 -8.92 3.31
N PRO B 196 4.82 -8.18 2.44
CA PRO B 196 4.33 -8.77 1.19
C PRO B 196 5.47 -9.23 0.30
N SER B 197 5.22 -10.30 -0.45
CA SER B 197 6.20 -10.85 -1.39
C SER B 197 5.59 -10.89 -2.77
N ILE B 198 6.30 -10.32 -3.75
CA ILE B 198 5.79 -10.17 -5.11
C ILE B 198 6.83 -10.70 -6.09
N SER B 199 6.35 -11.40 -7.12
CA SER B 199 7.19 -12.05 -8.11
C SER B 199 6.82 -11.59 -9.51
N VAL B 200 6.79 -10.27 -9.72
CA VAL B 200 6.26 -9.70 -10.95
C VAL B 200 7.07 -10.16 -12.15
N ASP B 201 6.49 -10.01 -13.34
CA ASP B 201 7.16 -10.39 -14.57
C ASP B 201 6.57 -9.59 -15.72
N THR B 202 7.32 -8.60 -16.21
CA THR B 202 6.93 -7.82 -17.38
C THR B 202 8.14 -7.57 -18.27
N ALA B 203 8.92 -8.63 -18.52
CA ALA B 203 10.04 -8.63 -19.44
C ALA B 203 11.22 -7.79 -18.94
N CYS B 204 11.94 -7.16 -19.88
CA CYS B 204 13.25 -6.58 -19.61
C CYS B 204 13.21 -5.44 -18.61
N SER B 205 12.06 -4.80 -18.46
CA SER B 205 11.92 -3.68 -17.54
C SER B 205 11.39 -4.11 -16.17
N SER B 206 11.15 -5.40 -15.97
CA SER B 206 10.43 -5.87 -14.79
C SER B 206 11.04 -5.32 -13.51
N SER B 207 12.36 -5.40 -13.37
CA SER B 207 13.01 -4.93 -12.15
C SER B 207 12.59 -3.50 -11.83
N LEU B 208 12.70 -2.61 -12.81
CA LEU B 208 12.32 -1.22 -12.57
C LEU B 208 10.87 -1.13 -12.13
N VAL B 209 9.99 -1.89 -12.80
CA VAL B 209 8.58 -1.89 -12.41
C VAL B 209 8.45 -2.27 -10.95
N ALA B 210 9.17 -3.33 -10.54
CA ALA B 210 9.13 -3.75 -9.15
C ALA B 210 9.47 -2.57 -8.24
N LEU B 211 10.55 -1.85 -8.57
CA LEU B 211 10.94 -0.70 -7.77
C LEU B 211 9.78 0.23 -7.55
N HIS B 212 9.06 0.57 -8.62
CA HIS B 212 7.94 1.49 -8.49
C HIS B 212 6.96 0.99 -7.45
N LEU B 213 6.56 -0.28 -7.55
CA LEU B 213 5.60 -0.83 -6.60
C LEU B 213 6.14 -0.70 -5.18
N ALA B 214 7.43 -1.02 -5.00
CA ALA B 214 8.02 -0.93 -3.67
C ALA B 214 7.84 0.46 -3.09
N VAL B 215 8.08 1.49 -3.91
CA VAL B 215 7.94 2.86 -3.43
C VAL B 215 6.56 3.08 -2.84
N GLU B 216 5.53 2.62 -3.56
CA GLU B 216 4.17 2.78 -3.07
C GLU B 216 4.01 2.13 -1.71
N SER B 217 4.49 0.88 -1.56
CA SER B 217 4.33 0.19 -0.30
C SER B 217 5.06 0.91 0.82
N LEU B 218 6.10 1.66 0.50
CA LEU B 218 6.79 2.41 1.54
C LEU B 218 6.04 3.70 1.90
N ARG B 219 5.37 4.32 0.92
CA ARG B 219 4.73 5.59 1.18
C ARG B 219 3.38 5.46 1.85
N LYS B 220 2.80 4.27 1.87
CA LYS B 220 1.51 4.03 2.50
C LYS B 220 1.65 3.55 3.94
N GLY B 221 2.87 3.51 4.48
CA GLY B 221 3.08 3.03 5.82
C GLY B 221 2.74 1.56 6.01
N GLU B 222 3.05 0.73 5.01
CA GLU B 222 2.75 -0.69 5.05
C GLU B 222 3.97 -1.56 5.33
N SER B 223 5.13 -1.19 4.80
CA SER B 223 6.37 -1.93 5.02
C SER B 223 7.43 -0.99 5.57
N SER B 224 8.16 -1.46 6.58
CA SER B 224 9.22 -0.63 7.16
C SER B 224 10.41 -0.51 6.22
N MET B 225 10.83 -1.62 5.62
CA MET B 225 11.96 -1.64 4.69
C MET B 225 11.59 -2.50 3.50
N ALA B 226 12.23 -2.23 2.37
CA ALA B 226 11.93 -2.96 1.14
C ALA B 226 13.20 -3.56 0.54
N VAL B 227 13.08 -4.79 0.05
CA VAL B 227 14.18 -5.46 -0.62
C VAL B 227 13.83 -5.65 -2.09
N VAL B 228 14.25 -4.72 -2.93
CA VAL B 228 13.91 -4.77 -4.34
C VAL B 228 15.10 -5.32 -5.11
N GLY B 229 14.87 -5.72 -6.35
CA GLY B 229 15.96 -6.17 -7.18
C GLY B 229 15.48 -7.07 -8.30
N GLY B 230 16.44 -7.49 -9.12
CA GLY B 230 16.16 -8.35 -10.24
C GLY B 230 17.23 -9.41 -10.43
N ALA B 231 16.81 -10.63 -10.71
CA ALA B 231 17.73 -11.75 -10.84
C ALA B 231 17.62 -12.34 -12.23
N ALA B 232 18.77 -12.55 -12.88
CA ALA B 232 18.79 -13.31 -14.12
C ALA B 232 18.57 -14.78 -13.80
N VAL B 233 18.69 -15.63 -14.82
CA VAL B 233 18.38 -17.04 -14.68
C VAL B 233 19.58 -17.94 -14.85
N MET B 234 20.51 -17.61 -15.74
CA MET B 234 21.71 -18.41 -15.96
C MET B 234 21.36 -19.88 -16.21
N ALA B 235 20.35 -20.09 -17.05
CA ALA B 235 19.76 -21.42 -17.19
C ALA B 235 20.49 -22.23 -18.27
N THR B 236 19.87 -23.33 -18.68
CA THR B 236 20.45 -24.23 -19.66
C THR B 236 20.71 -23.49 -20.97
N PRO B 237 21.80 -23.81 -21.67
CA PRO B 237 22.06 -23.16 -22.96
C PRO B 237 20.90 -23.34 -23.92
N GLY B 238 20.62 -22.29 -24.68
CA GLY B 238 19.45 -22.20 -25.54
C GLY B 238 19.29 -20.76 -26.00
N VAL B 239 18.04 -20.35 -26.16
CA VAL B 239 17.70 -18.95 -26.45
C VAL B 239 18.32 -18.48 -27.75
N PHE B 240 19.64 -18.65 -27.89
CA PHE B 240 20.32 -18.25 -29.11
C PHE B 240 19.73 -18.95 -30.32
N VAL B 241 19.25 -20.18 -30.14
CA VAL B 241 18.75 -20.97 -31.27
C VAL B 241 17.51 -20.33 -31.87
N ASP B 242 16.59 -19.85 -31.04
CA ASP B 242 15.32 -19.33 -31.57
C ASP B 242 15.52 -18.02 -32.31
N PHE B 243 16.62 -17.31 -32.08
CA PHE B 243 16.88 -16.09 -32.82
C PHE B 243 17.38 -16.44 -34.22
N SER B 244 16.45 -16.54 -35.17
CA SER B 244 16.77 -16.95 -36.53
C SER B 244 17.34 -15.77 -37.30
N ARG B 245 18.55 -15.37 -36.91
CA ARG B 245 19.36 -14.39 -37.65
C ARG B 245 18.74 -12.99 -37.63
N GLN B 246 17.55 -12.86 -37.05
CA GLN B 246 16.87 -11.57 -36.97
C GLN B 246 17.48 -10.65 -35.92
N ARG B 247 18.42 -11.14 -35.14
CA ARG B 247 18.96 -10.41 -33.99
C ARG B 247 20.26 -11.13 -33.60
N ALA B 248 20.87 -10.70 -32.49
CA ALA B 248 22.08 -11.32 -31.96
C ALA B 248 23.21 -11.26 -32.98
N LEU B 249 23.68 -10.04 -33.20
CA LEU B 249 24.73 -9.77 -34.18
C LEU B 249 25.95 -10.66 -33.98
N ALA B 250 26.70 -10.85 -35.06
CA ALA B 250 27.97 -11.54 -34.98
C ALA B 250 28.95 -10.75 -34.12
N ALA B 251 29.85 -11.47 -33.45
CA ALA B 251 30.66 -10.90 -32.38
C ALA B 251 29.74 -10.22 -31.36
N ASP B 252 28.83 -11.03 -30.81
CA ASP B 252 27.73 -10.51 -30.02
C ASP B 252 28.21 -9.72 -28.81
N GLY B 253 29.39 -10.06 -28.28
CA GLY B 253 29.86 -9.41 -27.08
C GLY B 253 30.08 -7.92 -27.22
N ARG B 254 30.17 -7.42 -28.45
CA ARG B 254 30.37 -5.99 -28.64
C ARG B 254 29.17 -5.19 -28.12
N SER B 255 27.97 -5.59 -28.55
CA SER B 255 26.72 -4.93 -28.12
C SER B 255 26.81 -3.41 -28.29
N LYS B 256 27.33 -3.01 -29.45
CA LYS B 256 27.60 -1.61 -29.71
C LYS B 256 26.31 -0.79 -29.69
N ALA B 257 26.15 0.03 -28.66
CA ALA B 257 25.03 0.97 -28.62
C ALA B 257 25.30 2.11 -29.58
N PHE B 258 24.28 2.51 -30.33
CA PHE B 258 24.38 3.44 -31.46
C PHE B 258 25.72 3.33 -32.18
N GLY B 259 26.47 4.42 -32.24
CA GLY B 259 27.76 4.37 -32.91
C GLY B 259 27.59 4.11 -34.39
N ALA B 260 28.33 3.13 -34.90
CA ALA B 260 28.30 2.82 -36.33
C ALA B 260 27.56 1.52 -36.63
N GLY B 261 27.99 0.41 -36.03
CA GLY B 261 27.38 -0.86 -36.34
C GLY B 261 25.95 -0.99 -35.87
N ALA B 262 25.76 -1.08 -34.55
CA ALA B 262 24.44 -1.12 -33.93
C ALA B 262 23.53 -2.13 -34.64
N ASP B 263 24.08 -3.31 -34.92
CA ASP B 263 23.38 -4.34 -35.68
C ASP B 263 22.94 -5.50 -34.82
N GLY B 264 22.85 -5.32 -33.52
CA GLY B 264 22.41 -6.39 -32.64
C GLY B 264 22.70 -6.04 -31.20
N PHE B 265 22.40 -7.00 -30.31
CA PHE B 265 22.58 -6.80 -28.89
C PHE B 265 23.35 -7.98 -28.30
N GLY B 266 24.06 -7.72 -27.22
CA GLY B 266 24.85 -8.73 -26.55
C GLY B 266 24.00 -9.62 -25.68
N PHE B 267 24.68 -10.46 -24.90
CA PHE B 267 23.99 -11.37 -24.00
C PHE B 267 24.85 -11.65 -22.79
N SER B 268 24.23 -11.67 -21.63
CA SER B 268 24.90 -11.90 -20.36
C SER B 268 23.84 -12.11 -19.29
N GLU B 269 24.29 -12.24 -18.04
CA GLU B 269 23.40 -12.54 -16.92
C GLU B 269 23.92 -11.83 -15.68
N GLY B 270 23.33 -12.15 -14.54
CA GLY B 270 23.72 -11.57 -13.26
C GLY B 270 22.50 -11.14 -12.48
N VAL B 271 22.69 -11.02 -11.16
CA VAL B 271 21.61 -10.67 -10.25
C VAL B 271 22.00 -9.40 -9.50
N THR B 272 20.99 -8.69 -9.00
CA THR B 272 21.22 -7.43 -8.32
C THR B 272 20.11 -7.19 -7.30
N LEU B 273 20.48 -6.74 -6.10
CA LEU B 273 19.54 -6.47 -5.04
C LEU B 273 19.88 -5.15 -4.37
N VAL B 274 18.84 -4.44 -3.94
CA VAL B 274 18.96 -3.10 -3.36
C VAL B 274 17.96 -2.99 -2.20
N LEU B 275 18.35 -2.26 -1.16
CA LEU B 275 17.47 -1.95 -0.04
C LEU B 275 16.88 -0.56 -0.19
N LEU B 276 15.66 -0.39 0.31
CA LEU B 276 14.97 0.88 0.26
C LEU B 276 14.31 1.18 1.60
N GLU B 277 14.36 2.44 2.00
CA GLU B 277 13.75 2.85 3.26
C GLU B 277 13.36 4.31 3.19
N ARG B 278 12.33 4.69 3.94
CA ARG B 278 11.95 6.10 4.01
C ARG B 278 13.10 6.93 4.58
N LEU B 279 13.27 8.13 4.03
CA LEU B 279 14.41 8.97 4.40
C LEU B 279 14.36 9.34 5.88
N SER B 280 13.18 9.71 6.39
CA SER B 280 13.07 10.14 7.77
C SER B 280 13.45 9.02 8.73
N GLU B 281 12.95 7.81 8.47
CA GLU B 281 13.29 6.68 9.34
C GLU B 281 14.78 6.34 9.26
N ALA B 282 15.36 6.42 8.06
CA ALA B 282 16.79 6.15 7.92
C ALA B 282 17.61 7.16 8.72
N ARG B 283 17.24 8.44 8.66
CA ARG B 283 17.94 9.45 9.44
C ARG B 283 17.76 9.20 10.93
N ARG B 284 16.54 8.82 11.35
CA ARG B 284 16.28 8.60 12.76
C ARG B 284 17.08 7.42 13.30
N ASN B 285 17.17 6.34 12.53
CA ASN B 285 17.83 5.13 12.99
C ASN B 285 19.34 5.15 12.80
N GLY B 286 19.87 6.16 12.11
CA GLY B 286 21.31 6.29 11.96
C GLY B 286 21.92 5.50 10.82
N HIS B 287 21.11 4.81 10.02
CA HIS B 287 21.65 4.10 8.87
C HIS B 287 22.21 5.09 7.86
N GLU B 288 23.33 4.73 7.24
CA GLU B 288 23.92 5.57 6.21
C GLU B 288 23.06 5.54 4.96
N VAL B 289 23.06 6.66 4.24
CA VAL B 289 22.25 6.83 3.03
C VAL B 289 23.19 7.14 1.86
N LEU B 290 22.99 6.42 0.76
CA LEU B 290 23.82 6.60 -0.43
C LEU B 290 23.21 7.60 -1.41
N ALA B 291 21.92 7.43 -1.72
CA ALA B 291 21.21 8.38 -2.58
C ALA B 291 19.72 8.25 -2.31
N VAL B 292 18.95 9.08 -3.00
CA VAL B 292 17.51 9.14 -2.80
C VAL B 292 16.79 9.05 -4.13
N VAL B 293 15.59 8.50 -4.08
CA VAL B 293 14.70 8.36 -5.22
C VAL B 293 13.51 9.27 -5.00
N ARG B 294 13.12 10.00 -6.04
CA ARG B 294 12.13 11.06 -5.96
C ARG B 294 11.11 10.96 -7.09
N GLY B 295 10.56 9.77 -7.31
CA GLY B 295 9.43 9.59 -8.20
C GLY B 295 9.75 8.66 -9.36
N SER B 296 8.67 8.24 -10.01
CA SER B 296 8.74 7.32 -11.14
C SER B 296 7.45 7.43 -11.92
N ALA B 297 7.44 6.78 -13.09
CA ALA B 297 6.26 6.80 -13.94
C ALA B 297 6.19 5.52 -14.76
N LEU B 298 4.99 5.18 -15.21
CA LEU B 298 4.76 3.99 -16.02
C LEU B 298 3.67 4.29 -17.03
N ASN B 299 3.78 3.67 -18.20
CA ASN B 299 2.75 3.77 -19.22
C ASN B 299 2.95 2.65 -20.24
N GLN B 300 1.98 2.51 -21.13
CA GLN B 300 2.00 1.51 -22.19
C GLN B 300 2.08 2.21 -23.53
N ASP B 301 2.86 1.65 -24.44
CA ASP B 301 3.03 2.26 -25.76
C ASP B 301 1.73 2.27 -26.55
N GLY B 302 0.87 1.29 -26.35
CA GLY B 302 -0.38 1.23 -27.06
C GLY B 302 -0.23 0.65 -28.46
N ALA B 303 -1.29 0.79 -29.24
CA ALA B 303 -1.32 0.26 -30.59
C ALA B 303 -0.40 1.08 -31.49
N SER B 304 0.72 0.48 -31.90
CA SER B 304 1.67 1.19 -32.76
C SER B 304 2.51 0.14 -33.49
N ASN B 305 2.32 0.04 -34.81
CA ASN B 305 3.07 -0.88 -35.67
C ASN B 305 2.87 -2.29 -35.13
N GLY B 306 3.93 -3.10 -34.99
CA GLY B 306 3.80 -4.44 -34.45
C GLY B 306 3.81 -4.44 -32.93
N LEU B 307 3.88 -5.64 -32.38
CA LEU B 307 3.96 -5.79 -30.93
C LEU B 307 5.23 -5.16 -30.37
N SER B 308 6.34 -5.34 -31.06
CA SER B 308 7.62 -4.75 -30.67
C SER B 308 7.76 -3.40 -31.36
N ALA B 309 8.97 -2.83 -31.33
CA ALA B 309 9.28 -1.53 -31.93
C ALA B 309 8.45 -0.42 -31.28
N PRO B 310 8.82 0.01 -30.07
CA PRO B 310 8.00 0.98 -29.34
C PRO B 310 7.88 2.31 -30.07
N SER B 311 6.98 3.15 -29.56
CA SER B 311 6.66 4.43 -30.15
C SER B 311 7.22 5.57 -29.31
N GLY B 312 7.72 6.61 -29.97
CA GLY B 312 8.32 7.75 -29.33
C GLY B 312 7.40 8.54 -28.41
N PRO B 313 6.18 8.86 -28.89
CA PRO B 313 5.25 9.63 -28.04
C PRO B 313 5.02 9.01 -26.67
N ALA B 314 4.98 7.68 -26.57
CA ALA B 314 4.84 7.05 -25.27
C ALA B 314 6.01 7.40 -24.36
N GLN B 315 7.22 7.36 -24.90
CA GLN B 315 8.38 7.74 -24.11
C GLN B 315 8.33 9.21 -23.71
N ARG B 316 7.88 10.07 -24.63
CA ARG B 316 7.74 11.48 -24.30
C ARG B 316 6.80 11.65 -23.11
N ARG B 317 5.64 11.00 -23.16
CA ARG B 317 4.66 11.14 -22.09
C ARG B 317 5.19 10.59 -20.78
N VAL B 318 5.91 9.46 -20.82
CA VAL B 318 6.42 8.90 -19.57
C VAL B 318 7.49 9.80 -18.97
N ILE B 319 8.31 10.42 -19.80
CA ILE B 319 9.32 11.35 -19.30
C ILE B 319 8.64 12.54 -18.64
N ARG B 320 7.63 13.09 -19.31
CA ARG B 320 6.94 14.25 -18.77
C ARG B 320 6.26 13.92 -17.44
N GLN B 321 5.60 12.76 -17.37
CA GLN B 321 4.94 12.37 -16.12
C GLN B 321 5.94 12.16 -15.00
N ALA B 322 7.07 11.52 -15.30
CA ALA B 322 8.09 11.31 -14.27
C ALA B 322 8.63 12.63 -13.76
N LEU B 323 8.86 13.59 -14.66
CA LEU B 323 9.35 14.89 -14.23
C LEU B 323 8.31 15.62 -13.39
N GLU B 324 7.03 15.55 -13.79
CA GLU B 324 6.00 16.31 -13.10
C GLU B 324 5.57 15.68 -11.78
N SER B 325 5.83 14.39 -11.58
CA SER B 325 5.44 13.74 -10.34
C SER B 325 6.16 14.37 -9.14
N CYS B 326 7.47 14.55 -9.26
CA CYS B 326 8.22 15.20 -8.19
C CYS B 326 8.03 16.70 -8.19
N GLY B 327 7.88 17.30 -9.37
CA GLY B 327 7.70 18.73 -9.48
C GLY B 327 9.00 19.47 -9.73
N LEU B 328 9.80 18.96 -10.66
CA LEU B 328 11.08 19.57 -11.02
C LEU B 328 11.09 19.89 -12.50
N GLU B 329 11.52 21.10 -12.84
CA GLU B 329 11.65 21.48 -14.23
C GLU B 329 12.75 20.67 -14.90
N PRO B 330 12.63 20.38 -16.20
CA PRO B 330 13.60 19.53 -16.91
C PRO B 330 14.92 20.23 -17.22
N GLY B 331 15.50 20.87 -16.23
CA GLY B 331 16.76 21.54 -16.40
C GLY B 331 17.74 21.22 -15.29
N ASP B 332 17.38 20.25 -14.45
CA ASP B 332 18.22 19.85 -13.33
C ASP B 332 18.93 18.53 -13.55
N VAL B 333 18.48 17.70 -14.48
CA VAL B 333 19.13 16.42 -14.73
C VAL B 333 20.42 16.66 -15.49
N ASP B 334 21.51 16.07 -14.99
CA ASP B 334 22.82 16.26 -15.60
C ASP B 334 23.30 15.05 -16.38
N ALA B 335 22.76 13.87 -16.13
CA ALA B 335 23.08 12.67 -16.89
C ALA B 335 21.86 11.78 -16.97
N VAL B 336 21.73 11.06 -18.09
CA VAL B 336 20.59 10.20 -18.34
C VAL B 336 21.10 8.81 -18.68
N GLU B 337 20.56 7.79 -17.99
CA GLU B 337 20.87 6.41 -18.33
C GLU B 337 19.95 5.95 -19.46
N ALA B 338 20.55 5.43 -20.52
CA ALA B 338 19.81 5.05 -21.71
C ALA B 338 19.65 3.54 -21.78
N HIS B 339 18.54 3.11 -22.38
CA HIS B 339 18.26 1.71 -22.63
C HIS B 339 18.29 1.52 -24.16
N GLY B 340 19.47 1.24 -24.68
CA GLY B 340 19.64 1.09 -26.12
C GLY B 340 20.42 -0.16 -26.45
N THR B 341 19.98 -0.85 -27.49
CA THR B 341 20.58 -2.13 -27.90
C THR B 341 20.47 -2.26 -29.42
N GLY B 342 21.57 -1.98 -30.11
CA GLY B 342 21.66 -2.31 -31.52
C GLY B 342 20.66 -1.57 -32.39
N THR B 343 19.95 -2.32 -33.22
CA THR B 343 19.11 -1.75 -34.26
C THR B 343 17.91 -1.01 -33.65
N ALA B 344 17.30 -0.17 -34.48
CA ALA B 344 16.12 0.61 -34.10
C ALA B 344 16.41 1.47 -32.86
N LEU B 345 17.65 1.94 -32.74
CA LEU B 345 18.06 2.82 -31.66
C LEU B 345 18.04 4.28 -32.08
N GLY B 346 17.60 4.56 -33.31
CA GLY B 346 17.44 5.95 -33.71
C GLY B 346 16.28 6.62 -33.00
N ASP B 347 15.34 5.82 -32.49
CA ASP B 347 14.13 6.30 -31.84
C ASP B 347 14.39 7.23 -30.65
N PRO B 348 15.47 7.04 -29.87
CA PRO B 348 15.83 8.06 -28.87
C PRO B 348 16.05 9.48 -29.39
N ILE B 349 16.02 9.70 -30.71
CA ILE B 349 15.99 11.08 -31.21
C ILE B 349 14.68 11.75 -30.81
N GLU B 350 13.62 10.95 -30.74
CA GLU B 350 12.37 11.31 -30.09
C GLU B 350 12.66 11.77 -28.67
N ALA B 351 13.53 11.03 -27.99
CA ALA B 351 14.01 11.42 -26.68
C ALA B 351 14.54 12.85 -26.72
N ASN B 352 15.19 13.25 -27.81
CA ASN B 352 15.87 14.59 -27.86
C ASN B 352 14.92 15.80 -27.83
N ALA B 353 13.61 15.57 -27.83
CA ALA B 353 12.65 16.68 -27.74
C ALA B 353 12.32 16.92 -26.27
N LEU B 354 12.19 15.85 -25.48
CA LEU B 354 12.05 16.05 -24.02
C LEU B 354 13.47 16.35 -23.63
N LEU B 355 14.37 16.08 -24.55
CA LEU B 355 15.79 16.46 -24.34
C LEU B 355 15.84 17.87 -24.91
N ASP B 356 14.76 18.27 -25.59
CA ASP B 356 14.61 19.69 -26.02
C ASP B 356 13.83 20.28 -24.85
N THR B 357 13.25 19.40 -24.02
CA THR B 357 12.83 19.91 -22.72
C THR B 357 13.95 19.78 -21.71
N TYR B 358 14.73 18.69 -21.79
CA TYR B 358 16.07 18.66 -21.22
C TYR B 358 17.04 19.53 -22.00
N GLY B 359 16.60 20.02 -23.16
CA GLY B 359 17.36 20.92 -23.99
C GLY B 359 16.49 22.01 -24.58
N ARG B 360 16.90 22.55 -25.73
CA ARG B 360 16.24 23.70 -26.36
C ARG B 360 16.11 24.87 -25.38
N ASP B 361 16.77 24.76 -24.24
CA ASP B 361 16.87 25.85 -23.28
C ASP B 361 18.24 25.74 -22.62
N ARG B 362 19.02 24.76 -23.08
CA ARG B 362 20.35 24.51 -22.53
C ARG B 362 21.23 25.73 -22.69
N ASP B 363 22.04 26.00 -21.66
CA ASP B 363 22.90 27.17 -21.66
C ASP B 363 24.02 27.03 -22.69
N ALA B 364 24.03 25.91 -23.42
CA ALA B 364 25.06 25.54 -24.39
C ALA B 364 26.42 25.32 -23.75
N ASP B 365 26.53 25.48 -22.43
CA ASP B 365 27.76 25.21 -21.71
C ASP B 365 27.64 24.00 -20.80
N ARG B 366 26.42 23.49 -20.59
CA ARG B 366 26.18 22.28 -19.81
C ARG B 366 25.31 21.34 -20.62
N PRO B 367 25.84 20.77 -21.70
CA PRO B 367 25.07 19.77 -22.46
C PRO B 367 24.75 18.59 -21.58
N LEU B 368 23.55 18.03 -21.76
CA LEU B 368 23.16 16.87 -20.98
C LEU B 368 24.00 15.67 -21.37
N TRP B 369 24.81 15.16 -20.45
CA TRP B 369 25.70 14.05 -20.73
C TRP B 369 24.90 12.76 -20.87
N LEU B 370 24.55 12.38 -22.10
CA LEU B 370 23.74 11.18 -22.29
C LEU B 370 24.54 9.94 -21.91
N GLY B 371 25.61 9.66 -22.67
CA GLY B 371 26.46 8.51 -22.41
C GLY B 371 25.73 7.27 -21.96
N SER B 372 26.13 6.75 -20.80
CA SER B 372 25.41 5.68 -20.11
C SER B 372 25.31 4.47 -21.05
N VAL B 373 24.17 3.76 -21.03
CA VAL B 373 23.89 2.59 -21.86
C VAL B 373 25.12 1.71 -21.93
N LYS B 374 25.62 1.29 -20.77
CA LYS B 374 26.90 0.60 -20.70
C LYS B 374 26.88 -0.66 -21.55
N SER B 375 27.90 -0.81 -22.38
CA SER B 375 28.12 -2.02 -23.17
C SER B 375 29.17 -2.93 -22.55
N ASN B 376 29.68 -2.57 -21.37
CA ASN B 376 30.70 -3.36 -20.72
C ASN B 376 30.17 -4.72 -20.26
N ILE B 377 28.86 -4.84 -20.05
CA ILE B 377 28.26 -6.10 -19.66
C ILE B 377 27.22 -6.50 -20.70
N GLY B 378 26.17 -5.71 -20.82
CA GLY B 378 25.23 -5.83 -21.92
C GLY B 378 23.96 -6.59 -21.62
N HIS B 379 22.89 -5.85 -21.30
CA HIS B 379 21.52 -6.35 -21.30
C HIS B 379 21.36 -7.64 -20.50
N THR B 380 21.56 -7.55 -19.19
CA THR B 380 21.28 -8.71 -18.32
C THR B 380 19.87 -8.62 -17.75
N GLN B 381 19.63 -7.64 -16.87
CA GLN B 381 18.30 -7.41 -16.31
C GLN B 381 18.28 -5.98 -15.77
N ALA B 382 17.72 -5.06 -16.58
CA ALA B 382 17.53 -3.67 -16.18
C ALA B 382 18.73 -3.10 -15.44
N ALA B 383 18.70 -3.15 -14.10
CA ALA B 383 19.78 -2.69 -13.21
C ALA B 383 20.08 -1.23 -13.57
N ALA B 384 21.36 -0.88 -13.79
CA ALA B 384 21.78 0.44 -14.26
C ALA B 384 21.53 1.53 -13.22
N GLY B 385 20.89 1.20 -12.11
CA GLY B 385 20.79 2.12 -11.00
C GLY B 385 22.02 1.97 -10.14
N VAL B 386 22.58 0.75 -10.17
CA VAL B 386 23.82 0.47 -9.45
C VAL B 386 24.96 1.31 -10.02
N THR B 387 24.97 1.53 -11.34
CA THR B 387 26.00 2.37 -11.94
C THR B 387 25.92 3.79 -11.39
N GLY B 388 24.72 4.38 -11.39
CA GLY B 388 24.57 5.73 -10.88
C GLY B 388 24.93 5.83 -9.42
N LEU B 389 24.52 4.85 -8.61
CA LEU B 389 24.86 4.85 -7.19
C LEU B 389 26.37 4.76 -6.97
N LEU B 390 26.99 3.75 -7.59
CA LEU B 390 28.42 3.54 -7.43
C LEU B 390 29.20 4.76 -7.88
N LYS B 391 28.73 5.43 -8.92
CA LYS B 391 29.31 6.69 -9.30
C LYS B 391 29.15 7.72 -8.17
N VAL B 392 27.90 8.10 -7.88
CA VAL B 392 27.62 9.20 -6.95
C VAL B 392 28.42 9.04 -5.66
N VAL B 393 28.53 7.81 -5.15
CA VAL B 393 29.30 7.60 -3.92
C VAL B 393 30.75 8.02 -4.12
N LEU B 394 31.35 7.62 -5.24
CA LEU B 394 32.68 8.06 -5.62
C LEU B 394 32.64 9.27 -6.54
N ALA B 395 31.65 10.14 -6.37
CA ALA B 395 31.37 11.24 -7.27
C ALA B 395 30.78 12.40 -6.48
N LEU B 396 29.93 13.20 -7.14
CA LEU B 396 29.55 14.55 -6.75
C LEU B 396 29.21 14.71 -5.27
N ARG B 397 28.96 13.60 -4.56
CA ARG B 397 28.97 13.66 -3.11
C ARG B 397 30.28 14.27 -2.61
N ASN B 398 31.40 13.87 -3.20
CA ASN B 398 32.70 14.51 -3.00
C ASN B 398 33.28 14.93 -4.35
N GLY B 399 33.05 14.10 -5.37
CA GLY B 399 33.28 14.48 -6.76
C GLY B 399 34.37 13.76 -7.52
N GLU B 400 33.98 12.73 -8.27
CA GLU B 400 34.85 12.05 -9.23
C GLU B 400 33.97 11.34 -10.24
N LEU B 401 34.11 11.70 -11.51
CA LEU B 401 33.57 10.93 -12.63
C LEU B 401 34.68 10.81 -13.67
N PRO B 402 35.73 10.04 -13.38
CA PRO B 402 36.89 10.04 -14.27
C PRO B 402 36.60 9.58 -15.70
N ALA B 403 36.17 8.34 -15.87
CA ALA B 403 36.04 7.76 -17.21
C ALA B 403 34.83 6.84 -17.30
N THR B 404 33.69 7.28 -16.77
CA THR B 404 32.57 6.33 -16.68
C THR B 404 31.84 6.19 -18.01
N LEU B 405 32.60 5.99 -19.09
CA LEU B 405 32.08 5.45 -20.34
C LEU B 405 33.21 5.03 -21.27
N HIS B 406 33.20 3.78 -21.72
CA HIS B 406 34.12 3.33 -22.75
C HIS B 406 33.38 2.82 -23.98
N VAL B 407 32.47 1.86 -23.81
CA VAL B 407 31.66 1.30 -24.87
C VAL B 407 32.56 0.92 -26.04
N GLU B 408 32.42 1.61 -27.17
CA GLU B 408 33.22 1.37 -28.37
C GLU B 408 33.52 2.74 -28.99
N GLU B 409 33.97 2.72 -30.24
CA GLU B 409 34.23 3.97 -30.93
C GLU B 409 32.94 4.76 -31.08
N PRO B 410 32.87 5.98 -30.58
CA PRO B 410 31.62 6.76 -30.62
C PRO B 410 31.50 7.64 -31.87
N THR B 411 31.60 7.02 -33.05
CA THR B 411 31.15 7.74 -34.23
C THR B 411 29.64 7.70 -34.18
N PRO B 412 28.99 8.78 -33.77
CA PRO B 412 27.65 8.65 -33.15
C PRO B 412 26.57 8.02 -34.01
N HIS B 413 26.23 8.68 -35.12
CA HIS B 413 25.13 8.25 -35.99
C HIS B 413 24.93 9.23 -37.13
N VAL B 414 24.01 8.93 -38.02
CA VAL B 414 23.43 9.93 -38.89
C VAL B 414 22.33 10.67 -38.14
N ASP B 415 22.27 11.99 -38.30
CA ASP B 415 21.31 12.86 -37.62
C ASP B 415 21.46 12.77 -36.10
N TRP B 416 22.60 13.26 -35.61
CA TRP B 416 22.89 13.26 -34.19
C TRP B 416 23.45 14.61 -33.72
N SER B 417 24.12 15.31 -34.61
CA SER B 417 24.90 16.49 -34.25
C SER B 417 23.99 17.70 -34.05
N SER B 418 24.59 18.89 -34.07
CA SER B 418 23.92 20.19 -33.94
C SER B 418 23.46 20.42 -32.51
N GLY B 419 22.51 21.34 -32.33
CA GLY B 419 22.07 21.71 -31.01
C GLY B 419 21.41 20.54 -30.28
N GLY B 420 21.60 20.52 -28.96
CA GLY B 420 21.03 19.47 -28.15
C GLY B 420 21.96 19.00 -27.04
N VAL B 421 22.26 17.70 -27.03
CA VAL B 421 23.07 17.09 -25.98
C VAL B 421 24.24 16.34 -26.59
N ALA B 422 25.15 15.88 -25.74
CA ALA B 422 26.34 15.17 -26.21
C ALA B 422 26.61 13.97 -25.32
N LEU B 423 26.98 12.85 -25.93
CA LEU B 423 27.37 11.66 -25.19
C LEU B 423 28.74 11.86 -24.55
N LEU B 424 29.03 11.02 -23.55
CA LEU B 424 30.25 11.18 -22.78
C LEU B 424 31.49 10.99 -23.66
N ALA B 425 31.69 9.76 -24.14
CA ALA B 425 32.77 9.44 -25.08
C ALA B 425 34.13 9.90 -24.55
N GLY B 426 34.33 9.80 -23.23
CA GLY B 426 35.59 10.20 -22.67
C GLY B 426 35.60 10.47 -21.18
N ASN B 427 36.21 11.58 -20.78
CA ASN B 427 36.46 11.90 -19.38
C ASN B 427 35.74 13.19 -19.02
N GLN B 428 34.98 13.17 -17.92
CA GLN B 428 34.25 14.35 -17.46
C GLN B 428 34.02 14.24 -15.97
N PRO B 429 34.88 14.85 -15.15
CA PRO B 429 34.69 14.78 -13.69
C PRO B 429 33.40 15.47 -13.27
N TRP B 430 32.84 14.97 -12.17
CA TRP B 430 31.57 15.47 -11.63
C TRP B 430 31.80 15.83 -10.16
N ARG B 431 32.16 17.08 -9.90
CA ARG B 431 32.56 17.52 -8.58
C ARG B 431 31.35 17.79 -7.70
N ARG B 432 31.59 18.35 -6.51
CA ARG B 432 30.55 18.73 -5.59
C ARG B 432 30.41 20.25 -5.60
N GLY B 433 29.18 20.73 -5.70
CA GLY B 433 28.95 22.15 -5.72
C GLY B 433 27.58 22.51 -5.17
N GLU B 434 27.28 23.81 -5.23
CA GLU B 434 25.98 24.29 -4.76
C GLU B 434 24.85 23.73 -5.64
N ARG B 435 25.08 23.64 -6.93
CA ARG B 435 24.08 23.11 -7.86
C ARG B 435 23.85 21.63 -7.56
N THR B 436 22.70 21.31 -6.95
CA THR B 436 22.38 19.93 -6.65
C THR B 436 22.34 19.12 -7.94
N ARG B 437 22.90 17.92 -7.90
CA ARG B 437 23.12 17.11 -9.08
C ARG B 437 22.28 15.85 -9.02
N ARG B 438 21.51 15.61 -10.09
CA ARG B 438 20.62 14.47 -10.19
C ARG B 438 20.84 13.78 -11.53
N ALA B 439 20.34 12.55 -11.63
CA ALA B 439 20.42 11.77 -12.86
C ALA B 439 19.10 11.05 -13.08
N ALA B 440 18.98 10.38 -14.22
CA ALA B 440 17.77 9.66 -14.56
C ALA B 440 18.12 8.32 -15.21
N VAL B 441 17.23 7.36 -15.05
CA VAL B 441 17.38 6.02 -15.62
C VAL B 441 16.08 5.66 -16.31
N SER B 442 16.18 5.10 -17.52
CA SER B 442 15.00 4.73 -18.29
C SER B 442 15.12 3.27 -18.72
N ALA B 443 13.96 2.63 -18.87
CA ALA B 443 13.93 1.23 -19.28
C ALA B 443 12.65 0.97 -20.07
N PHE B 444 12.75 0.06 -21.04
CA PHE B 444 11.62 -0.33 -21.87
C PHE B 444 11.60 -1.85 -22.00
N GLY B 445 10.43 -2.37 -22.39
CA GLY B 445 10.25 -3.80 -22.50
C GLY B 445 9.64 -4.20 -23.83
N ILE B 446 9.68 -5.50 -24.11
CA ILE B 446 9.09 -6.02 -25.33
C ILE B 446 7.59 -5.86 -25.32
N SER B 447 6.96 -6.08 -24.16
CA SER B 447 5.50 -5.95 -24.07
C SER B 447 5.06 -4.53 -24.36
N GLY B 448 5.83 -3.55 -23.89
CA GLY B 448 5.52 -2.16 -24.19
C GLY B 448 5.59 -1.24 -22.98
N THR B 449 5.60 -1.82 -21.79
CA THR B 449 5.66 -1.01 -20.57
C THR B 449 6.99 -0.28 -20.49
N ASN B 450 6.93 0.99 -20.09
CA ASN B 450 8.11 1.85 -20.01
C ASN B 450 8.22 2.42 -18.60
N ALA B 451 9.45 2.59 -18.13
CA ALA B 451 9.71 3.11 -16.80
C ALA B 451 10.81 4.16 -16.85
N HIS B 452 10.69 5.15 -15.97
CA HIS B 452 11.67 6.23 -15.86
C HIS B 452 11.75 6.67 -14.41
N VAL B 453 12.96 6.69 -13.85
CA VAL B 453 13.17 6.99 -12.44
C VAL B 453 14.30 8.01 -12.32
N ILE B 454 14.06 9.05 -11.52
CA ILE B 454 15.08 10.06 -11.25
C ILE B 454 15.74 9.74 -9.92
N VAL B 455 17.02 10.11 -9.80
CA VAL B 455 17.83 9.82 -8.63
C VAL B 455 18.58 11.09 -8.24
N GLU B 456 18.58 11.39 -6.95
CA GLU B 456 19.28 12.55 -6.41
C GLU B 456 20.30 12.08 -5.38
N GLU B 457 21.36 12.85 -5.19
CA GLU B 457 22.39 12.46 -4.25
C GLU B 457 21.91 12.64 -2.81
N ALA B 458 22.54 11.89 -1.91
CA ALA B 458 22.18 11.97 -0.51
C ALA B 458 22.57 13.34 0.07
N PRO B 459 21.82 13.83 1.05
CA PRO B 459 22.17 15.11 1.67
C PRO B 459 23.50 15.03 2.40
N GLU B 460 23.98 16.20 2.81
CA GLU B 460 25.27 16.28 3.49
C GLU B 460 25.24 15.52 4.81
N ARG B 461 26.37 14.94 5.16
CA ARG B 461 26.48 14.15 6.38
C ARG B 461 26.34 15.04 7.61
N GLU B 462 26.10 14.40 8.76
CA GLU B 462 25.77 15.15 9.97
C GLU B 462 27.02 15.68 10.66
N HIS B 463 27.90 14.80 11.10
CA HIS B 463 29.05 15.23 11.89
C HIS B 463 30.18 14.22 11.73
N ARG B 464 31.42 14.71 11.78
CA ARG B 464 32.58 13.89 11.46
C ARG B 464 32.88 12.85 12.53
N GLU B 465 32.30 12.99 13.73
CA GLU B 465 32.56 12.10 14.85
C GLU B 465 34.00 12.17 15.33
N THR B 466 34.30 11.56 16.46
CA THR B 466 35.62 11.57 17.06
C THR B 466 36.16 10.16 17.18
N THR B 467 37.50 10.06 17.19
CA THR B 467 38.18 8.77 17.31
C THR B 467 38.47 8.43 18.77
N ALA B 468 39.18 9.33 19.47
CA ALA B 468 39.57 9.13 20.88
C ALA B 468 40.44 7.89 20.96
N HIS B 469 40.00 6.81 21.63
CA HIS B 469 40.72 5.55 21.73
C HIS B 469 42.01 5.67 22.54
N ASP B 470 42.45 4.56 23.11
CA ASP B 470 43.64 4.52 23.96
C ASP B 470 44.02 3.06 24.14
N GLY B 471 44.92 2.79 25.09
CA GLY B 471 45.36 1.43 25.35
C GLY B 471 44.36 0.59 26.11
N ARG B 472 43.07 0.96 26.03
CA ARG B 472 42.04 0.18 26.70
C ARG B 472 41.94 -1.21 26.07
N PRO B 473 41.65 -2.24 26.87
CA PRO B 473 41.47 -3.57 26.31
C PRO B 473 40.26 -3.62 25.39
N VAL B 474 40.34 -4.48 24.38
CA VAL B 474 39.28 -4.60 23.39
C VAL B 474 38.96 -6.08 23.16
N PRO B 475 37.69 -6.47 23.20
CA PRO B 475 37.32 -7.85 22.87
C PRO B 475 36.95 -8.00 21.40
N LEU B 476 37.21 -9.21 20.88
CA LEU B 476 36.85 -9.56 19.52
C LEU B 476 36.15 -10.91 19.54
N VAL B 477 35.00 -10.99 18.90
CA VAL B 477 34.20 -12.21 18.88
C VAL B 477 33.84 -12.54 17.43
N VAL B 478 33.98 -13.82 17.07
CA VAL B 478 33.70 -14.28 15.72
C VAL B 478 33.02 -15.63 15.80
N SER B 479 32.01 -15.84 14.96
CA SER B 479 31.24 -17.07 15.00
C SER B 479 30.83 -17.46 13.59
N ALA B 480 30.49 -18.74 13.42
CA ALA B 480 30.09 -19.28 12.13
C ALA B 480 29.30 -20.56 12.37
N ARG B 481 28.71 -21.09 11.30
CA ARG B 481 27.92 -22.31 11.39
C ARG B 481 28.72 -23.57 11.09
N THR B 482 30.02 -23.45 10.82
CA THR B 482 30.85 -24.61 10.54
C THR B 482 32.28 -24.29 10.94
N THR B 483 32.98 -25.28 11.48
CA THR B 483 34.35 -25.08 11.92
C THR B 483 35.25 -24.60 10.78
N ALA B 484 34.95 -25.02 9.55
CA ALA B 484 35.71 -24.54 8.40
C ALA B 484 35.53 -23.04 8.22
N ALA B 485 34.31 -22.54 8.40
CA ALA B 485 34.05 -21.12 8.19
C ALA B 485 34.70 -20.26 9.26
N LEU B 486 34.85 -20.79 10.47
CA LEU B 486 35.52 -20.03 11.54
C LEU B 486 36.93 -19.65 11.12
N ARG B 487 37.66 -20.60 10.53
N ARG B 487 37.66 -20.60 10.53
CA ARG B 487 39.03 -20.32 10.11
CA ARG B 487 39.03 -20.32 10.11
C ARG B 487 39.07 -19.27 9.02
C ARG B 487 39.07 -19.27 9.01
N ALA B 488 38.14 -19.35 8.06
CA ALA B 488 38.09 -18.35 7.00
C ALA B 488 37.82 -16.96 7.56
N GLN B 489 36.88 -16.85 8.51
CA GLN B 489 36.60 -15.55 9.11
C GLN B 489 37.80 -15.03 9.89
N ALA B 490 38.46 -15.92 10.64
CA ALA B 490 39.64 -15.49 11.38
C ALA B 490 40.72 -14.98 10.44
N ALA B 491 40.94 -15.68 9.33
CA ALA B 491 41.94 -15.23 8.36
C ALA B 491 41.56 -13.88 7.78
N GLN B 492 40.27 -13.69 7.45
CA GLN B 492 39.84 -12.43 6.88
C GLN B 492 40.07 -11.28 7.85
N ILE B 493 39.70 -11.47 9.12
CA ILE B 493 39.86 -10.39 10.09
C ILE B 493 41.34 -10.11 10.35
N ALA B 494 42.16 -11.16 10.38
CA ALA B 494 43.59 -10.96 10.54
C ALA B 494 44.17 -10.16 9.38
N GLU B 495 43.73 -10.46 8.16
CA GLU B 495 44.17 -9.69 7.02
C GLU B 495 43.72 -8.24 7.13
N LEU B 496 42.50 -8.02 7.62
CA LEU B 496 42.02 -6.65 7.79
C LEU B 496 42.87 -5.87 8.78
N LEU B 497 43.18 -6.48 9.92
CA LEU B 497 43.81 -5.73 11.00
C LEU B 497 45.25 -5.37 10.70
N GLU B 498 45.95 -6.14 9.87
CA GLU B 498 47.37 -5.87 9.65
C GLU B 498 47.61 -4.56 8.90
N ARG B 499 46.59 -4.02 8.22
CA ARG B 499 46.73 -2.72 7.60
C ARG B 499 46.83 -1.64 8.68
N PRO B 500 47.60 -0.58 8.42
CA PRO B 500 47.82 0.43 9.46
C PRO B 500 46.64 1.37 9.67
N ASP B 501 45.84 1.58 8.63
CA ASP B 501 44.75 2.54 8.71
C ASP B 501 43.56 2.04 9.52
N ALA B 502 43.46 0.74 9.74
CA ALA B 502 42.33 0.19 10.47
C ALA B 502 42.38 0.59 11.94
N ASP B 503 41.19 0.74 12.54
CA ASP B 503 41.06 1.10 13.94
C ASP B 503 40.58 -0.12 14.72
N LEU B 504 41.31 -0.46 15.79
CA LEU B 504 40.97 -1.66 16.55
C LEU B 504 39.59 -1.54 17.19
N ALA B 505 39.29 -0.39 17.79
CA ALA B 505 38.00 -0.22 18.46
C ALA B 505 36.85 -0.30 17.48
N GLY B 506 37.01 0.30 16.30
CA GLY B 506 35.95 0.24 15.31
C GLY B 506 35.68 -1.17 14.84
N VAL B 507 36.73 -1.93 14.59
CA VAL B 507 36.57 -3.33 14.17
C VAL B 507 35.89 -4.13 15.27
N GLY B 508 36.31 -3.92 16.52
CA GLY B 508 35.68 -4.63 17.62
C GLY B 508 34.21 -4.33 17.74
N LEU B 509 33.85 -3.04 17.64
CA LEU B 509 32.44 -2.66 17.72
C LEU B 509 31.64 -3.25 16.57
N GLY B 510 32.20 -3.19 15.35
CA GLY B 510 31.49 -3.76 14.20
C GLY B 510 31.26 -5.24 14.34
N LEU B 511 32.27 -5.97 14.84
CA LEU B 511 32.08 -7.40 15.09
C LEU B 511 31.04 -7.63 16.17
N ALA B 512 31.01 -6.77 17.19
CA ALA B 512 30.15 -7.01 18.33
C ALA B 512 28.68 -6.78 18.00
N THR B 513 28.38 -5.67 17.31
CA THR B 513 27.00 -5.21 17.23
C THR B 513 26.38 -5.24 15.84
N THR B 514 27.08 -5.74 14.82
CA THR B 514 26.53 -5.74 13.48
C THR B 514 26.30 -7.12 12.90
N ARG B 515 27.00 -8.14 13.36
CA ARG B 515 26.91 -9.48 12.79
C ARG B 515 26.15 -10.40 13.74
N ALA B 516 25.86 -11.60 13.24
CA ALA B 516 25.04 -12.55 13.98
C ALA B 516 25.87 -13.31 15.00
N ARG B 517 25.22 -14.25 15.69
CA ARG B 517 25.84 -15.09 16.71
C ARG B 517 25.48 -16.54 16.42
N HIS B 518 26.36 -17.24 15.72
CA HIS B 518 26.13 -18.63 15.36
C HIS B 518 26.79 -19.56 16.38
N GLU B 519 26.88 -20.83 16.03
CA GLU B 519 27.45 -21.84 16.92
C GLU B 519 28.97 -21.77 16.91
N HIS B 520 29.57 -22.52 17.84
CA HIS B 520 31.02 -22.59 18.05
C HIS B 520 31.68 -21.22 17.89
N ARG B 521 31.30 -20.31 18.78
CA ARG B 521 31.89 -18.99 18.79
C ARG B 521 33.32 -19.04 19.31
N ALA B 522 34.08 -18.00 18.98
CA ALA B 522 35.45 -17.82 19.47
C ALA B 522 35.66 -16.37 19.81
N ALA B 523 36.53 -16.12 20.80
CA ALA B 523 36.75 -14.76 21.28
C ALA B 523 38.18 -14.58 21.72
N VAL B 524 38.70 -13.38 21.51
CA VAL B 524 40.06 -13.01 21.89
C VAL B 524 40.05 -11.61 22.48
N VAL B 525 40.63 -11.44 23.66
CA VAL B 525 40.85 -10.13 24.23
C VAL B 525 42.20 -9.62 23.75
N ALA B 526 42.32 -8.30 23.61
CA ALA B 526 43.56 -7.73 23.09
C ALA B 526 43.74 -6.35 23.69
N SER B 527 44.82 -6.17 24.46
CA SER B 527 45.14 -4.86 24.98
C SER B 527 45.73 -3.96 23.90
N THR B 528 46.56 -4.54 23.02
CA THR B 528 47.28 -3.77 22.02
C THR B 528 46.94 -4.29 20.63
N ARG B 529 47.35 -3.50 19.63
CA ARG B 529 47.13 -3.85 18.23
C ARG B 529 47.96 -5.06 17.82
N GLU B 530 49.25 -5.03 18.13
CA GLU B 530 50.14 -6.11 17.74
C GLU B 530 49.75 -7.42 18.43
N GLU B 531 49.36 -7.34 19.70
CA GLU B 531 48.90 -8.52 20.41
C GLU B 531 47.65 -9.09 19.75
N ALA B 532 46.76 -8.21 19.30
CA ALA B 532 45.56 -8.67 18.60
C ALA B 532 45.93 -9.41 17.33
N VAL B 533 46.85 -8.86 16.54
CA VAL B 533 47.26 -9.52 15.31
C VAL B 533 47.90 -10.87 15.63
N ARG B 534 48.74 -10.91 16.66
CA ARG B 534 49.39 -12.16 17.05
C ARG B 534 48.36 -13.23 17.42
N GLY B 535 47.40 -12.86 18.27
CA GLY B 535 46.40 -13.82 18.69
C GLY B 535 45.51 -14.28 17.55
N LEU B 536 45.15 -13.37 16.65
CA LEU B 536 44.32 -13.75 15.52
C LEU B 536 45.07 -14.68 14.57
N ARG B 537 46.37 -14.42 14.37
CA ARG B 537 47.18 -15.35 13.60
C ARG B 537 47.24 -16.71 14.27
N GLU B 538 47.38 -16.72 15.59
CA GLU B 538 47.45 -17.97 16.34
C GLU B 538 46.18 -18.79 16.16
N ILE B 539 45.02 -18.16 16.39
CA ILE B 539 43.77 -18.90 16.23
C ILE B 539 43.56 -19.32 14.79
N ALA B 540 44.05 -18.52 13.84
CA ALA B 540 43.91 -18.90 12.43
C ALA B 540 44.69 -20.17 12.13
N ALA B 541 45.97 -20.21 12.48
CA ALA B 541 46.82 -21.34 12.09
C ALA B 541 46.89 -22.40 13.19
N GLY B 542 45.72 -22.82 13.69
CA GLY B 542 45.62 -23.96 14.58
C GLY B 542 46.38 -23.83 15.89
N ALA B 543 46.83 -22.63 16.23
CA ALA B 543 47.63 -22.41 17.43
C ALA B 543 46.72 -21.76 18.48
N ALA B 544 46.00 -22.60 19.21
CA ALA B 544 45.09 -22.15 20.26
C ALA B 544 45.60 -22.72 21.59
N THR B 545 46.54 -22.00 22.20
CA THR B 545 47.10 -22.42 23.47
C THR B 545 47.14 -21.26 24.46
N ALA B 546 47.21 -20.03 23.94
CA ALA B 546 47.33 -18.86 24.79
C ALA B 546 46.07 -18.66 25.63
N ASP B 547 46.26 -18.08 26.81
CA ASP B 547 45.14 -17.81 27.71
C ASP B 547 44.18 -16.76 27.14
N ALA B 548 44.63 -15.96 26.18
CA ALA B 548 43.78 -14.93 25.59
C ALA B 548 42.88 -15.46 24.49
N VAL B 549 42.96 -16.76 24.19
CA VAL B 549 42.14 -17.37 23.15
C VAL B 549 41.15 -18.31 23.84
N VAL B 550 39.86 -18.10 23.58
CA VAL B 550 38.79 -18.89 24.18
C VAL B 550 37.93 -19.46 23.06
N GLU B 551 37.62 -20.75 23.15
CA GLU B 551 36.79 -21.42 22.15
C GLU B 551 35.59 -22.08 22.80
N GLY B 552 34.87 -22.89 22.05
CA GLY B 552 33.73 -23.61 22.58
C GLY B 552 32.72 -23.85 21.48
N VAL B 553 31.58 -24.40 21.89
CA VAL B 553 30.47 -24.65 20.97
C VAL B 553 29.19 -24.70 21.79
N THR B 554 28.12 -24.17 21.20
CA THR B 554 26.82 -24.16 21.87
C THR B 554 25.72 -24.10 20.82
N GLU B 555 24.54 -24.53 21.22
CA GLU B 555 23.39 -24.50 20.32
C GLU B 555 22.12 -24.02 21.01
N VAL B 556 22.22 -23.52 22.24
CA VAL B 556 21.08 -22.98 22.97
C VAL B 556 21.36 -21.53 23.29
N ASP B 557 20.45 -20.65 22.91
CA ASP B 557 20.59 -19.22 23.14
C ASP B 557 19.89 -18.84 24.43
N GLY B 558 20.63 -18.24 25.36
CA GLY B 558 20.06 -17.83 26.62
C GLY B 558 19.98 -18.96 27.63
N ARG B 559 20.45 -18.70 28.85
CA ARG B 559 20.45 -19.68 29.92
C ARG B 559 19.87 -19.04 31.18
N ASN B 560 19.87 -19.80 32.26
CA ASN B 560 19.46 -19.32 33.58
C ASN B 560 20.71 -19.12 34.42
N VAL B 561 20.88 -17.92 34.96
CA VAL B 561 22.07 -17.56 35.69
C VAL B 561 21.78 -17.65 37.18
N VAL B 562 22.64 -18.35 37.91
CA VAL B 562 22.54 -18.49 39.36
C VAL B 562 23.85 -18.00 39.96
N PHE B 563 23.79 -16.88 40.69
CA PHE B 563 24.97 -16.34 41.33
C PHE B 563 25.34 -17.18 42.55
N LEU B 564 26.63 -17.34 42.78
CA LEU B 564 27.15 -18.06 43.94
C LEU B 564 28.05 -17.14 44.74
N PHE B 565 27.83 -17.10 46.06
CA PHE B 565 28.60 -16.26 46.97
C PHE B 565 29.30 -17.16 47.98
N PRO B 566 30.52 -17.58 47.69
CA PRO B 566 31.25 -18.43 48.64
C PRO B 566 31.72 -17.64 49.84
N GLY B 567 32.06 -18.37 50.90
CA GLY B 567 32.56 -17.76 52.11
C GLY B 567 34.02 -17.37 51.98
N GLN B 568 34.58 -16.94 53.11
CA GLN B 568 35.98 -16.55 53.13
C GLN B 568 36.88 -17.77 52.92
N GLY B 569 38.16 -17.50 52.67
CA GLY B 569 39.10 -18.56 52.44
C GLY B 569 40.14 -18.23 51.39
N SER B 570 39.92 -17.17 50.61
CA SER B 570 40.88 -16.73 49.61
C SER B 570 41.49 -15.38 49.98
N GLN B 571 40.67 -14.34 50.11
CA GLN B 571 41.03 -13.03 50.67
C GLN B 571 42.44 -12.57 50.31
N TRP B 572 42.86 -12.79 49.06
CA TRP B 572 44.23 -12.48 48.68
C TRP B 572 44.47 -10.97 48.74
N ALA B 573 45.59 -10.58 49.35
CA ALA B 573 45.89 -9.17 49.54
C ALA B 573 46.21 -8.50 48.22
N GLY B 574 45.72 -7.27 48.05
CA GLY B 574 45.92 -6.52 46.84
C GLY B 574 44.82 -6.62 45.82
N MET B 575 43.57 -6.78 46.24
CA MET B 575 42.46 -6.89 45.31
C MET B 575 42.29 -5.59 44.54
N GLY B 576 41.83 -5.71 43.30
CA GLY B 576 41.54 -4.53 42.51
C GLY B 576 42.78 -3.70 42.25
N ALA B 577 42.67 -2.40 42.56
CA ALA B 577 43.73 -1.41 42.40
C ALA B 577 43.97 -1.12 40.92
N GLU B 578 43.34 -1.90 40.05
CA GLU B 578 43.26 -1.59 38.62
C GLU B 578 41.82 -1.44 38.18
N LEU B 579 40.95 -2.38 38.56
CA LEU B 579 39.52 -2.20 38.38
C LEU B 579 39.00 -1.05 39.24
N LEU B 580 39.72 -0.69 40.29
CA LEU B 580 39.32 0.42 41.14
C LEU B 580 39.29 1.73 40.35
N SER B 581 40.29 1.94 39.49
CA SER B 581 40.37 3.16 38.71
C SER B 581 39.78 3.02 37.31
N SER B 582 39.89 1.84 36.70
CA SER B 582 39.42 1.67 35.32
C SER B 582 37.91 1.70 35.24
N SER B 583 37.22 1.04 36.18
CA SER B 583 35.77 0.93 36.12
C SER B 583 35.13 1.91 37.09
N PRO B 584 34.40 2.92 36.61
CA PRO B 584 33.72 3.83 37.54
C PRO B 584 32.64 3.16 38.37
N VAL B 585 32.11 2.02 37.92
CA VAL B 585 31.07 1.34 38.69
C VAL B 585 31.61 0.87 40.03
N PHE B 586 32.83 0.32 40.04
CA PHE B 586 33.46 -0.05 41.30
C PHE B 586 33.63 1.17 42.20
N ALA B 587 34.09 2.29 41.62
CA ALA B 587 34.27 3.49 42.42
C ALA B 587 32.96 3.92 43.08
N GLY B 588 31.88 3.94 42.30
CA GLY B 588 30.59 4.33 42.85
C GLY B 588 30.11 3.38 43.93
N LYS B 589 30.25 2.07 43.69
CA LYS B 589 29.78 1.10 44.68
C LYS B 589 30.56 1.19 45.98
N ILE B 590 31.89 1.29 45.89
CA ILE B 590 32.68 1.36 47.11
C ILE B 590 32.45 2.70 47.82
N ARG B 591 32.21 3.77 47.07
CA ARG B 591 31.88 5.04 47.72
C ARG B 591 30.55 4.95 48.46
N ALA B 592 29.55 4.30 47.86
CA ALA B 592 28.28 4.12 48.54
C ALA B 592 28.45 3.28 49.81
N CYS B 593 29.23 2.19 49.72
CA CYS B 593 29.47 1.36 50.89
C CYS B 593 30.22 2.14 51.97
N ASP B 594 31.20 2.95 51.57
CA ASP B 594 31.94 3.75 52.53
C ASP B 594 31.05 4.76 53.22
N GLU B 595 30.13 5.39 52.46
CA GLU B 595 29.19 6.32 53.07
C GLU B 595 28.26 5.60 54.03
N SER B 596 27.82 4.40 53.67
CA SER B 596 26.91 3.65 54.53
C SER B 596 27.58 3.25 55.83
N MET B 597 28.83 2.78 55.77
CA MET B 597 29.49 2.22 56.93
C MET B 597 30.24 3.26 57.75
N ALA B 598 30.61 4.38 57.16
CA ALA B 598 31.47 5.35 57.82
C ALA B 598 30.90 5.93 59.12
N PRO B 599 29.66 6.42 59.18
CA PRO B 599 29.23 7.14 60.39
C PRO B 599 29.26 6.30 61.65
N MET B 600 29.20 4.98 61.53
CA MET B 600 29.25 4.11 62.69
C MET B 600 30.62 3.44 62.86
N GLN B 601 31.60 3.82 62.04
CA GLN B 601 32.97 3.33 62.20
C GLN B 601 33.98 4.46 62.08
N ASP B 602 35.27 4.11 62.04
CA ASP B 602 36.34 5.11 61.97
C ASP B 602 37.20 4.94 60.74
N TRP B 603 37.69 3.73 60.46
CA TRP B 603 38.57 3.50 59.34
C TRP B 603 37.79 3.40 58.03
N LYS B 604 38.50 3.58 56.93
CA LYS B 604 37.91 3.62 55.60
C LYS B 604 38.29 2.37 54.82
N VAL B 605 37.30 1.81 54.11
CA VAL B 605 37.56 0.64 53.28
C VAL B 605 38.45 1.00 52.09
N SER B 606 38.24 2.18 51.52
CA SER B 606 39.05 2.59 50.37
C SER B 606 40.53 2.68 50.72
N ASP B 607 40.85 3.01 51.97
CA ASP B 607 42.25 3.03 52.38
C ASP B 607 42.88 1.64 52.26
N VAL B 608 42.16 0.61 52.70
CA VAL B 608 42.65 -0.75 52.53
C VAL B 608 42.72 -1.12 51.06
N LEU B 609 41.74 -0.65 50.28
CA LEU B 609 41.75 -0.95 48.84
C LEU B 609 42.98 -0.37 48.16
N ARG B 610 43.37 0.85 48.54
CA ARG B 610 44.59 1.44 47.99
C ARG B 610 45.85 0.82 48.59
N GLN B 611 45.73 0.06 49.68
CA GLN B 611 46.87 -0.47 50.41
C GLN B 611 47.80 0.64 50.89
N ALA B 612 47.23 1.80 51.21
CA ALA B 612 48.01 2.91 51.71
C ALA B 612 48.56 2.58 53.09
N PRO B 613 49.73 3.13 53.45
CA PRO B 613 50.28 2.88 54.79
C PRO B 613 49.34 3.41 55.87
N GLY B 614 49.29 2.69 56.98
CA GLY B 614 48.40 3.01 58.08
C GLY B 614 47.04 2.37 58.00
N ALA B 615 46.72 1.68 56.91
CA ALA B 615 45.45 0.99 56.80
C ALA B 615 45.43 -0.22 57.74
N PRO B 616 44.26 -0.58 58.25
CA PRO B 616 44.17 -1.77 59.12
C PRO B 616 44.59 -3.02 58.35
N GLY B 617 45.27 -3.92 59.05
CA GLY B 617 45.73 -5.15 58.44
C GLY B 617 44.62 -6.15 58.22
N LEU B 618 44.94 -7.17 57.41
CA LEU B 618 43.99 -8.22 57.10
C LEU B 618 43.94 -9.31 58.16
N ASP B 619 44.81 -9.25 59.16
CA ASP B 619 44.78 -10.24 60.23
C ASP B 619 43.50 -10.11 61.06
N ARG B 620 43.04 -8.88 61.28
CA ARG B 620 41.85 -8.67 62.10
C ARG B 620 40.62 -9.23 61.42
N VAL B 621 39.79 -9.93 62.21
CA VAL B 621 38.55 -10.49 61.67
C VAL B 621 37.57 -9.38 61.34
N ASP B 622 37.53 -8.32 62.15
CA ASP B 622 36.59 -7.23 61.94
C ASP B 622 36.89 -6.43 60.68
N VAL B 623 38.04 -6.62 60.06
CA VAL B 623 38.41 -5.92 58.84
C VAL B 623 38.11 -6.73 57.60
N VAL B 624 38.31 -8.04 57.66
CA VAL B 624 38.15 -8.89 56.48
C VAL B 624 36.70 -8.89 56.02
N GLN B 625 35.76 -9.02 56.96
CA GLN B 625 34.35 -9.15 56.57
C GLN B 625 33.82 -7.96 55.79
N PRO B 626 33.97 -6.71 56.25
CA PRO B 626 33.47 -5.59 55.43
C PRO B 626 34.15 -5.48 54.09
N VAL B 627 35.46 -5.77 54.03
CA VAL B 627 36.18 -5.69 52.76
C VAL B 627 35.63 -6.70 51.78
N LEU B 628 35.45 -7.94 52.23
CA LEU B 628 34.90 -8.97 51.36
C LEU B 628 33.48 -8.62 50.93
N PHE B 629 32.67 -8.10 51.86
CA PHE B 629 31.31 -7.73 51.52
C PHE B 629 31.28 -6.67 50.42
N ALA B 630 32.10 -5.62 50.59
CA ALA B 630 32.15 -4.56 49.60
C ALA B 630 32.63 -5.08 48.25
N VAL B 631 33.68 -5.91 48.26
CA VAL B 631 34.19 -6.44 47.01
C VAL B 631 33.14 -7.27 46.30
N MET B 632 32.42 -8.11 47.05
CA MET B 632 31.44 -8.99 46.44
C MET B 632 30.27 -8.21 45.86
N VAL B 633 29.77 -7.22 46.61
CA VAL B 633 28.64 -6.45 46.08
C VAL B 633 29.06 -5.62 44.89
N SER B 634 30.29 -5.09 44.90
CA SER B 634 30.78 -4.34 43.75
C SER B 634 30.90 -5.24 42.53
N LEU B 635 31.42 -6.45 42.70
CA LEU B 635 31.54 -7.37 41.58
C LEU B 635 30.18 -7.77 41.03
N ALA B 636 29.21 -8.00 41.92
CA ALA B 636 27.86 -8.33 41.47
C ALA B 636 27.26 -7.17 40.68
N GLU B 637 27.46 -5.95 41.16
CA GLU B 637 26.96 -4.78 40.43
C GLU B 637 27.62 -4.66 39.06
N LEU B 638 28.93 -4.90 38.99
CA LEU B 638 29.63 -4.83 37.72
C LEU B 638 29.10 -5.88 36.74
N TRP B 639 28.86 -7.10 37.24
CA TRP B 639 28.27 -8.12 36.38
C TRP B 639 26.90 -7.71 35.89
N ARG B 640 26.07 -7.17 36.78
CA ARG B 640 24.74 -6.71 36.37
C ARG B 640 24.84 -5.60 35.35
N SER B 641 25.90 -4.80 35.40
CA SER B 641 26.05 -3.67 34.50
C SER B 641 26.25 -4.07 33.05
N TYR B 642 26.53 -5.35 32.77
CA TYR B 642 26.77 -5.80 31.41
C TYR B 642 25.60 -6.61 30.85
N GLY B 643 24.41 -6.46 31.41
CA GLY B 643 23.22 -7.02 30.82
C GLY B 643 22.90 -8.45 31.20
N VAL B 644 23.52 -8.98 32.25
CA VAL B 644 23.20 -10.31 32.76
C VAL B 644 22.56 -10.15 34.13
N GLU B 645 21.41 -10.78 34.31
CA GLU B 645 20.66 -10.68 35.56
C GLU B 645 20.38 -12.06 36.11
N PRO B 646 20.59 -12.28 37.39
CA PRO B 646 20.39 -13.61 37.97
C PRO B 646 18.91 -13.96 38.07
N ALA B 647 18.66 -15.26 38.10
CA ALA B 647 17.33 -15.79 38.39
C ALA B 647 17.23 -16.37 39.79
N ALA B 648 18.34 -16.74 40.40
CA ALA B 648 18.36 -17.25 41.77
C ALA B 648 19.72 -16.95 42.37
N VAL B 649 19.74 -16.77 43.69
CA VAL B 649 20.95 -16.39 44.40
C VAL B 649 21.17 -17.38 45.54
N VAL B 650 22.40 -17.88 45.67
CA VAL B 650 22.77 -18.80 46.73
C VAL B 650 24.02 -18.27 47.41
N GLY B 651 23.99 -18.20 48.73
CA GLY B 651 25.13 -17.71 49.49
C GLY B 651 25.74 -18.77 50.40
N HIS B 652 27.00 -18.59 50.76
CA HIS B 652 27.71 -19.53 51.61
C HIS B 652 28.32 -18.78 52.79
N SER B 653 28.03 -19.25 53.99
CA SER B 653 28.55 -18.67 55.24
C SER B 653 28.11 -17.21 55.30
N GLN B 654 28.94 -16.31 55.84
CA GLN B 654 28.56 -14.91 55.95
C GLN B 654 28.32 -14.26 54.60
N GLY B 655 28.86 -14.83 53.53
CA GLY B 655 28.57 -14.31 52.20
C GLY B 655 27.09 -14.34 51.88
N GLU B 656 26.35 -15.26 52.51
CA GLU B 656 24.90 -15.29 52.35
C GLU B 656 24.29 -13.93 52.68
N ILE B 657 24.85 -13.23 53.67
CA ILE B 657 24.37 -11.91 54.02
C ILE B 657 24.43 -10.99 52.80
N ALA B 658 25.59 -10.99 52.12
CA ALA B 658 25.70 -10.20 50.90
C ALA B 658 24.65 -10.61 49.88
N ALA B 659 24.37 -11.92 49.80
CA ALA B 659 23.32 -12.38 48.90
C ALA B 659 22.00 -11.71 49.20
N ALA B 660 21.68 -11.53 50.49
CA ALA B 660 20.43 -10.87 50.86
C ALA B 660 20.37 -9.47 50.30
N HIS B 661 21.50 -8.79 50.19
CA HIS B 661 21.49 -7.46 49.60
C HIS B 661 21.30 -7.52 48.09
N VAL B 662 21.85 -8.55 47.45
CA VAL B 662 21.76 -8.64 45.99
C VAL B 662 20.31 -8.87 45.57
N ALA B 663 19.60 -9.74 46.27
CA ALA B 663 18.19 -10.00 45.95
C ALA B 663 17.30 -8.81 46.27
N GLY B 664 17.80 -7.82 47.02
CA GLY B 664 17.01 -6.67 47.38
C GLY B 664 16.18 -6.82 48.63
N ALA B 665 16.23 -7.97 49.30
CA ALA B 665 15.46 -8.16 50.52
C ALA B 665 15.97 -7.28 51.65
N LEU B 666 17.29 -7.07 51.71
CA LEU B 666 17.92 -6.32 52.78
C LEU B 666 18.62 -5.09 52.21
N THR B 667 18.46 -3.96 52.89
CA THR B 667 19.06 -2.72 52.43
C THR B 667 20.55 -2.69 52.79
N LEU B 668 21.26 -1.74 52.17
CA LEU B 668 22.70 -1.65 52.35
C LEU B 668 23.07 -1.31 53.79
N GLU B 669 22.36 -0.35 54.38
CA GLU B 669 22.73 0.13 55.72
C GLU B 669 22.55 -0.97 56.75
N ASP B 670 21.41 -1.65 56.74
CA ASP B 670 21.17 -2.72 57.69
C ASP B 670 22.16 -3.86 57.50
N ALA B 671 22.46 -4.20 56.25
CA ALA B 671 23.43 -5.25 55.99
C ALA B 671 24.81 -4.87 56.52
N ALA B 672 25.23 -3.63 56.29
CA ALA B 672 26.53 -3.19 56.79
C ALA B 672 26.57 -3.21 58.31
N LYS B 673 25.50 -2.74 58.96
CA LYS B 673 25.45 -2.76 60.42
C LYS B 673 25.52 -4.20 60.94
N LEU B 674 24.77 -5.10 60.33
CA LEU B 674 24.77 -6.49 60.76
C LEU B 674 26.15 -7.12 60.60
N VAL B 675 26.81 -6.85 59.46
CA VAL B 675 28.12 -7.44 59.22
C VAL B 675 29.13 -6.90 60.23
N VAL B 676 29.13 -5.59 60.46
CA VAL B 676 30.10 -5.01 61.38
C VAL B 676 29.86 -5.52 62.80
N GLY B 677 28.60 -5.56 63.23
CA GLY B 677 28.31 -6.06 64.56
C GLY B 677 28.69 -7.52 64.72
N ARG B 678 28.40 -8.34 63.70
CA ARG B 678 28.77 -9.74 63.74
C ARG B 678 30.27 -9.91 63.86
N SER B 679 31.03 -9.14 63.06
CA SER B 679 32.48 -9.23 63.14
C SER B 679 33.01 -8.79 64.50
N ARG B 680 32.46 -7.69 65.03
CA ARG B 680 32.93 -7.20 66.32
C ARG B 680 32.64 -8.19 67.44
N LEU B 681 31.44 -8.78 67.44
CA LEU B 681 31.11 -9.77 68.46
C LEU B 681 31.96 -11.02 68.29
N MET B 682 32.25 -11.42 67.05
CA MET B 682 33.05 -12.61 66.81
C MET B 682 34.49 -12.39 67.23
N ARG B 683 34.96 -11.14 67.18
CA ARG B 683 36.31 -10.79 67.61
C ARG B 683 36.62 -11.27 69.03
N SER B 684 35.61 -11.60 69.82
CA SER B 684 35.83 -11.99 71.20
C SER B 684 36.64 -13.28 71.30
N LEU B 685 36.39 -14.23 70.40
CA LEU B 685 37.06 -15.53 70.48
C LEU B 685 38.56 -15.40 70.28
N SER B 686 38.97 -14.93 69.10
CA SER B 686 40.37 -14.65 68.80
C SER B 686 41.27 -15.85 69.08
N GLY B 687 40.89 -17.00 68.52
CA GLY B 687 41.65 -18.21 68.65
C GLY B 687 41.09 -19.26 69.60
N GLU B 688 39.79 -19.24 69.86
CA GLU B 688 39.22 -20.23 70.78
C GLU B 688 39.14 -21.62 70.16
N GLY B 689 39.10 -21.71 68.84
CA GLY B 689 39.01 -22.98 68.15
C GLY B 689 39.60 -22.89 66.76
N GLY B 690 39.17 -23.78 65.88
CA GLY B 690 39.67 -23.81 64.52
C GLY B 690 38.82 -24.70 63.64
N MET B 691 39.10 -24.65 62.34
CA MET B 691 38.41 -25.45 61.35
C MET B 691 39.24 -26.66 60.96
N ALA B 692 38.64 -27.53 60.16
CA ALA B 692 39.35 -28.66 59.58
C ALA B 692 38.59 -29.10 58.33
N ALA B 693 39.17 -28.86 57.16
CA ALA B 693 38.53 -29.16 55.89
C ALA B 693 39.16 -30.40 55.28
N VAL B 694 38.34 -31.40 54.98
CA VAL B 694 38.82 -32.64 54.40
C VAL B 694 39.18 -32.42 52.93
N GLY B 697 36.10 -37.97 52.03
CA GLY B 697 34.80 -38.58 52.22
C GLY B 697 34.04 -37.96 53.37
N GLU B 698 32.84 -38.47 53.63
CA GLU B 698 31.98 -37.97 54.70
C GLU B 698 31.68 -39.02 55.75
N ALA B 699 31.25 -40.21 55.33
CA ALA B 699 30.93 -41.26 56.29
C ALA B 699 32.16 -41.70 57.07
N ALA B 700 33.31 -41.81 56.39
CA ALA B 700 34.54 -42.19 57.08
C ALA B 700 34.93 -41.14 58.12
N VAL B 701 34.81 -39.86 57.77
CA VAL B 701 35.11 -38.79 58.72
C VAL B 701 34.16 -38.85 59.91
N ARG B 702 32.87 -39.06 59.64
CA ARG B 702 31.88 -39.14 60.71
C ARG B 702 32.19 -40.30 61.66
N GLU B 703 32.57 -41.45 61.10
CA GLU B 703 32.93 -42.59 61.93
C GLU B 703 34.20 -42.32 62.72
N ARG B 704 35.18 -41.67 62.12
CA ARG B 704 36.44 -41.39 62.81
C ARG B 704 36.31 -40.28 63.84
N LEU B 705 35.23 -39.49 63.80
CA LEU B 705 35.01 -38.46 64.79
C LEU B 705 34.43 -39.00 66.10
N ARG B 706 34.10 -40.29 66.15
CA ARG B 706 33.52 -40.86 67.35
C ARG B 706 34.40 -40.75 68.59
N PRO B 707 35.70 -41.05 68.54
CA PRO B 707 36.51 -40.95 69.77
C PRO B 707 36.52 -39.57 70.39
N TRP B 708 36.51 -38.52 69.58
CA TRP B 708 36.51 -37.16 70.11
C TRP B 708 35.08 -36.66 70.26
N GLN B 709 34.94 -35.52 70.94
CA GLN B 709 33.65 -34.88 71.17
C GLN B 709 33.76 -33.44 70.70
N ASP B 710 33.47 -33.21 69.42
CA ASP B 710 33.53 -31.88 68.82
C ASP B 710 32.77 -31.84 67.50
N VAL B 714 30.57 -31.28 62.08
CA VAL B 714 30.56 -30.93 60.67
C VAL B 714 29.89 -29.59 60.46
N ALA B 715 30.64 -28.64 59.92
CA ALA B 715 30.11 -27.29 59.72
C ALA B 715 29.50 -27.08 58.34
N ALA B 716 29.99 -27.78 57.32
CA ALA B 716 29.46 -27.61 55.98
C ALA B 716 29.78 -28.84 55.15
N VAL B 717 28.96 -29.08 54.13
CA VAL B 717 29.14 -30.17 53.18
C VAL B 717 29.08 -29.58 51.78
N ASN B 718 30.11 -29.82 50.99
CA ASN B 718 30.18 -29.30 49.63
C ASN B 718 30.22 -30.38 48.55
N GLY B 719 30.67 -31.59 48.87
CA GLY B 719 30.75 -32.66 47.91
C GLY B 719 30.93 -34.00 48.57
N PRO B 720 31.14 -35.04 47.77
CA PRO B 720 31.37 -36.37 48.34
C PRO B 720 32.57 -36.43 49.28
N ARG B 721 33.62 -35.65 48.98
CA ARG B 721 34.79 -35.55 49.84
C ARG B 721 35.09 -34.12 50.24
N SER B 722 34.16 -33.20 50.04
CA SER B 722 34.34 -31.77 50.33
C SER B 722 33.49 -31.43 51.55
N VAL B 723 34.07 -31.61 52.74
CA VAL B 723 33.40 -31.34 54.00
C VAL B 723 34.34 -30.60 54.92
N VAL B 724 33.76 -29.96 55.94
CA VAL B 724 34.52 -29.23 56.94
C VAL B 724 33.90 -29.49 58.31
N VAL B 725 34.75 -29.48 59.34
CA VAL B 725 34.36 -29.75 60.71
C VAL B 725 35.05 -28.74 61.62
N SER B 726 34.53 -28.62 62.84
CA SER B 726 35.07 -27.72 63.85
C SER B 726 35.47 -28.52 65.09
N GLY B 727 36.06 -27.84 66.04
CA GLY B 727 36.44 -28.47 67.29
C GLY B 727 37.53 -27.71 67.99
N GLU B 728 37.89 -28.21 69.17
CA GLU B 728 38.96 -27.61 69.95
C GLU B 728 40.31 -27.85 69.26
N PRO B 729 41.26 -26.94 69.44
CA PRO B 729 42.55 -27.08 68.73
C PRO B 729 43.28 -28.38 69.03
N GLY B 730 43.20 -28.88 70.26
CA GLY B 730 43.87 -30.13 70.57
C GLY B 730 43.31 -31.31 69.81
N ALA B 731 41.98 -31.42 69.78
CA ALA B 731 41.35 -32.49 69.02
C ALA B 731 41.64 -32.35 67.53
N LEU B 732 41.67 -31.12 67.03
CA LEU B 732 42.00 -30.89 65.62
C LEU B 732 43.41 -31.35 65.32
N ARG B 733 44.36 -31.03 66.19
CA ARG B 733 45.74 -31.48 65.99
C ARG B 733 45.83 -32.99 66.02
N ALA B 734 45.15 -33.62 66.97
CA ALA B 734 45.17 -35.08 67.05
C ALA B 734 44.57 -35.70 65.79
N PHE B 735 43.45 -35.17 65.31
CA PHE B 735 42.82 -35.70 64.11
C PHE B 735 43.71 -35.51 62.89
N SER B 736 44.36 -34.35 62.78
CA SER B 736 45.27 -34.13 61.66
C SER B 736 46.44 -35.10 61.71
N GLU B 737 47.01 -35.32 62.90
CA GLU B 737 48.11 -36.27 63.03
C GLU B 737 47.67 -37.67 62.67
N ASP B 738 46.45 -38.05 63.07
CA ASP B 738 45.94 -39.38 62.75
C ASP B 738 45.73 -39.53 61.24
N CYS B 739 45.12 -38.54 60.61
CA CYS B 739 44.72 -38.63 59.21
C CYS B 739 45.83 -38.24 58.24
N ALA B 740 46.99 -37.82 58.74
CA ALA B 740 48.11 -37.52 57.85
C ALA B 740 48.52 -38.73 57.03
N ALA B 741 48.33 -39.94 57.56
CA ALA B 741 48.68 -41.16 56.84
C ALA B 741 47.50 -42.14 56.78
N GLU B 742 46.28 -41.67 57.01
CA GLU B 742 45.10 -42.52 56.98
C GLU B 742 44.34 -42.43 55.67
N GLY B 743 43.91 -41.22 55.29
CA GLY B 743 43.12 -41.07 54.09
C GLY B 743 43.38 -39.77 53.34
N ILE B 744 42.31 -39.06 52.99
CA ILE B 744 42.45 -37.82 52.23
C ILE B 744 43.17 -36.79 53.08
N ARG B 745 44.14 -36.11 52.47
CA ARG B 745 44.89 -35.08 53.17
C ARG B 745 43.96 -33.95 53.61
N VAL B 746 44.12 -33.50 54.85
CA VAL B 746 43.31 -32.44 55.43
C VAL B 746 44.19 -31.21 55.57
N ARG B 747 43.77 -30.11 54.96
CA ARG B 747 44.49 -28.84 55.04
C ARG B 747 43.56 -27.79 55.64
N ASP B 748 44.03 -27.13 56.69
CA ASP B 748 43.20 -26.16 57.39
C ASP B 748 43.25 -24.80 56.71
N ILE B 749 42.27 -23.97 57.05
CA ILE B 749 42.17 -22.61 56.54
C ILE B 749 42.44 -21.65 57.69
N ASP B 750 42.96 -20.47 57.36
CA ASP B 750 43.24 -19.46 58.37
C ASP B 750 41.97 -19.07 59.10
N VAL B 751 42.00 -19.21 60.44
CA VAL B 751 40.81 -18.99 61.25
C VAL B 751 41.26 -18.82 62.69
N ASP B 752 40.47 -18.08 63.47
CA ASP B 752 40.72 -17.88 64.89
C ASP B 752 39.48 -18.24 65.71
N TYR B 753 38.71 -19.22 65.24
CA TYR B 753 37.46 -19.59 65.89
C TYR B 753 37.02 -20.93 65.32
N ALA B 754 35.99 -21.50 65.95
CA ALA B 754 35.38 -22.75 65.51
C ALA B 754 33.93 -22.45 65.15
N SER B 755 33.69 -22.13 63.89
CA SER B 755 32.35 -21.80 63.43
C SER B 755 31.44 -23.02 63.46
N HIS B 756 30.16 -22.77 63.67
CA HIS B 756 29.13 -23.82 63.67
C HIS B 756 29.45 -24.90 64.68
N SER B 757 29.80 -24.49 65.89
CA SER B 757 30.21 -25.37 66.97
C SER B 757 29.45 -25.02 68.23
N PRO B 758 29.40 -25.93 69.21
CA PRO B 758 28.84 -25.54 70.51
C PRO B 758 29.61 -24.41 71.18
N GLN B 759 30.89 -24.23 70.84
CA GLN B 759 31.68 -23.17 71.45
C GLN B 759 31.14 -21.79 71.07
N ILE B 760 30.92 -21.55 69.78
CA ILE B 760 30.53 -20.22 69.32
C ILE B 760 29.17 -19.81 69.86
N GLU B 761 28.39 -20.79 70.36
CA GLU B 761 27.12 -20.46 71.00
C GLU B 761 27.30 -19.66 72.29
N ARG B 762 28.54 -19.45 72.73
CA ARG B 762 28.77 -18.75 73.99
C ARG B 762 28.27 -17.31 73.94
N VAL B 763 28.26 -16.68 72.76
CA VAL B 763 27.72 -15.33 72.66
C VAL B 763 26.22 -15.32 72.91
N ARG B 764 25.49 -16.23 72.26
CA ARG B 764 24.07 -16.50 72.53
C ARG B 764 23.27 -15.21 72.41
N GLU B 765 22.42 -14.88 73.38
CA GLU B 765 21.49 -13.76 73.26
C GLU B 765 22.19 -12.43 73.04
N GLU B 766 23.47 -12.33 73.42
CA GLU B 766 24.21 -11.10 73.17
C GLU B 766 24.16 -10.71 71.70
N LEU B 767 24.18 -11.69 70.80
CA LEU B 767 24.03 -11.40 69.39
C LEU B 767 22.63 -10.88 69.08
N LEU B 768 21.60 -11.53 69.64
CA LEU B 768 20.23 -11.19 69.31
C LEU B 768 19.90 -9.75 69.64
N GLU B 769 20.49 -9.20 70.69
CA GLU B 769 20.26 -7.80 71.04
C GLU B 769 20.80 -6.87 69.96
N THR B 770 21.96 -7.20 69.38
CA THR B 770 22.60 -6.28 68.45
C THR B 770 21.87 -6.25 67.11
N THR B 771 21.40 -7.41 66.64
CA THR B 771 20.88 -7.56 65.29
C THR B 771 19.36 -7.43 65.22
N GLY B 772 18.70 -7.06 66.31
CA GLY B 772 17.26 -6.98 66.31
C GLY B 772 16.73 -5.65 65.83
N ASP B 773 17.31 -5.12 64.75
CA ASP B 773 16.91 -3.81 64.25
C ASP B 773 16.80 -3.76 62.73
N ILE B 774 16.68 -4.91 62.08
CA ILE B 774 16.62 -4.95 60.62
C ILE B 774 15.18 -4.84 60.17
N ALA B 775 15.00 -4.45 58.91
CA ALA B 775 13.68 -4.27 58.30
C ALA B 775 13.65 -5.03 56.99
N PRO B 776 13.43 -6.34 57.04
CA PRO B 776 13.39 -7.12 55.79
C PRO B 776 12.21 -6.76 54.92
N ARG B 777 12.38 -6.92 53.62
CA ARG B 777 11.36 -6.69 52.63
C ARG B 777 11.35 -7.84 51.64
N PRO B 778 10.23 -8.07 50.96
CA PRO B 778 10.22 -9.10 49.91
C PRO B 778 11.22 -8.78 48.81
N ALA B 779 11.83 -9.83 48.27
CA ALA B 779 12.88 -9.70 47.27
C ALA B 779 12.35 -10.10 45.90
N ARG B 780 12.66 -9.29 44.89
CA ARG B 780 12.24 -9.60 43.52
C ARG B 780 13.07 -10.70 42.89
N VAL B 781 14.16 -11.12 43.53
CA VAL B 781 15.04 -12.16 43.01
C VAL B 781 14.87 -13.39 43.90
N THR B 782 14.72 -14.55 43.28
CA THR B 782 14.52 -15.78 44.02
C THR B 782 15.69 -16.05 44.95
N PHE B 783 15.39 -16.34 46.21
CA PHE B 783 16.39 -16.64 47.23
C PHE B 783 16.26 -18.10 47.61
N HIS B 784 17.40 -18.79 47.67
CA HIS B 784 17.43 -20.20 48.07
C HIS B 784 18.12 -20.33 49.41
N SER B 785 17.48 -21.04 50.34
CA SER B 785 18.05 -21.22 51.66
C SER B 785 19.28 -22.12 51.59
N THR B 786 20.31 -21.74 52.36
CA THR B 786 21.48 -22.58 52.53
C THR B 786 21.49 -23.30 53.87
N VAL B 787 20.54 -22.99 54.76
CA VAL B 787 20.43 -23.65 56.06
C VAL B 787 19.29 -24.65 56.00
N GLU B 788 18.08 -24.15 55.74
CA GLU B 788 16.92 -25.02 55.59
C GLU B 788 16.86 -25.71 54.24
N SER B 789 17.69 -25.27 53.28
CA SER B 789 17.76 -25.89 51.95
C SER B 789 16.38 -25.92 51.29
N ARG B 790 15.81 -24.73 51.10
CA ARG B 790 14.51 -24.59 50.50
C ARG B 790 14.45 -23.27 49.74
N SER B 791 13.24 -22.88 49.34
CA SER B 791 13.00 -21.64 48.61
C SER B 791 12.40 -20.57 49.51
N MET B 792 12.86 -20.48 50.75
CA MET B 792 12.26 -19.57 51.72
C MET B 792 12.31 -18.13 51.23
N ASP B 793 11.30 -17.37 51.60
CA ASP B 793 11.16 -15.98 51.18
C ASP B 793 11.82 -15.06 52.20
N GLY B 794 12.64 -14.13 51.72
CA GLY B 794 13.38 -13.23 52.58
C GLY B 794 12.53 -12.18 53.26
N THR B 795 11.21 -12.37 53.24
CA THR B 795 10.33 -11.40 53.91
C THR B 795 10.53 -11.40 55.41
N GLU B 796 10.95 -12.54 55.99
CA GLU B 796 11.14 -12.64 57.43
C GLU B 796 12.59 -12.37 57.83
N LEU B 797 13.53 -13.21 57.38
CA LEU B 797 14.96 -13.05 57.65
C LEU B 797 15.22 -12.63 59.10
N ASP B 798 14.59 -13.35 60.03
CA ASP B 798 14.63 -12.95 61.43
C ASP B 798 16.05 -13.04 61.99
N ALA B 799 16.30 -12.24 63.03
CA ALA B 799 17.57 -12.33 63.74
C ALA B 799 17.78 -13.72 64.32
N ARG B 800 16.69 -14.40 64.68
CA ARG B 800 16.79 -15.80 65.07
C ARG B 800 17.34 -16.63 63.92
N TYR B 801 16.85 -16.38 62.70
CA TYR B 801 17.37 -17.08 61.53
C TYR B 801 18.85 -16.77 61.33
N TRP B 802 19.24 -15.51 61.53
CA TRP B 802 20.65 -15.14 61.37
C TRP B 802 21.53 -15.86 62.39
N TYR B 803 21.08 -15.95 63.63
CA TYR B 803 21.82 -16.71 64.62
C TYR B 803 21.89 -18.18 64.25
N ARG B 804 20.79 -18.73 63.74
CA ARG B 804 20.77 -20.13 63.33
C ARG B 804 21.77 -20.39 62.22
N ASN B 805 21.87 -19.46 61.27
CA ASN B 805 22.82 -19.61 60.17
C ASN B 805 24.25 -19.68 60.70
N LEU B 806 24.56 -18.87 61.72
CA LEU B 806 25.91 -18.88 62.28
C LEU B 806 26.24 -20.16 63.02
N ARG B 807 25.24 -20.98 63.33
CA ARG B 807 25.45 -22.19 64.13
C ARG B 807 25.22 -23.47 63.35
N GLU B 808 24.21 -23.52 62.48
CA GLU B 808 23.84 -24.77 61.83
C GLU B 808 24.89 -25.18 60.80
N THR B 809 24.62 -26.29 60.13
CA THR B 809 25.53 -26.87 59.14
C THR B 809 25.05 -26.52 57.74
N VAL B 810 25.96 -26.06 56.90
CA VAL B 810 25.60 -25.64 55.54
C VAL B 810 25.32 -26.87 54.70
N ARG B 811 24.34 -26.75 53.80
CA ARG B 811 23.95 -27.84 52.91
C ARG B 811 24.19 -27.42 51.46
N PHE B 812 25.37 -26.86 51.19
CA PHE B 812 25.65 -26.26 49.89
C PHE B 812 25.47 -27.26 48.75
N ALA B 813 26.00 -28.48 48.92
CA ALA B 813 25.92 -29.46 47.86
C ALA B 813 24.47 -29.83 47.55
N ASP B 814 23.65 -29.99 48.59
CA ASP B 814 22.25 -30.33 48.37
C ASP B 814 21.52 -29.24 47.61
N ALA B 815 21.75 -27.98 47.98
CA ALA B 815 21.12 -26.87 47.26
C ALA B 815 21.59 -26.82 45.81
N VAL B 816 22.88 -27.06 45.58
CA VAL B 816 23.39 -27.05 44.22
C VAL B 816 22.73 -28.14 43.39
N THR B 817 22.61 -29.34 43.95
CA THR B 817 21.97 -30.43 43.23
C THR B 817 20.51 -30.12 42.94
N ARG B 818 19.80 -29.55 43.92
CA ARG B 818 18.40 -29.21 43.73
C ARG B 818 18.24 -28.17 42.63
N LEU B 819 19.10 -27.15 42.63
CA LEU B 819 19.03 -26.13 41.57
C LEU B 819 19.34 -26.74 40.21
N ALA B 820 20.33 -27.62 40.14
CA ALA B 820 20.66 -28.25 38.86
C ALA B 820 19.50 -29.07 38.35
N GLU B 821 18.83 -29.82 39.24
CA GLU B 821 17.65 -30.57 38.83
C GLU B 821 16.48 -29.67 38.50
N SER B 822 16.45 -28.45 39.04
CA SER B 822 15.35 -27.53 38.74
C SER B 822 15.36 -27.13 37.27
N GLY B 823 16.52 -26.88 36.70
CA GLY B 823 16.60 -26.52 35.30
C GLY B 823 17.61 -25.43 34.98
N TYR B 824 18.26 -24.89 36.01
CA TYR B 824 19.26 -23.85 35.79
C TYR B 824 20.51 -24.44 35.16
N ASP B 825 21.21 -23.61 34.39
CA ASP B 825 22.38 -24.06 33.63
C ASP B 825 23.65 -23.31 33.98
N ALA B 826 23.59 -22.01 34.18
CA ALA B 826 24.77 -21.18 34.38
C ALA B 826 25.00 -20.98 35.87
N PHE B 827 26.23 -21.25 36.31
CA PHE B 827 26.64 -21.02 37.70
C PHE B 827 27.87 -20.13 37.67
N ILE B 828 27.79 -18.97 38.31
CA ILE B 828 28.86 -17.99 38.29
C ILE B 828 29.30 -17.71 39.72
N GLU B 829 30.61 -17.78 39.95
CA GLU B 829 31.19 -17.48 41.24
C GLU B 829 31.75 -16.07 41.21
N VAL B 830 31.34 -15.25 42.18
CA VAL B 830 31.72 -13.85 42.23
C VAL B 830 32.86 -13.61 43.23
N SER B 831 33.58 -14.65 43.60
CA SER B 831 34.66 -14.49 44.55
C SER B 831 35.88 -13.86 43.88
N PRO B 832 36.71 -13.15 44.64
CA PRO B 832 37.98 -12.65 44.08
C PRO B 832 38.92 -13.76 43.64
N HIS B 833 38.74 -14.98 44.14
CA HIS B 833 39.56 -16.11 43.72
C HIS B 833 38.68 -17.34 43.72
N PRO B 834 38.80 -18.22 42.71
CA PRO B 834 37.97 -19.42 42.68
C PRO B 834 38.32 -20.36 43.82
N VAL B 835 37.30 -20.75 44.59
CA VAL B 835 37.47 -21.62 45.74
C VAL B 835 36.64 -22.88 45.64
N VAL B 836 35.39 -22.76 45.19
CA VAL B 836 34.45 -23.87 45.21
C VAL B 836 34.08 -24.32 43.80
N VAL B 837 34.91 -23.99 42.81
CA VAL B 837 34.61 -24.35 41.43
C VAL B 837 34.59 -25.87 41.26
N GLN B 838 35.58 -26.55 41.83
CA GLN B 838 35.66 -28.01 41.68
C GLN B 838 34.45 -28.69 42.31
N ALA B 839 34.03 -28.23 43.48
CA ALA B 839 32.88 -28.83 44.15
C ALA B 839 31.61 -28.69 43.31
N VAL B 840 31.40 -27.50 42.74
CA VAL B 840 30.17 -27.26 41.97
C VAL B 840 30.14 -28.14 40.74
N GLU B 841 31.24 -28.19 39.99
CA GLU B 841 31.26 -29.02 38.78
C GLU B 841 31.15 -30.50 39.12
N GLU B 842 31.78 -30.93 40.22
CA GLU B 842 31.66 -32.33 40.63
C GLU B 842 30.21 -32.66 40.98
N ALA B 843 29.53 -31.77 41.71
CA ALA B 843 28.14 -32.01 42.06
C ALA B 843 27.26 -32.05 40.82
N VAL B 844 27.52 -31.15 39.87
CA VAL B 844 26.73 -31.14 38.63
C VAL B 844 26.94 -32.43 37.87
N GLU B 845 28.19 -32.90 37.79
CA GLU B 845 28.47 -34.15 37.09
C GLU B 845 27.78 -35.33 37.76
N GLU B 846 27.85 -35.39 39.10
CA GLU B 846 27.19 -36.48 39.81
C GLU B 846 25.68 -36.43 39.64
N ALA B 847 25.09 -35.24 39.73
CA ALA B 847 23.66 -35.10 39.60
C ALA B 847 23.24 -35.27 38.14
N ASP B 848 21.96 -35.52 37.94
CA ASP B 848 21.40 -35.67 36.61
C ASP B 848 21.14 -34.29 36.01
N GLY B 849 20.43 -34.26 34.88
CA GLY B 849 20.12 -33.02 34.21
C GLY B 849 20.99 -32.79 32.99
N ALA B 850 20.80 -31.63 32.37
CA ALA B 850 21.54 -31.30 31.17
C ALA B 850 23.02 -31.15 31.48
N GLU B 851 23.85 -31.68 30.58
CA GLU B 851 25.30 -31.57 30.71
C GLU B 851 25.85 -30.30 30.09
N ASP B 852 24.99 -29.46 29.51
CA ASP B 852 25.42 -28.19 28.96
C ASP B 852 25.77 -27.16 30.03
N ALA B 853 25.49 -27.47 31.30
CA ALA B 853 25.75 -26.53 32.37
C ALA B 853 27.24 -26.19 32.45
N VAL B 854 27.53 -24.91 32.68
CA VAL B 854 28.90 -24.42 32.74
C VAL B 854 29.09 -23.65 34.03
N VAL B 855 30.34 -23.64 34.50
CA VAL B 855 30.72 -22.96 35.73
C VAL B 855 31.96 -22.12 35.45
N VAL B 856 31.96 -20.87 35.89
CA VAL B 856 33.07 -19.96 35.62
C VAL B 856 33.19 -18.98 36.77
N GLY B 857 34.42 -18.65 37.14
CA GLY B 857 34.70 -17.66 38.15
C GLY B 857 34.78 -16.26 37.57
N SER B 858 35.25 -15.34 38.41
CA SER B 858 35.40 -13.94 38.02
C SER B 858 36.86 -13.50 37.98
N LEU B 859 37.59 -13.66 39.08
CA LEU B 859 38.99 -13.29 39.15
C LEU B 859 39.78 -14.42 39.79
N HIS B 860 41.03 -14.56 39.38
CA HIS B 860 41.92 -15.55 39.95
C HIS B 860 42.89 -14.86 40.93
N ARG B 861 43.87 -15.61 41.41
CA ARG B 861 44.71 -15.14 42.51
C ARG B 861 45.43 -13.84 42.15
N ASP B 862 46.00 -13.77 40.97
CA ASP B 862 46.69 -12.57 40.51
C ASP B 862 45.96 -12.01 39.29
N GLY B 863 46.57 -11.00 38.68
CA GLY B 863 46.00 -10.41 37.48
C GLY B 863 44.58 -9.90 37.65
N GLY B 864 44.32 -9.19 38.73
CA GLY B 864 42.97 -8.71 39.00
C GLY B 864 42.58 -7.51 38.16
N ASP B 865 43.25 -7.32 37.03
CA ASP B 865 42.97 -6.20 36.16
C ASP B 865 41.70 -6.46 35.35
N LEU B 866 41.38 -5.51 34.46
CA LEU B 866 40.18 -5.63 33.66
C LEU B 866 40.29 -6.74 32.61
N SER B 867 41.51 -7.04 32.18
CA SER B 867 41.69 -8.05 31.14
C SER B 867 41.23 -9.43 31.62
N ALA B 868 41.52 -9.78 32.86
CA ALA B 868 41.06 -11.06 33.39
C ALA B 868 39.54 -11.11 33.46
N PHE B 869 38.91 -10.00 33.86
CA PHE B 869 37.45 -9.97 33.88
C PHE B 869 36.88 -10.15 32.48
N LEU B 870 37.48 -9.51 31.49
CA LEU B 870 37.02 -9.68 30.12
C LEU B 870 37.20 -11.12 29.65
N ARG B 871 38.32 -11.75 30.03
CA ARG B 871 38.52 -13.15 29.68
C ARG B 871 37.45 -14.03 30.31
N SER B 872 37.12 -13.78 31.57
CA SER B 872 36.07 -14.55 32.23
C SER B 872 34.73 -14.35 31.52
N MET B 873 34.42 -13.12 31.14
CA MET B 873 33.18 -12.87 30.40
C MET B 873 33.18 -13.62 29.08
N ALA B 874 34.31 -13.62 28.38
CA ALA B 874 34.37 -14.34 27.10
C ALA B 874 34.17 -15.84 27.32
N THR B 875 34.77 -16.39 28.37
CA THR B 875 34.60 -17.81 28.65
C THR B 875 33.14 -18.12 28.95
N ALA B 876 32.46 -17.25 29.69
CA ALA B 876 31.05 -17.46 29.94
C ALA B 876 30.21 -17.29 28.67
N HIS B 877 30.62 -16.38 27.78
CA HIS B 877 29.83 -16.07 26.61
C HIS B 877 29.91 -17.15 25.55
N VAL B 878 31.09 -17.76 25.36
CA VAL B 878 31.24 -18.76 24.32
C VAL B 878 30.39 -19.99 24.61
N SER B 879 29.95 -20.17 25.85
CA SER B 879 29.09 -21.29 26.19
C SER B 879 27.61 -21.01 25.94
N GLY B 880 27.25 -19.77 25.60
CA GLY B 880 25.87 -19.47 25.26
C GLY B 880 25.19 -18.51 26.21
N VAL B 881 25.95 -17.58 26.79
CA VAL B 881 25.41 -16.58 27.71
C VAL B 881 25.51 -15.22 27.04
N ASP B 882 24.40 -14.48 27.02
CA ASP B 882 24.36 -13.19 26.34
C ASP B 882 25.17 -12.16 27.12
N ILE B 883 25.97 -11.37 26.38
CA ILE B 883 26.82 -10.34 26.96
C ILE B 883 26.69 -9.09 26.11
N ARG B 884 26.52 -7.94 26.76
CA ARG B 884 26.44 -6.66 26.05
C ARG B 884 27.85 -6.09 25.93
N TRP B 885 28.49 -6.36 24.80
CA TRP B 885 29.87 -5.92 24.59
C TRP B 885 29.99 -4.43 24.29
N ASP B 886 28.91 -3.80 23.84
CA ASP B 886 29.01 -2.41 23.39
C ASP B 886 29.42 -1.48 24.52
N VAL B 887 29.08 -1.82 25.77
CA VAL B 887 29.46 -0.97 26.89
C VAL B 887 30.97 -0.94 27.07
N ALA B 888 31.68 -1.96 26.60
CA ALA B 888 33.13 -2.00 26.75
C ALA B 888 33.86 -1.12 25.75
N LEU B 889 33.16 -0.59 24.75
CA LEU B 889 33.76 0.26 23.72
C LEU B 889 32.94 1.54 23.60
N PRO B 890 33.08 2.45 24.56
CA PRO B 890 32.31 3.70 24.51
C PRO B 890 32.99 4.75 23.65
N GLY B 891 32.17 5.45 22.87
CA GLY B 891 32.65 6.52 22.03
C GLY B 891 33.28 6.10 20.72
N ALA B 892 33.25 4.82 20.38
CA ALA B 892 33.82 4.36 19.13
C ALA B 892 32.81 4.50 17.99
N ALA B 893 33.24 4.17 16.79
CA ALA B 893 32.39 4.23 15.61
C ALA B 893 32.47 2.94 14.84
N PRO B 894 31.38 2.53 14.19
CA PRO B 894 31.40 1.29 13.42
C PRO B 894 32.36 1.37 12.24
N PHE B 895 32.90 0.21 11.87
CA PHE B 895 33.85 0.11 10.77
C PHE B 895 33.39 -0.97 9.80
N ALA B 896 33.75 -0.79 8.53
CA ALA B 896 33.35 -1.72 7.49
C ALA B 896 34.00 -3.08 7.71
N LEU B 897 33.26 -4.13 7.36
CA LEU B 897 33.70 -5.50 7.53
C LEU B 897 33.31 -6.32 6.30
N PRO B 898 34.05 -7.38 6.00
CA PRO B 898 33.67 -8.25 4.89
C PRO B 898 32.43 -9.07 5.21
N THR B 899 32.01 -9.92 4.28
CA THR B 899 30.80 -10.71 4.42
C THR B 899 31.13 -12.12 4.87
N TYR B 900 30.09 -12.92 5.06
CA TYR B 900 30.27 -14.29 5.54
C TYR B 900 30.91 -15.15 4.46
N PRO B 901 31.95 -15.91 4.80
CA PRO B 901 32.55 -16.81 3.80
C PRO B 901 31.86 -18.15 3.76
N PHE B 902 31.28 -18.50 2.63
CA PHE B 902 30.52 -19.74 2.49
C PHE B 902 31.41 -20.90 2.08
N GLN B 903 30.88 -22.10 2.24
CA GLN B 903 31.53 -23.33 1.77
C GLN B 903 30.68 -23.89 0.63
N ARG B 904 31.22 -23.86 -0.58
CA ARG B 904 30.46 -24.17 -1.77
C ARG B 904 30.64 -25.62 -2.20
N LYS B 905 29.65 -26.14 -2.90
CA LYS B 905 29.66 -27.50 -3.43
C LYS B 905 29.15 -27.47 -4.86
N ARG B 906 28.86 -28.64 -5.41
CA ARG B 906 28.38 -28.76 -6.78
C ARG B 906 27.08 -29.55 -6.80
N TYR B 907 26.09 -29.01 -7.52
CA TYR B 907 24.81 -29.69 -7.68
C TYR B 907 24.31 -29.44 -9.09
N TRP B 908 23.97 -30.52 -9.80
CA TRP B 908 23.49 -30.40 -11.16
C TRP B 908 22.68 -31.63 -11.56
N LEU B 909 21.96 -31.49 -12.66
CA LEU B 909 21.10 -32.55 -13.19
C LEU B 909 20.09 -33.02 -12.15
N GLU C 1397 -3.96 -8.52 -64.77
CA GLU C 1397 -5.13 -9.05 -64.10
C GLU C 1397 -4.96 -10.55 -63.83
N ASN C 1398 -4.13 -11.19 -64.65
CA ASN C 1398 -3.87 -12.62 -64.47
C ASN C 1398 -3.00 -12.90 -63.26
N LEU C 1399 -2.18 -11.94 -62.83
CA LEU C 1399 -1.31 -12.12 -61.69
C LEU C 1399 -1.99 -11.87 -60.35
N LEU C 1400 -3.28 -11.49 -60.37
CA LEU C 1400 -4.01 -11.32 -59.11
C LEU C 1400 -4.11 -12.63 -58.35
N GLU C 1401 -4.37 -13.73 -59.06
CA GLU C 1401 -4.39 -15.04 -58.42
C GLU C 1401 -3.02 -15.41 -57.88
N LEU C 1402 -1.96 -15.07 -58.62
CA LEU C 1402 -0.61 -15.33 -58.14
C LEU C 1402 -0.34 -14.58 -56.84
N VAL C 1403 -0.73 -13.31 -56.78
CA VAL C 1403 -0.54 -12.52 -55.56
C VAL C 1403 -1.35 -13.11 -54.42
N ALA C 1404 -2.59 -13.50 -54.70
CA ALA C 1404 -3.45 -14.04 -53.65
C ALA C 1404 -2.89 -15.33 -53.08
N ASN C 1405 -2.44 -16.25 -53.93
CA ASN C 1405 -1.91 -17.51 -53.42
C ASN C 1405 -0.55 -17.30 -52.75
N ALA C 1406 0.26 -16.36 -53.22
CA ALA C 1406 1.49 -16.04 -52.52
C ALA C 1406 1.22 -15.50 -51.13
N VAL C 1407 0.22 -14.62 -51.00
CA VAL C 1407 -0.15 -14.08 -49.70
C VAL C 1407 -0.64 -15.21 -48.79
N ALA C 1408 -1.48 -16.10 -49.33
CA ALA C 1408 -1.99 -17.21 -48.53
C ALA C 1408 -0.85 -18.12 -48.06
N GLU C 1409 0.12 -18.39 -48.94
CA GLU C 1409 1.25 -19.23 -48.57
C GLU C 1409 2.10 -18.57 -47.50
N VAL C 1410 2.37 -17.28 -47.64
CA VAL C 1410 3.25 -16.61 -46.68
C VAL C 1410 2.54 -16.40 -45.36
N LEU C 1411 1.21 -16.34 -45.36
CA LEU C 1411 0.44 -16.11 -44.15
C LEU C 1411 -0.05 -17.40 -43.49
N GLY C 1412 0.22 -18.55 -44.09
CA GLY C 1412 -0.23 -19.82 -43.54
C GLY C 1412 -1.62 -20.24 -43.95
N HIS C 1413 -2.33 -19.42 -44.74
CA HIS C 1413 -3.66 -19.79 -45.20
C HIS C 1413 -3.58 -20.95 -46.19
N GLU C 1414 -4.67 -21.72 -46.26
CA GLU C 1414 -4.75 -22.87 -47.14
C GLU C 1414 -5.78 -22.73 -48.25
N SER C 1415 -6.83 -21.91 -48.05
CA SER C 1415 -7.86 -21.79 -49.08
C SER C 1415 -7.34 -21.06 -50.30
N ALA C 1416 -6.47 -20.06 -50.11
CA ALA C 1416 -5.90 -19.23 -51.16
C ALA C 1416 -6.95 -18.43 -51.92
N ALA C 1417 -8.20 -18.44 -51.46
CA ALA C 1417 -9.26 -17.65 -52.09
C ALA C 1417 -10.14 -16.90 -51.12
N GLU C 1418 -10.11 -17.21 -49.83
CA GLU C 1418 -10.95 -16.52 -48.83
C GLU C 1418 -10.21 -15.34 -48.21
N ILE C 1419 -9.68 -14.46 -49.06
CA ILE C 1419 -8.96 -13.27 -48.62
C ILE C 1419 -9.65 -12.05 -49.21
N ASN C 1420 -9.99 -11.09 -48.36
CA ASN C 1420 -10.64 -9.87 -48.82
C ASN C 1420 -9.68 -9.09 -49.71
N VAL C 1421 -10.06 -8.91 -50.99
CA VAL C 1421 -9.21 -8.19 -51.92
C VAL C 1421 -9.07 -6.74 -51.49
N ARG C 1422 -10.18 -6.12 -51.07
CA ARG C 1422 -10.18 -4.73 -50.62
C ARG C 1422 -10.11 -4.73 -49.09
N ARG C 1423 -8.90 -4.85 -48.57
CA ARG C 1423 -8.67 -4.83 -47.14
C ARG C 1423 -7.21 -4.50 -46.87
N ALA C 1424 -6.96 -3.83 -45.75
CA ALA C 1424 -5.60 -3.46 -45.39
C ALA C 1424 -4.80 -4.69 -44.97
N PHE C 1425 -3.48 -4.59 -45.12
CA PHE C 1425 -2.61 -5.71 -44.75
C PHE C 1425 -2.61 -5.94 -43.24
N SER C 1426 -2.68 -4.85 -42.46
CA SER C 1426 -2.65 -4.98 -41.00
C SER C 1426 -3.87 -5.75 -40.49
N GLU C 1427 -5.05 -5.47 -41.03
CA GLU C 1427 -6.25 -6.18 -40.61
C GLU C 1427 -6.16 -7.66 -40.96
N LEU C 1428 -5.63 -7.98 -42.13
CA LEU C 1428 -5.45 -9.39 -42.51
C LEU C 1428 -4.37 -10.07 -41.69
N GLY C 1429 -3.50 -9.31 -41.05
CA GLY C 1429 -2.44 -9.89 -40.23
C GLY C 1429 -1.11 -9.94 -40.95
N LEU C 1430 -0.15 -9.14 -40.49
CA LEU C 1430 1.18 -9.13 -41.09
C LEU C 1430 2.16 -8.59 -40.05
N ASP C 1431 3.43 -8.89 -40.26
CA ASP C 1431 4.48 -8.47 -39.34
C ASP C 1431 5.64 -7.82 -40.06
N LEU C 1433 9.39 -9.15 -41.40
CA LEU C 1433 10.03 -9.71 -42.59
C LEU C 1433 9.14 -10.68 -43.34
N ASN C 1434 7.85 -10.70 -43.03
CA ASN C 1434 6.91 -11.39 -43.91
C ASN C 1434 6.86 -10.69 -45.26
N ALA C 1435 7.04 -9.36 -45.26
CA ALA C 1435 7.08 -8.60 -46.51
C ALA C 1435 8.23 -9.04 -47.39
N MET C 1436 9.41 -9.27 -46.80
CA MET C 1436 10.55 -9.67 -47.62
C MET C 1436 10.39 -11.09 -48.13
N ALA C 1437 9.73 -11.96 -47.36
CA ALA C 1437 9.39 -13.29 -47.86
C ALA C 1437 8.44 -13.21 -49.04
N LEU C 1438 7.43 -12.33 -48.96
CA LEU C 1438 6.53 -12.14 -50.09
C LEU C 1438 7.28 -11.58 -51.29
N ARG C 1439 8.23 -10.66 -51.04
CA ARG C 1439 9.04 -10.12 -52.13
C ARG C 1439 9.87 -11.21 -52.78
N LYS C 1440 10.46 -12.10 -51.99
CA LYS C 1440 11.23 -13.20 -52.54
C LYS C 1440 10.36 -14.13 -53.38
N ARG C 1441 9.15 -14.42 -52.88
CA ARG C 1441 8.22 -15.25 -53.64
C ARG C 1441 7.86 -14.59 -54.98
N LEU C 1442 7.60 -13.29 -54.95
CA LEU C 1442 7.27 -12.57 -56.20
C LEU C 1442 8.47 -12.57 -57.15
N SER C 1443 9.67 -12.36 -56.63
CA SER C 1443 10.86 -12.36 -57.48
C SER C 1443 11.08 -13.74 -58.09
N ALA C 1444 10.83 -14.80 -57.33
CA ALA C 1444 10.91 -16.14 -57.89
C ALA C 1444 9.85 -16.34 -58.97
N SER C 1445 8.64 -15.81 -58.76
CA SER C 1445 7.57 -15.96 -59.73
C SER C 1445 7.68 -14.93 -60.85
N THR C 1446 7.57 -13.64 -60.50
CA THR C 1446 7.52 -12.60 -61.52
C THR C 1446 8.89 -12.31 -62.12
N GLY C 1447 9.94 -12.35 -61.30
CA GLY C 1447 11.27 -11.99 -61.74
C GLY C 1447 11.58 -10.52 -61.69
N LEU C 1448 10.68 -9.69 -61.16
CA LEU C 1448 10.90 -8.26 -61.06
C LEU C 1448 11.85 -7.95 -59.90
N ARG C 1449 12.10 -6.67 -59.69
CA ARG C 1449 13.00 -6.23 -58.65
C ARG C 1449 12.26 -6.16 -57.31
N LEU C 1450 12.96 -5.68 -56.28
CA LEU C 1450 12.43 -5.62 -54.92
C LEU C 1450 12.60 -4.20 -54.39
N PRO C 1451 11.68 -3.29 -54.76
CA PRO C 1451 11.77 -1.91 -54.27
C PRO C 1451 11.62 -1.79 -52.76
N ALA C 1452 11.04 -2.78 -52.09
CA ALA C 1452 10.82 -2.85 -50.65
C ALA C 1452 9.83 -1.81 -50.13
N SER C 1453 9.29 -0.96 -51.01
CA SER C 1453 8.29 0.03 -50.61
C SER C 1453 6.90 -0.31 -51.14
N LEU C 1454 6.73 -1.48 -51.74
CA LEU C 1454 5.43 -1.85 -52.31
C LEU C 1454 4.37 -2.03 -51.22
N VAL C 1455 4.78 -2.48 -50.03
CA VAL C 1455 3.83 -2.70 -48.95
C VAL C 1455 3.16 -1.39 -48.55
N PHE C 1456 3.96 -0.33 -48.37
CA PHE C 1456 3.41 0.97 -48.04
C PHE C 1456 2.89 1.71 -49.26
N ASP C 1457 3.28 1.28 -50.47
CA ASP C 1457 2.76 1.90 -51.68
C ASP C 1457 1.28 1.63 -51.85
N HIS C 1458 0.84 0.40 -51.58
CA HIS C 1458 -0.55 0.03 -51.73
C HIS C 1458 -0.88 -1.15 -50.82
N PRO C 1459 -1.29 -0.89 -49.57
CA PRO C 1459 -1.61 -2.01 -48.66
C PRO C 1459 -2.75 -2.90 -49.16
N THR C 1460 -3.72 -2.34 -49.86
CA THR C 1460 -4.83 -3.13 -50.35
C THR C 1460 -4.38 -4.12 -51.41
N VAL C 1461 -4.94 -5.33 -51.37
CA VAL C 1461 -4.58 -6.35 -52.35
C VAL C 1461 -5.09 -5.95 -53.73
N THR C 1462 -6.25 -5.29 -53.80
CA THR C 1462 -6.82 -4.92 -55.10
C THR C 1462 -5.96 -3.91 -55.84
N ALA C 1463 -5.02 -3.25 -55.16
CA ALA C 1463 -4.11 -2.30 -55.79
C ALA C 1463 -2.75 -2.94 -56.11
N LEU C 1464 -2.73 -4.23 -56.42
CA LEU C 1464 -1.51 -4.95 -56.76
C LEU C 1464 -1.28 -5.01 -58.27
N ALA C 1465 -1.74 -4.01 -59.01
CA ALA C 1465 -1.56 -3.97 -60.46
C ALA C 1465 -0.24 -3.35 -60.89
N GLN C 1466 0.63 -3.01 -59.93
CA GLN C 1466 1.90 -2.38 -60.24
C GLN C 1466 2.88 -3.32 -60.93
N HIS C 1467 2.58 -4.62 -60.98
CA HIS C 1467 3.48 -5.56 -61.64
C HIS C 1467 3.59 -5.26 -63.13
N THR C 1468 4.82 -5.32 -63.64
CA THR C 1468 5.11 -5.06 -65.05
C THR C 1468 4.63 -3.68 -65.49
N GLU D 3 6.47 22.58 20.94
CA GLU D 3 6.43 21.25 21.54
C GLU D 3 6.72 21.29 23.03
N VAL D 4 7.72 22.08 23.45
CA VAL D 4 8.13 22.12 24.84
C VAL D 4 8.19 23.55 25.35
N GLN D 5 7.34 24.42 24.82
CA GLN D 5 7.37 25.83 25.16
C GLN D 5 6.71 26.14 26.50
N LEU D 6 6.48 25.15 27.35
CA LEU D 6 5.91 25.38 28.68
C LEU D 6 6.89 24.83 29.72
N VAL D 7 7.68 25.72 30.31
CA VAL D 7 8.69 25.35 31.28
C VAL D 7 8.36 26.02 32.61
N GLN D 8 7.06 26.14 32.89
CA GLN D 8 6.61 26.80 34.11
C GLN D 8 7.25 26.18 35.34
N SER D 9 7.82 27.03 36.19
CA SER D 9 8.55 26.58 37.36
C SER D 9 8.33 27.56 38.51
N GLY D 10 8.51 27.07 39.73
CA GLY D 10 8.35 27.85 40.94
C GLY D 10 7.50 27.12 41.96
N GLY D 11 7.31 27.77 43.09
CA GLY D 11 6.48 27.23 44.15
C GLY D 11 7.17 27.16 45.50
N GLY D 12 6.38 27.14 46.57
CA GLY D 12 6.95 27.06 47.90
C GLY D 12 5.88 27.29 48.95
N LEU D 13 6.33 27.30 50.20
CA LEU D 13 5.43 27.53 51.34
C LEU D 13 5.07 28.99 51.51
N VAL D 14 5.92 29.91 51.06
CA VAL D 14 5.64 31.34 50.99
C VAL D 14 5.50 31.96 52.39
N GLN D 15 4.51 31.47 53.17
CA GLN D 15 4.12 32.01 54.46
C GLN D 15 3.44 33.37 54.23
N PRO D 16 2.27 33.60 54.80
CA PRO D 16 1.50 34.81 54.45
C PRO D 16 2.30 36.08 54.65
N GLY D 17 2.16 37.00 53.70
CA GLY D 17 2.92 38.24 53.70
C GLY D 17 4.26 38.08 53.03
N ARG D 18 4.28 37.58 51.80
CA ARG D 18 5.52 37.30 51.08
C ARG D 18 5.25 37.37 49.59
N SER D 19 6.32 37.25 48.81
CA SER D 19 6.28 37.28 47.35
C SER D 19 6.67 35.92 46.79
N LEU D 20 6.74 35.84 45.46
CA LEU D 20 7.08 34.59 44.80
C LEU D 20 7.66 34.89 43.43
N ARG D 21 8.31 33.88 42.86
CA ARG D 21 9.01 33.99 41.57
C ARG D 21 8.40 33.08 40.52
N LEU D 22 7.07 33.04 40.44
CA LEU D 22 6.40 32.20 39.45
C LEU D 22 6.68 32.71 38.04
N SER D 23 7.16 31.82 37.18
CA SER D 23 7.49 32.19 35.81
C SER D 23 7.41 30.96 34.93
N CYS D 24 7.18 31.19 33.64
CA CYS D 24 7.14 30.13 32.64
C CYS D 24 7.95 30.55 31.43
N THR D 25 8.77 29.62 30.92
CA THR D 25 9.61 29.87 29.76
C THR D 25 9.04 29.17 28.54
N ALA D 26 9.31 29.74 27.37
CA ALA D 26 8.76 29.22 26.13
C ALA D 26 9.83 29.22 25.04
N SER D 27 9.58 28.42 24.01
CA SER D 27 10.48 28.30 22.86
C SER D 27 9.64 27.94 21.65
N GLY D 28 10.31 27.69 20.53
CA GLY D 28 9.61 27.30 19.32
C GLY D 28 8.92 28.46 18.61
N PHE D 29 7.90 29.02 19.24
CA PHE D 29 7.13 30.10 18.64
C PHE D 29 7.75 31.45 19.00
N THR D 30 7.06 32.53 18.64
CA THR D 30 7.54 33.88 18.85
C THR D 30 6.73 34.56 19.94
N PHE D 31 7.42 35.16 20.91
CA PHE D 31 6.73 35.83 22.00
C PHE D 31 6.02 37.10 21.55
N GLY D 32 6.56 37.77 20.52
CA GLY D 32 6.11 39.11 20.18
C GLY D 32 4.67 39.19 19.70
N ASP D 33 4.09 38.06 19.30
CA ASP D 33 2.73 38.02 18.76
C ASP D 33 1.90 37.00 19.52
N TYR D 34 1.98 37.02 20.85
CA TYR D 34 1.25 36.07 21.66
C TYR D 34 0.90 36.72 23.00
N ALA D 35 -0.33 36.50 23.46
CA ALA D 35 -0.68 36.83 24.82
C ALA D 35 -0.21 35.71 25.74
N MET D 36 -0.44 35.88 27.05
CA MET D 36 0.06 34.90 28.01
C MET D 36 -1.06 34.15 28.73
N SER D 37 -1.97 34.86 29.40
CA SER D 37 -3.05 34.24 30.17
C SER D 37 -2.49 33.42 31.34
N TRP D 38 -3.30 33.22 32.38
CA TRP D 38 -2.85 32.48 33.55
C TRP D 38 -4.06 31.91 34.28
N VAL D 39 -4.04 30.61 34.52
CA VAL D 39 -5.17 29.92 35.16
C VAL D 39 -4.66 29.18 36.38
N ARG D 40 -5.40 29.31 37.49
CA ARG D 40 -5.10 28.62 38.73
C ARG D 40 -6.26 27.69 39.07
N GLN D 41 -5.93 26.46 39.44
CA GLN D 41 -6.89 25.44 39.82
C GLN D 41 -6.78 25.23 41.32
N ALA D 42 -7.88 25.44 42.02
CA ALA D 42 -7.94 25.19 43.45
C ALA D 42 -8.10 23.70 43.72
N PRO D 43 -7.56 23.21 44.83
CA PRO D 43 -7.70 21.78 45.15
C PRO D 43 -9.15 21.42 45.43
N GLY D 44 -9.69 20.50 44.62
CA GLY D 44 -11.07 20.09 44.81
C GLY D 44 -12.10 21.11 44.39
N LYS D 45 -11.73 22.07 43.55
CA LYS D 45 -12.65 23.10 43.11
C LYS D 45 -12.35 23.44 41.64
N GLY D 46 -13.22 24.25 41.05
CA GLY D 46 -13.01 24.68 39.69
C GLY D 46 -11.88 25.69 39.57
N LEU D 47 -11.31 25.76 38.38
CA LEU D 47 -10.20 26.65 38.10
C LEU D 47 -10.71 27.99 37.58
N GLU D 48 -9.86 29.01 37.66
CA GLU D 48 -10.25 30.33 37.18
C GLU D 48 -9.01 31.09 36.74
N TRP D 49 -9.24 32.14 35.96
CA TRP D 49 -8.16 32.94 35.41
C TRP D 49 -7.48 33.73 36.52
N VAL D 50 -6.15 33.68 36.53
CA VAL D 50 -5.39 34.34 37.59
C VAL D 50 -5.51 35.85 37.46
N GLY D 51 -5.32 36.38 36.26
CA GLY D 51 -5.23 37.81 36.10
C GLY D 51 -5.89 38.39 34.88
N PHE D 52 -6.63 37.58 34.12
CA PHE D 52 -7.27 38.03 32.88
C PHE D 52 -6.24 38.70 31.98
N ILE D 53 -5.13 37.99 31.75
CA ILE D 53 -3.87 38.64 31.39
C ILE D 53 -4.06 39.54 30.16
N ARG D 54 -4.39 38.95 29.02
CA ARG D 54 -4.59 39.66 27.77
C ARG D 54 -3.51 40.75 27.61
N SER D 55 -2.26 40.28 27.54
CA SER D 55 -1.15 41.23 27.53
C SER D 55 -0.22 40.98 26.35
N LYS D 56 0.93 41.65 26.35
CA LYS D 56 1.96 41.52 25.32
C LYS D 56 1.36 41.99 23.99
N ALA D 57 1.86 41.43 22.89
CA ALA D 57 1.49 41.84 21.54
C ALA D 57 1.79 43.31 21.32
N TYR D 58 1.15 43.91 20.32
CA TYR D 58 1.38 45.32 20.03
C TYR D 58 0.86 46.22 21.14
N GLY D 59 -0.31 45.89 21.69
CA GLY D 59 -0.91 46.76 22.70
C GLY D 59 -0.07 46.84 23.97
N GLY D 60 0.40 45.70 24.46
CA GLY D 60 1.21 45.69 25.66
C GLY D 60 0.49 46.19 26.89
N THR D 61 -0.78 45.81 27.06
CA THR D 61 -1.57 46.25 28.20
C THR D 61 -1.40 45.29 29.36
N THR D 62 -2.15 45.53 30.43
CA THR D 62 -2.07 44.71 31.64
C THR D 62 -3.37 43.96 31.89
N GLU D 63 -4.50 44.66 31.99
CA GLU D 63 -5.82 44.06 32.15
C GLU D 63 -5.87 43.11 33.34
N TYR D 64 -5.67 43.67 34.53
CA TYR D 64 -5.75 42.87 35.74
C TYR D 64 -7.17 42.36 35.95
N ALA D 65 -7.29 41.21 36.60
CA ALA D 65 -8.58 40.60 36.83
C ALA D 65 -9.27 41.23 38.04
N ALA D 66 -10.57 40.97 38.16
CA ALA D 66 -11.32 41.45 39.31
C ALA D 66 -10.92 40.67 40.56
N SER D 67 -11.28 41.24 41.72
CA SER D 67 -10.92 40.67 43.02
C SER D 67 -9.41 40.54 43.20
N VAL D 68 -8.66 41.39 42.51
CA VAL D 68 -7.21 41.41 42.62
C VAL D 68 -6.77 42.79 43.07
N LYS D 69 -7.06 43.79 42.24
CA LYS D 69 -6.75 45.20 42.54
C LYS D 69 -5.27 45.37 42.88
N GLY D 70 -4.41 44.68 42.13
CA GLY D 70 -2.98 44.76 42.35
C GLY D 70 -2.44 43.87 43.46
N ARG D 71 -3.31 43.10 44.13
CA ARG D 71 -2.82 42.19 45.15
C ARG D 71 -1.90 41.13 44.55
N PHE D 72 -2.26 40.61 43.38
CA PHE D 72 -1.50 39.56 42.74
C PHE D 72 -0.40 40.09 41.82
N THR D 73 -0.25 41.41 41.74
CA THR D 73 0.96 42.04 41.19
C THR D 73 1.22 41.57 39.75
N ILE D 74 0.33 42.00 38.86
CA ILE D 74 0.30 41.59 37.46
C ILE D 74 1.70 41.52 36.87
N SER D 75 2.50 42.58 37.03
CA SER D 75 3.90 42.59 36.65
C SER D 75 4.09 42.15 35.20
N ARG D 76 4.41 40.87 35.00
CA ARG D 76 4.47 40.24 33.69
C ARG D 76 5.53 40.88 32.80
N ASP D 77 6.79 40.71 33.22
CA ASP D 77 7.91 41.02 32.35
C ASP D 77 7.82 40.18 31.08
N ASP D 78 8.18 40.80 29.95
CA ASP D 78 7.96 40.17 28.66
C ASP D 78 9.24 39.92 27.89
N SER D 79 10.08 40.93 27.70
CA SER D 79 11.20 40.81 26.76
C SER D 79 12.39 40.09 27.37
N LYS D 80 12.16 38.88 27.89
CA LYS D 80 13.25 38.04 28.36
C LYS D 80 12.93 36.57 28.11
N SER D 81 12.08 36.27 27.14
CA SER D 81 11.56 34.93 26.90
C SER D 81 10.91 34.34 28.14
N ILE D 82 10.43 35.21 29.03
CA ILE D 82 9.86 34.80 30.30
C ILE D 82 8.56 35.57 30.51
N ALA D 83 7.73 35.06 31.41
CA ALA D 83 6.48 35.69 31.81
C ALA D 83 6.35 35.70 33.32
N TYR D 84 7.43 36.12 33.99
CA TYR D 84 7.44 36.09 35.45
C TYR D 84 6.33 36.97 36.01
N LEU D 85 5.59 36.43 36.96
CA LEU D 85 4.48 37.12 37.61
C LEU D 85 4.76 37.20 39.11
N GLN D 86 4.85 38.42 39.63
CA GLN D 86 5.11 38.62 41.05
C GLN D 86 3.89 38.24 41.88
N MET D 87 4.13 37.76 43.08
CA MET D 87 3.08 37.29 43.98
C MET D 87 3.28 37.84 45.39
N ASN D 88 3.55 39.14 45.51
CA ASN D 88 3.74 39.73 46.83
C ASN D 88 2.38 39.91 47.52
N SER D 89 2.44 39.96 48.85
CA SER D 89 1.26 40.15 49.71
C SER D 89 0.23 39.06 49.45
N LEU D 90 0.62 37.82 49.76
CA LEU D 90 -0.23 36.67 49.51
C LEU D 90 -1.22 36.48 50.66
N LYS D 91 -1.97 35.39 50.61
CA LYS D 91 -3.03 35.13 51.58
C LYS D 91 -3.25 33.63 51.66
N THR D 92 -3.71 33.17 52.83
CA THR D 92 -3.92 31.74 53.05
C THR D 92 -4.92 31.14 52.07
N GLU D 93 -5.81 31.95 51.50
CA GLU D 93 -6.87 31.41 50.66
C GLU D 93 -6.35 30.90 49.32
N ASP D 94 -5.42 31.62 48.71
CA ASP D 94 -5.02 31.35 47.33
C ASP D 94 -3.96 30.27 47.22
N THR D 95 -4.24 29.11 47.81
CA THR D 95 -3.40 27.93 47.65
C THR D 95 -3.95 27.11 46.50
N ALA D 96 -3.15 26.94 45.44
CA ALA D 96 -3.67 26.35 44.21
C ALA D 96 -2.50 26.00 43.29
N VAL D 97 -2.84 25.42 42.14
CA VAL D 97 -1.85 25.07 41.12
C VAL D 97 -2.02 26.05 39.97
N TYR D 98 -0.96 26.78 39.65
CA TYR D 98 -1.00 27.83 38.64
C TYR D 98 -0.28 27.39 37.39
N TYR D 99 -0.79 27.79 36.22
CA TYR D 99 -0.09 27.52 34.98
C TYR D 99 -0.42 28.57 33.93
N CYS D 100 0.50 28.70 32.98
CA CYS D 100 0.43 29.71 31.93
C CYS D 100 -0.40 29.18 30.77
N THR D 101 -0.38 29.91 29.65
CA THR D 101 -1.18 29.56 28.48
C THR D 101 -0.51 30.19 27.27
N ARG D 102 -0.90 29.76 26.08
CA ARG D 102 -0.30 30.26 24.86
C ARG D 102 -1.32 30.99 23.99
N GLY D 103 -2.12 31.84 24.60
CA GLY D 103 -3.09 32.62 23.85
C GLY D 103 -3.82 33.59 24.74
N GLY D 104 -4.57 34.48 24.09
CA GLY D 104 -5.37 35.44 24.81
C GLY D 104 -6.81 34.98 24.97
N THR D 105 -7.41 34.50 23.89
CA THR D 105 -8.75 33.94 23.92
C THR D 105 -8.82 32.48 23.51
N LEU D 106 -7.80 31.95 22.83
CA LEU D 106 -7.74 30.54 22.46
C LEU D 106 -6.69 29.87 23.34
N PHE D 107 -7.14 29.31 24.46
CA PHE D 107 -6.25 28.62 25.38
C PHE D 107 -5.91 27.24 24.81
N ASP D 108 -5.19 27.27 23.68
CA ASP D 108 -4.91 26.05 22.95
C ASP D 108 -3.79 25.24 23.58
N TYR D 109 -2.64 25.88 23.82
CA TYR D 109 -1.48 25.19 24.35
C TYR D 109 -1.33 25.51 25.83
N TRP D 110 -1.26 24.47 26.65
CA TRP D 110 -1.10 24.60 28.09
C TRP D 110 0.21 23.91 28.49
N GLY D 111 0.43 23.81 29.80
CA GLY D 111 1.64 23.15 30.27
C GLY D 111 1.51 22.76 31.73
N GLN D 112 2.57 22.14 32.23
CA GLN D 112 2.58 21.69 33.61
C GLN D 112 2.56 22.88 34.56
N GLY D 113 1.66 22.85 35.53
CA GLY D 113 1.56 23.91 36.51
C GLY D 113 2.43 23.66 37.73
N THR D 114 2.46 24.66 38.61
CA THR D 114 3.20 24.59 39.86
C THR D 114 2.23 24.80 41.01
N LEU D 115 2.33 23.96 42.03
CA LEU D 115 1.47 24.05 43.19
C LEU D 115 2.10 24.97 44.23
N VAL D 116 1.30 25.91 44.73
CA VAL D 116 1.73 26.84 45.76
C VAL D 116 0.75 26.76 46.93
N THR D 117 1.29 26.55 48.13
CA THR D 117 0.50 26.49 49.35
C THR D 117 1.04 27.53 50.32
N VAL D 118 0.14 28.33 50.88
CA VAL D 118 0.50 29.38 51.84
C VAL D 118 -0.32 29.12 53.09
N SER D 119 0.24 28.35 54.03
CA SER D 119 -0.43 27.98 55.27
C SER D 119 0.57 27.21 56.13
N SER D 120 0.14 26.92 57.36
CA SER D 120 0.96 26.12 58.27
C SER D 120 0.04 25.55 59.34
N ALA D 121 -0.17 24.24 59.32
CA ALA D 121 -1.07 23.59 60.26
C ALA D 121 -0.69 22.11 60.36
N SER D 122 -1.39 21.40 61.26
CA SER D 122 -1.17 19.98 61.52
C SER D 122 0.26 19.71 61.98
N THR D 123 0.65 18.44 62.04
CA THR D 123 1.98 18.04 62.49
C THR D 123 2.24 16.63 61.99
N LYS D 124 3.28 15.99 62.55
CA LYS D 124 3.71 14.66 62.16
C LYS D 124 3.22 13.58 63.11
N GLY D 125 2.08 13.80 63.75
CA GLY D 125 1.60 12.91 64.79
C GLY D 125 0.66 11.84 64.27
N PRO D 126 1.08 10.58 64.35
CA PRO D 126 0.22 9.48 63.94
C PRO D 126 -0.82 9.16 65.02
N SER D 127 -1.79 8.34 64.64
CA SER D 127 -2.87 7.97 65.55
C SER D 127 -3.15 6.48 65.62
N VAL D 128 -2.81 5.70 64.59
CA VAL D 128 -3.12 4.28 64.44
C VAL D 128 -4.44 3.93 65.11
N PHE D 129 -5.50 4.59 64.70
CA PHE D 129 -6.82 4.38 65.28
C PHE D 129 -7.37 3.03 64.86
N PRO D 130 -7.67 2.13 65.80
CA PRO D 130 -8.30 0.86 65.46
C PRO D 130 -9.81 0.97 65.33
N LEU D 131 -10.38 0.05 64.55
CA LEU D 131 -11.80 0.07 64.26
C LEU D 131 -12.61 -0.90 65.11
N ALA D 132 -12.04 -2.05 65.47
CA ALA D 132 -12.66 -3.05 66.33
C ALA D 132 -13.99 -3.53 65.76
N PRO D 133 -13.98 -4.29 64.66
CA PRO D 133 -15.23 -4.83 64.13
C PRO D 133 -15.84 -5.86 65.07
N SER D 134 -17.17 -5.93 65.06
CA SER D 134 -17.89 -6.86 65.93
C SER D 134 -18.16 -8.19 65.22
N SER D 135 -18.83 -8.14 64.08
CA SER D 135 -19.15 -9.36 63.33
C SER D 135 -19.00 -9.12 61.83
N ALA D 143 -15.68 -7.32 59.03
CA ALA D 143 -14.58 -7.45 58.09
C ALA D 143 -13.98 -6.10 57.74
N ALA D 144 -13.68 -5.31 58.77
CA ALA D 144 -13.12 -3.97 58.59
C ALA D 144 -11.93 -3.79 59.53
N LEU D 145 -10.94 -3.04 59.06
CA LEU D 145 -9.72 -2.79 59.81
C LEU D 145 -8.96 -1.65 59.14
N GLY D 146 -8.31 -0.82 59.95
CA GLY D 146 -7.55 0.28 59.39
C GLY D 146 -6.96 1.14 60.48
N CYS D 147 -6.21 2.15 60.04
CA CYS D 147 -5.59 3.12 60.93
C CYS D 147 -5.91 4.52 60.43
N LEU D 148 -6.06 5.44 61.37
CA LEU D 148 -6.63 6.76 61.10
C LEU D 148 -5.70 7.85 61.61
N VAL D 149 -4.43 7.80 61.19
CA VAL D 149 -3.42 8.79 61.54
C VAL D 149 -3.99 10.20 61.39
N LYS D 150 -3.89 10.99 62.46
CA LYS D 150 -4.57 12.28 62.52
C LYS D 150 -3.74 13.43 62.02
N ASP D 151 -2.41 13.31 62.00
CA ASP D 151 -1.55 14.40 61.55
C ASP D 151 -0.38 13.83 60.75
N TYR D 152 -0.17 14.36 59.55
CA TYR D 152 0.96 13.93 58.74
C TYR D 152 1.64 15.09 58.01
N PHE D 153 1.34 16.34 58.37
CA PHE D 153 2.03 17.47 57.76
C PHE D 153 3.49 17.47 58.18
N PRO D 154 4.42 17.83 57.28
CA PRO D 154 4.23 18.20 55.87
C PRO D 154 3.98 17.01 54.95
N GLU D 155 3.33 17.25 53.81
CA GLU D 155 3.02 16.22 52.84
C GLU D 155 4.26 15.88 52.01
N PRO D 156 4.33 14.67 51.46
CA PRO D 156 3.38 13.56 51.58
C PRO D 156 3.82 12.50 52.60
N VAL D 157 2.94 11.58 52.94
CA VAL D 157 3.25 10.49 53.87
C VAL D 157 2.74 9.19 53.26
N THR D 158 3.62 8.19 53.20
CA THR D 158 3.28 6.88 52.66
C THR D 158 2.93 5.93 53.80
N VAL D 159 1.93 5.09 53.57
CA VAL D 159 1.46 4.13 54.56
C VAL D 159 1.55 2.74 53.95
N SER D 160 2.14 1.79 54.68
CA SER D 160 2.27 0.42 54.25
C SER D 160 1.66 -0.51 55.28
N TRP D 161 1.30 -1.71 54.83
CA TRP D 161 0.68 -2.71 55.69
C TRP D 161 1.59 -3.93 55.75
N ASN D 162 2.06 -4.25 56.95
CA ASN D 162 2.92 -5.43 57.19
C ASN D 162 4.18 -5.38 56.33
N SER D 163 4.63 -4.18 55.98
CA SER D 163 5.81 -3.99 55.14
C SER D 163 5.70 -4.79 53.84
N GLY D 164 4.51 -4.78 53.26
CA GLY D 164 4.24 -5.56 52.07
C GLY D 164 3.13 -6.57 52.29
N ALA D 165 3.46 -7.85 52.20
CA ALA D 165 2.51 -8.94 52.46
C ALA D 165 1.22 -8.75 51.67
N LEU D 166 0.09 -8.71 52.38
CA LEU D 166 -1.20 -8.53 51.72
C LEU D 166 -1.34 -7.09 51.23
N THR D 167 -1.96 -6.93 50.07
CA THR D 167 -2.22 -5.62 49.49
C THR D 167 -3.63 -5.44 48.95
N SER D 168 -4.43 -6.50 48.90
CA SER D 168 -5.79 -6.40 48.38
C SER D 168 -6.71 -5.71 49.38
N GLY D 169 -7.67 -4.96 48.84
CA GLY D 169 -8.65 -4.28 49.69
C GLY D 169 -8.05 -3.21 50.58
N VAL D 170 -7.10 -2.45 50.07
CA VAL D 170 -6.45 -1.37 50.82
C VAL D 170 -6.67 -0.08 50.06
N HIS D 171 -7.11 0.96 50.76
CA HIS D 171 -7.40 2.25 50.17
C HIS D 171 -6.61 3.34 50.90
N THR D 172 -5.84 4.12 50.14
CA THR D 172 -5.12 5.24 50.73
C THR D 172 -6.08 6.29 51.28
N PHE D 173 -7.12 6.61 50.51
CA PHE D 173 -8.22 7.47 50.95
C PHE D 173 -7.73 8.85 51.37
N PRO D 174 -7.31 9.70 50.44
CA PRO D 174 -6.91 11.07 50.81
C PRO D 174 -8.07 11.81 51.45
N ALA D 175 -7.75 12.63 52.45
CA ALA D 175 -8.76 13.32 53.23
C ALA D 175 -8.61 14.82 53.10
N VAL D 176 -9.72 15.52 53.35
CA VAL D 176 -9.72 16.98 53.21
C VAL D 176 -8.87 17.62 54.30
N LEU D 177 -8.54 18.89 54.08
CA LEU D 177 -7.73 19.62 55.05
C LEU D 177 -8.50 19.87 56.34
N GLN D 178 -9.81 20.13 56.23
CA GLN D 178 -10.71 20.34 57.36
C GLN D 178 -10.31 21.53 58.22
N SER D 179 -11.12 21.86 59.22
CA SER D 179 -10.84 23.01 60.07
C SER D 179 -9.53 22.81 60.82
N SER D 180 -8.87 23.94 61.11
CA SER D 180 -7.57 23.99 61.77
C SER D 180 -6.46 23.34 60.94
N GLY D 181 -6.72 23.05 59.68
CA GLY D 181 -5.71 22.46 58.82
C GLY D 181 -5.25 21.09 59.29
N LEU D 182 -6.17 20.23 59.72
CA LEU D 182 -5.81 18.92 60.24
C LEU D 182 -5.64 17.94 59.08
N TYR D 183 -4.40 17.56 58.81
CA TYR D 183 -4.10 16.62 57.74
C TYR D 183 -4.33 15.20 58.26
N SER D 184 -5.39 14.55 57.77
CA SER D 184 -5.77 13.22 58.22
C SER D 184 -5.68 12.23 57.06
N LEU D 185 -5.59 10.96 57.41
CA LEU D 185 -5.50 9.88 56.43
C LEU D 185 -6.27 8.67 56.96
N SER D 186 -6.29 7.60 56.16
CA SER D 186 -6.98 6.37 56.54
C SER D 186 -6.41 5.23 55.73
N SER D 187 -6.72 4.01 56.16
CA SER D 187 -6.25 2.81 55.47
C SER D 187 -7.37 1.84 55.14
N VAL D 188 -8.35 1.66 56.03
CA VAL D 188 -9.54 0.83 55.86
C VAL D 188 -9.27 -0.43 55.04
N VAL D 189 -8.43 -1.31 55.54
CA VAL D 189 -8.14 -2.58 54.88
C VAL D 189 -9.21 -3.59 55.28
N THR D 190 -9.68 -4.36 54.30
CA THR D 190 -10.74 -5.34 54.52
C THR D 190 -10.13 -6.73 54.61
N VAL D 191 -10.40 -7.43 55.71
CA VAL D 191 -9.91 -8.79 55.91
C VAL D 191 -11.03 -9.65 56.48
N PRO D 192 -11.01 -10.95 56.16
CA PRO D 192 -12.02 -11.86 56.70
C PRO D 192 -11.58 -12.50 58.01
N SER D 193 -12.56 -13.08 58.70
CA SER D 193 -12.34 -13.77 59.97
C SER D 193 -11.65 -12.86 60.99
N THR D 200 -0.06 -9.49 63.61
CA THR D 200 -0.53 -10.05 62.34
C THR D 200 -0.86 -8.94 61.36
N TYR D 201 -1.22 -7.77 61.89
CA TYR D 201 -1.58 -6.62 61.08
C TYR D 201 -0.82 -5.40 61.59
N ILE D 202 0.02 -4.81 60.72
CA ILE D 202 0.82 -3.64 61.06
C ILE D 202 0.55 -2.58 60.01
N CYS D 203 0.26 -1.35 60.46
CA CYS D 203 0.01 -0.24 59.54
C CYS D 203 1.10 0.82 59.70
N ASN D 204 2.36 0.37 59.75
CA ASN D 204 3.47 1.27 59.98
C ASN D 204 3.48 2.43 58.98
N VAL D 205 3.70 3.63 59.50
CA VAL D 205 3.60 4.87 58.73
C VAL D 205 5.00 5.44 58.56
N ASN D 206 5.35 5.81 57.33
CA ASN D 206 6.65 6.36 57.01
C ASN D 206 6.53 7.84 56.68
N HIS D 207 7.38 8.66 57.29
CA HIS D 207 7.46 10.08 57.03
C HIS D 207 8.92 10.48 56.93
N LYS D 208 9.18 11.57 56.21
CA LYS D 208 10.55 12.01 56.01
C LYS D 208 11.30 12.37 57.31
N PRO D 209 10.71 13.06 58.30
CA PRO D 209 11.53 13.41 59.46
C PRO D 209 11.85 12.23 60.36
N SER D 210 10.89 11.34 60.60
CA SER D 210 11.08 10.23 61.51
C SER D 210 10.12 9.10 61.13
N ASN D 211 10.24 7.98 61.84
CA ASN D 211 9.43 6.80 61.60
C ASN D 211 8.78 6.36 62.90
N THR D 212 7.55 5.85 62.79
CA THR D 212 6.80 5.38 63.95
C THR D 212 6.73 3.87 64.05
N LYS D 213 6.29 3.17 63.01
CA LYS D 213 6.29 1.72 62.93
C LYS D 213 5.56 1.09 64.13
N VAL D 214 4.26 1.38 64.22
CA VAL D 214 3.41 0.84 65.28
C VAL D 214 2.22 0.13 64.64
N ASP D 215 1.90 -1.05 65.14
CA ASP D 215 0.82 -1.86 64.62
C ASP D 215 -0.48 -1.54 65.34
N LYS D 216 -1.51 -2.34 65.10
CA LYS D 216 -2.79 -2.18 65.77
C LYS D 216 -3.60 -3.45 65.60
N LYS D 217 -4.16 -3.94 66.71
CA LYS D 217 -5.02 -5.12 66.71
C LYS D 217 -6.42 -4.72 67.12
N VAL D 218 -7.41 -5.14 66.36
CA VAL D 218 -8.80 -4.72 66.54
C VAL D 218 -9.54 -5.81 67.29
N GLU D 219 -10.05 -5.47 68.48
CA GLU D 219 -10.79 -6.41 69.30
C GLU D 219 -12.13 -5.77 69.67
N PRO D 220 -13.25 -6.46 69.44
CA PRO D 220 -14.57 -5.91 69.77
C PRO D 220 -14.90 -6.03 71.26
N ASP E 17 -26.20 41.66 28.39
CA ASP E 17 -26.35 40.68 27.32
C ASP E 17 -25.42 39.48 27.54
N VAL E 18 -25.21 39.16 28.81
CA VAL E 18 -24.40 38.01 29.17
C VAL E 18 -25.13 36.74 28.74
N VAL E 19 -24.36 35.73 28.35
CA VAL E 19 -24.90 34.47 27.85
C VAL E 19 -24.50 33.35 28.80
N MET E 20 -25.50 32.61 29.30
CA MET E 20 -25.25 31.43 30.10
C MET E 20 -24.92 30.23 29.21
N THR E 21 -24.42 29.17 29.86
CA THR E 21 -24.13 27.90 29.21
C THR E 21 -24.57 26.77 30.12
N GLN E 22 -24.85 25.61 29.53
CA GLN E 22 -25.32 24.46 30.28
C GLN E 22 -25.03 23.19 29.49
N SER E 23 -25.18 22.06 30.18
CA SER E 23 -24.87 20.75 29.64
C SER E 23 -25.67 19.71 30.41
N PRO E 24 -25.81 18.49 29.88
CA PRO E 24 -26.57 17.46 30.61
C PRO E 24 -25.99 17.11 31.97
N LEU E 25 -24.72 17.44 32.23
CA LEU E 25 -24.05 17.30 33.52
C LEU E 25 -23.78 15.85 33.92
N SER E 26 -24.21 14.87 33.15
CA SER E 26 -23.98 13.48 33.49
C SER E 26 -24.12 12.63 32.25
N LEU E 27 -23.13 11.78 31.99
CA LEU E 27 -23.18 10.91 30.81
C LEU E 27 -22.26 9.72 30.99
N PRO E 28 -22.65 8.72 31.78
CA PRO E 28 -21.87 7.48 31.83
C PRO E 28 -21.87 6.81 30.46
N VAL E 29 -20.73 6.25 30.08
CA VAL E 29 -20.53 5.70 28.75
C VAL E 29 -19.86 4.34 28.84
N THR E 30 -19.95 3.60 27.75
CA THR E 30 -19.32 2.30 27.60
C THR E 30 -18.51 2.28 26.30
N PRO E 31 -17.44 1.48 26.26
CA PRO E 31 -16.65 1.41 25.02
C PRO E 31 -17.48 0.90 23.85
N GLY E 32 -17.17 1.42 22.68
CA GLY E 32 -17.89 1.05 21.46
C GLY E 32 -19.11 1.88 21.16
N GLU E 33 -19.94 2.11 22.17
CA GLU E 33 -21.14 2.91 21.98
C GLU E 33 -20.77 4.37 21.72
N PRO E 34 -21.46 5.05 20.81
CA PRO E 34 -21.18 6.48 20.59
C PRO E 34 -21.66 7.34 21.75
N ALA E 35 -21.43 8.65 21.66
CA ALA E 35 -21.88 9.56 22.71
C ALA E 35 -22.19 10.91 22.10
N SER E 36 -23.05 11.66 22.80
CA SER E 36 -23.44 12.99 22.35
C SER E 36 -23.64 13.90 23.56
N ILE E 37 -23.24 15.15 23.41
CA ILE E 37 -23.40 16.16 24.45
C ILE E 37 -24.00 17.41 23.83
N SER E 38 -25.08 17.91 24.44
CA SER E 38 -25.75 19.12 23.98
C SER E 38 -25.34 20.30 24.85
N CYS E 39 -25.36 21.49 24.26
CA CYS E 39 -24.93 22.69 24.96
C CYS E 39 -25.67 23.88 24.38
N ARG E 40 -26.43 24.57 25.22
CA ARG E 40 -27.28 25.65 24.76
C ARG E 40 -26.87 26.96 25.42
N SER E 41 -27.20 28.05 24.75
CA SER E 41 -26.87 29.39 25.19
C SER E 41 -28.15 30.17 25.45
N SER E 42 -28.00 31.45 25.78
CA SER E 42 -29.14 32.34 26.01
C SER E 42 -29.40 33.29 24.85
N GLN E 43 -28.37 33.62 24.08
CA GLN E 43 -28.51 34.48 22.92
C GLN E 43 -27.67 33.92 21.79
N SER E 44 -28.07 34.23 20.56
CA SER E 44 -27.34 33.75 19.39
C SER E 44 -25.89 34.22 19.42
N LEU E 45 -24.98 33.32 19.10
CA LEU E 45 -23.55 33.62 19.06
C LEU E 45 -23.06 33.91 17.65
N LEU E 46 -23.97 34.14 16.70
CA LEU E 46 -23.57 34.39 15.33
C LEU E 46 -22.88 35.73 15.19
N HIS E 47 -22.16 35.89 14.10
CA HIS E 47 -21.43 37.11 13.77
C HIS E 47 -22.01 37.68 12.48
N SER E 48 -21.32 38.70 11.94
CA SER E 48 -21.75 39.31 10.68
C SER E 48 -21.90 38.28 9.58
N ASN E 49 -21.10 37.22 9.61
CA ASN E 49 -21.19 36.17 8.60
C ASN E 49 -21.31 34.78 9.25
N GLY E 50 -21.79 34.71 10.49
CA GLY E 50 -21.96 33.44 11.16
C GLY E 50 -20.73 33.08 11.98
N TYR E 51 -20.28 31.84 11.88
CA TYR E 51 -19.09 31.35 12.56
C TYR E 51 -19.21 31.55 14.07
N ASN E 52 -20.16 30.79 14.64
CA ASN E 52 -20.47 30.89 16.06
C ASN E 52 -19.20 30.82 16.90
N TYR E 53 -19.07 31.77 17.82
CA TYR E 53 -17.88 31.89 18.67
C TYR E 53 -17.97 30.91 19.85
N LEU E 54 -17.95 29.62 19.51
CA LEU E 54 -18.06 28.56 20.50
C LEU E 54 -16.84 27.66 20.43
N ASP E 55 -16.32 27.28 21.60
CA ASP E 55 -15.17 26.40 21.72
C ASP E 55 -15.47 25.32 22.74
N TRP E 56 -14.76 24.21 22.63
CA TRP E 56 -14.89 23.09 23.53
C TRP E 56 -13.54 22.78 24.17
N TYR E 57 -13.55 22.52 25.47
CA TYR E 57 -12.33 22.22 26.20
C TYR E 57 -12.50 20.91 26.97
N LEU E 58 -11.42 20.13 27.04
CA LEU E 58 -11.41 18.87 27.75
C LEU E 58 -10.20 18.80 28.66
N GLN E 59 -10.41 18.35 29.89
CA GLN E 59 -9.34 18.18 30.87
C GLN E 59 -9.28 16.73 31.30
N LYS E 60 -8.21 16.06 30.98
CA LYS E 60 -8.02 14.72 31.48
C LYS E 60 -7.56 14.76 32.94
N PRO E 61 -7.87 13.73 33.73
CA PRO E 61 -7.48 13.75 35.15
C PRO E 61 -5.97 13.64 35.29
N GLY E 62 -5.37 14.63 35.95
CA GLY E 62 -3.95 14.65 36.21
C GLY E 62 -3.13 15.54 35.31
N GLN E 63 -3.72 16.16 34.30
CA GLN E 63 -2.99 17.04 33.40
C GLN E 63 -3.83 18.27 33.09
N SER E 64 -3.16 19.32 32.62
CA SER E 64 -3.84 20.54 32.25
C SER E 64 -4.74 20.31 31.03
N PRO E 65 -5.86 21.02 30.95
CA PRO E 65 -6.77 20.83 29.82
C PRO E 65 -6.17 21.32 28.51
N GLN E 66 -6.71 20.81 27.41
CA GLN E 66 -6.28 21.21 26.07
C GLN E 66 -7.51 21.45 25.20
N LEU E 67 -7.33 22.30 24.19
CA LEU E 67 -8.42 22.65 23.30
C LEU E 67 -8.81 21.46 22.43
N LEU E 68 -10.12 21.28 22.24
CA LEU E 68 -10.64 20.20 21.41
C LEU E 68 -11.07 20.69 20.02
N ILE E 69 -11.98 21.66 19.98
CA ILE E 69 -12.53 22.13 18.71
C ILE E 69 -13.06 23.54 18.90
N TYR E 70 -12.89 24.37 17.88
CA TYR E 70 -13.22 25.79 17.96
C TYR E 70 -14.07 26.18 16.76
N LEU E 71 -14.78 27.30 16.91
CA LEU E 71 -15.55 27.92 15.83
C LEU E 71 -16.53 26.94 15.20
N GLY E 72 -17.22 26.19 16.06
CA GLY E 72 -18.20 25.24 15.56
C GLY E 72 -17.58 23.90 15.23
N SER E 73 -17.29 23.66 13.96
CA SER E 73 -16.67 22.42 13.50
C SER E 73 -15.34 22.78 12.82
N ASN E 74 -14.30 22.92 13.62
CA ASN E 74 -12.95 23.18 13.11
C ASN E 74 -11.93 22.41 13.96
N ARG E 75 -12.21 21.12 14.18
CA ARG E 75 -11.40 20.26 15.02
C ARG E 75 -9.90 20.46 14.77
N ALA E 76 -9.18 20.79 15.83
CA ALA E 76 -7.77 21.13 15.72
C ALA E 76 -6.92 19.89 15.48
N SER E 77 -5.67 20.11 15.10
CA SER E 77 -4.75 19.03 14.80
C SER E 77 -4.39 18.28 16.07
N GLY E 78 -4.05 17.00 15.91
CA GLY E 78 -3.68 16.17 17.03
C GLY E 78 -4.88 15.50 17.68
N VAL E 79 -6.00 16.21 17.72
CA VAL E 79 -7.23 15.65 18.29
C VAL E 79 -7.71 14.50 17.40
N PRO E 80 -8.09 13.37 17.97
CA PRO E 80 -8.60 12.27 17.14
C PRO E 80 -9.85 12.68 16.39
N ASP E 81 -10.01 12.11 15.19
CA ASP E 81 -11.12 12.47 14.32
C ASP E 81 -12.47 11.98 14.81
N ARG E 82 -12.49 11.14 15.85
CA ARG E 82 -13.77 10.61 16.35
C ARG E 82 -14.67 11.72 16.89
N PHE E 83 -14.12 12.87 17.26
CA PHE E 83 -14.90 14.00 17.74
C PHE E 83 -15.43 14.82 16.57
N SER E 84 -16.65 15.32 16.73
CA SER E 84 -17.25 16.19 15.73
C SER E 84 -18.13 17.21 16.42
N GLY E 85 -18.21 18.40 15.85
CA GLY E 85 -19.03 19.46 16.39
C GLY E 85 -20.08 19.91 15.38
N SER E 86 -21.22 20.34 15.89
CA SER E 86 -22.30 20.83 15.03
C SER E 86 -23.15 21.79 15.83
N GLY E 87 -24.04 22.49 15.12
CA GLY E 87 -24.97 23.40 15.75
C GLY E 87 -24.72 24.84 15.36
N SER E 88 -25.65 25.69 15.79
CA SER E 88 -25.62 27.11 15.46
C SER E 88 -26.65 27.80 16.34
N GLY E 89 -26.88 29.10 16.09
CA GLY E 89 -27.87 29.86 16.82
C GLY E 89 -27.59 29.89 18.31
N THR E 90 -28.42 29.16 19.07
CA THR E 90 -28.26 29.06 20.51
C THR E 90 -28.12 27.62 20.98
N ASP E 91 -27.75 26.69 20.09
CA ASP E 91 -27.64 25.29 20.46
C ASP E 91 -26.55 24.62 19.64
N PHE E 92 -25.72 23.82 20.31
CA PHE E 92 -24.63 23.10 19.68
C PHE E 92 -24.52 21.71 20.28
N THR E 93 -23.85 20.83 19.56
CA THR E 93 -23.74 19.44 19.95
C THR E 93 -22.36 18.90 19.59
N LEU E 94 -21.78 18.13 20.51
CA LEU E 94 -20.52 17.45 20.31
C LEU E 94 -20.77 15.95 20.29
N LYS E 95 -20.35 15.29 19.21
CA LYS E 95 -20.62 13.87 19.00
C LYS E 95 -19.32 13.09 18.91
N ILE E 96 -19.30 11.92 19.55
CA ILE E 96 -18.19 10.99 19.48
C ILE E 96 -18.70 9.69 18.88
N SER E 97 -18.10 9.30 17.75
CA SER E 97 -18.56 8.10 17.05
C SER E 97 -18.34 6.85 17.89
N ARG E 98 -17.19 6.76 18.56
CA ARG E 98 -16.87 5.60 19.37
C ARG E 98 -16.12 6.07 20.61
N VAL E 99 -16.58 5.63 21.78
CA VAL E 99 -15.97 6.01 23.04
C VAL E 99 -14.98 4.94 23.46
N GLU E 100 -13.83 5.37 23.97
CA GLU E 100 -12.78 4.47 24.41
C GLU E 100 -12.56 4.66 25.91
N ALA E 101 -11.54 3.97 26.44
CA ALA E 101 -11.27 3.99 27.88
C ALA E 101 -10.23 5.02 28.28
N GLU E 102 -9.66 5.75 27.34
CA GLU E 102 -8.60 6.71 27.65
C GLU E 102 -9.10 8.12 27.94
N ASP E 103 -10.40 8.38 27.77
CA ASP E 103 -10.95 9.72 27.98
C ASP E 103 -12.00 9.64 29.09
N VAL E 104 -11.72 10.30 30.21
CA VAL E 104 -12.72 10.47 31.26
C VAL E 104 -12.90 11.96 31.49
N GLY E 105 -11.87 12.61 32.02
CA GLY E 105 -11.75 14.05 32.11
C GLY E 105 -13.00 14.83 32.47
N VAL E 106 -13.10 16.04 31.90
CA VAL E 106 -14.27 16.90 32.01
C VAL E 106 -14.33 17.74 30.74
N TYR E 107 -15.54 18.13 30.36
CA TYR E 107 -15.75 18.91 29.14
C TYR E 107 -16.46 20.21 29.49
N TYR E 108 -16.03 21.29 28.83
CA TYR E 108 -16.61 22.61 29.03
C TYR E 108 -16.90 23.27 27.70
N CYS E 109 -18.05 23.92 27.61
CA CYS E 109 -18.35 24.86 26.56
C CYS E 109 -17.69 26.20 26.87
N MET E 110 -17.46 26.99 25.83
CA MET E 110 -16.89 28.33 26.03
C MET E 110 -17.38 29.23 24.91
N GLN E 111 -17.76 30.46 25.27
CA GLN E 111 -18.23 31.43 24.28
C GLN E 111 -17.16 32.49 24.09
N SER E 112 -17.24 33.20 22.95
CA SER E 112 -16.26 34.24 22.66
C SER E 112 -16.89 35.53 22.17
N LEU E 113 -18.19 35.76 22.39
CA LEU E 113 -18.78 37.05 22.10
C LEU E 113 -18.46 38.09 23.17
N GLN E 114 -17.77 37.69 24.24
CA GLN E 114 -17.42 38.59 25.33
C GLN E 114 -15.97 38.34 25.74
N THR E 115 -15.58 38.85 26.91
CA THR E 115 -14.19 38.78 27.35
C THR E 115 -14.07 38.68 28.87
N PRO E 116 -14.87 39.42 29.67
CA PRO E 116 -14.78 39.26 31.13
C PRO E 116 -15.19 37.88 31.63
N ARG E 117 -15.45 36.96 30.70
CA ARG E 117 -15.87 35.60 30.99
C ARG E 117 -15.06 34.94 32.10
N LEU E 118 -15.75 34.51 33.16
CA LEU E 118 -15.12 33.85 34.29
C LEU E 118 -15.01 32.36 34.05
N THR E 119 -14.76 31.60 35.12
CA THR E 119 -14.65 30.15 35.04
C THR E 119 -15.87 29.54 34.34
N PHE E 120 -15.66 28.35 33.78
CA PHE E 120 -16.73 27.67 33.07
C PHE E 120 -17.90 27.36 33.99
N GLY E 121 -17.62 26.89 35.20
CA GLY E 121 -18.65 26.50 36.13
C GLY E 121 -18.71 24.99 36.30
N PRO E 122 -19.90 24.42 36.13
CA PRO E 122 -20.05 22.98 36.32
C PRO E 122 -19.54 22.19 35.12
N GLY E 123 -19.74 22.71 33.91
CA GLY E 123 -19.36 21.98 32.72
C GLY E 123 -20.13 20.67 32.63
N THR E 124 -19.40 19.57 32.43
CA THR E 124 -20.01 18.25 32.43
C THR E 124 -18.93 17.22 32.76
N LYS E 125 -19.38 16.03 33.14
CA LYS E 125 -18.49 14.96 33.56
C LYS E 125 -18.78 13.71 32.73
N VAL E 126 -17.74 12.89 32.57
CA VAL E 126 -17.83 11.64 31.83
C VAL E 126 -17.31 10.52 32.71
N ASP E 127 -18.08 9.44 32.82
CA ASP E 127 -17.71 8.29 33.63
C ASP E 127 -18.07 7.02 32.86
N ILE E 128 -17.74 5.88 33.45
CA ILE E 128 -17.98 4.58 32.83
C ILE E 128 -19.31 4.04 33.35
N LYS E 129 -20.23 3.75 32.43
CA LYS E 129 -21.50 3.17 32.81
C LYS E 129 -21.30 1.77 33.36
N ARG E 130 -22.00 1.47 34.46
CA ARG E 130 -21.88 0.17 35.11
C ARG E 130 -23.11 -0.09 35.95
N THR E 131 -23.30 -1.35 36.31
CA THR E 131 -24.46 -1.73 37.11
C THR E 131 -24.42 -1.07 38.47
N VAL E 132 -25.60 -0.71 38.97
CA VAL E 132 -25.70 -0.02 40.26
C VAL E 132 -25.35 -0.98 41.38
N ALA E 133 -24.46 -0.55 42.27
CA ALA E 133 -24.04 -1.32 43.44
C ALA E 133 -24.66 -0.71 44.69
N ALA E 134 -24.31 -1.28 45.83
CA ALA E 134 -24.81 -0.80 47.11
C ALA E 134 -23.66 -0.68 48.11
N PRO E 135 -23.76 0.26 49.04
CA PRO E 135 -22.72 0.39 50.06
C PRO E 135 -22.82 -0.71 51.12
N SER E 136 -21.73 -0.87 51.85
CA SER E 136 -21.67 -1.74 53.03
C SER E 136 -21.12 -0.89 54.16
N VAL E 137 -22.01 -0.29 54.94
CA VAL E 137 -21.63 0.69 55.94
C VAL E 137 -21.05 -0.02 57.16
N PHE E 138 -19.90 0.44 57.63
CA PHE E 138 -19.28 -0.05 58.84
C PHE E 138 -18.96 1.15 59.74
N ILE E 139 -19.39 1.07 61.00
CA ILE E 139 -19.20 2.15 61.96
C ILE E 139 -18.17 1.71 62.99
N PHE E 140 -17.26 2.61 63.33
CA PHE E 140 -16.16 2.32 64.24
C PHE E 140 -16.18 3.29 65.41
N PRO E 141 -16.42 2.81 66.63
CA PRO E 141 -16.46 3.72 67.77
C PRO E 141 -15.08 4.31 68.04
N PRO E 142 -15.02 5.50 68.63
CA PRO E 142 -13.71 6.11 68.91
C PRO E 142 -12.92 5.28 69.90
N SER E 143 -11.59 5.36 69.78
CA SER E 143 -10.69 4.59 70.62
C SER E 143 -10.35 5.38 71.88
N ASP E 144 -9.55 4.75 72.75
CA ASP E 144 -9.21 5.38 74.02
C ASP E 144 -8.20 6.51 73.86
N GLU E 145 -7.31 6.43 72.86
CA GLU E 145 -6.26 7.43 72.72
C GLU E 145 -6.86 8.79 72.38
N GLN E 146 -7.84 8.84 71.48
CA GLN E 146 -8.46 10.13 71.15
C GLN E 146 -9.22 10.68 72.35
N LEU E 147 -9.93 9.81 73.07
CA LEU E 147 -10.72 10.25 74.21
C LEU E 147 -9.84 10.79 75.33
N LYS E 148 -8.72 10.13 75.60
CA LYS E 148 -7.83 10.54 76.67
C LYS E 148 -6.87 11.65 76.26
N SER E 149 -6.71 11.89 74.95
CA SER E 149 -5.80 12.91 74.46
C SER E 149 -6.54 14.20 74.10
N GLY E 150 -7.50 14.11 73.20
CA GLY E 150 -8.26 15.28 72.78
C GLY E 150 -9.69 14.96 72.40
N THR E 151 -10.10 15.41 71.22
CA THR E 151 -11.42 15.09 70.71
C THR E 151 -11.44 13.65 70.19
N ALA E 152 -12.61 13.21 69.76
CA ALA E 152 -12.81 11.86 69.25
C ALA E 152 -13.05 11.90 67.76
N SER E 153 -13.19 10.71 67.16
CA SER E 153 -13.44 10.59 65.73
C SER E 153 -14.18 9.29 65.47
N VAL E 154 -15.12 9.34 64.52
CA VAL E 154 -15.92 8.17 64.14
C VAL E 154 -16.02 8.14 62.63
N VAL E 155 -15.86 6.94 62.06
CA VAL E 155 -15.86 6.76 60.62
C VAL E 155 -17.12 6.04 60.20
N CYS E 156 -17.58 6.33 58.98
CA CYS E 156 -18.79 5.79 58.40
C CYS E 156 -18.55 5.32 56.97
N LEU E 157 -17.51 4.49 56.81
CA LEU E 157 -17.07 4.06 55.48
C LEU E 157 -18.21 3.44 54.67
N LEU E 158 -18.26 3.79 53.38
CA LEU E 158 -19.35 3.37 52.51
C LEU E 158 -19.05 2.09 51.74
N ASN E 159 -17.79 1.88 51.34
CA ASN E 159 -17.35 0.61 50.77
C ASN E 159 -18.12 0.25 49.49
N ASN E 160 -17.80 0.98 48.43
CA ASN E 160 -18.29 0.70 47.08
C ASN E 160 -19.79 0.91 46.94
N PHE E 161 -20.24 2.15 47.11
CA PHE E 161 -21.63 2.54 46.98
C PHE E 161 -22.01 2.96 45.56
N TYR E 162 -21.32 2.44 44.54
CA TYR E 162 -21.51 2.93 43.18
C TYR E 162 -22.97 2.81 42.76
N PRO E 163 -23.52 3.81 42.06
CA PRO E 163 -22.88 5.04 41.59
C PRO E 163 -22.91 6.16 42.63
N ARG E 164 -22.70 7.40 42.21
CA ARG E 164 -22.64 8.51 43.15
C ARG E 164 -24.01 8.76 43.78
N GLY E 165 -24.02 9.66 44.75
CA GLY E 165 -25.23 9.95 45.49
C GLY E 165 -25.07 9.75 46.99
N ALA E 166 -23.82 9.81 47.45
CA ALA E 166 -23.54 9.64 48.88
C ALA E 166 -24.11 10.80 49.68
N LYS E 167 -24.60 10.48 50.88
CA LYS E 167 -25.10 11.50 51.78
C LYS E 167 -24.99 10.98 53.20
N VAL E 168 -24.94 11.90 54.15
CA VAL E 168 -24.85 11.55 55.57
C VAL E 168 -25.59 12.62 56.36
N GLN E 169 -26.24 12.19 57.45
CA GLN E 169 -27.01 13.10 58.29
C GLN E 169 -26.54 13.14 59.73
N TRP E 170 -26.01 12.04 60.26
CA TRP E 170 -25.51 11.98 61.64
C TRP E 170 -26.60 12.36 62.63
N LYS E 171 -27.75 11.68 62.53
CA LYS E 171 -28.90 12.00 63.37
C LYS E 171 -28.58 11.81 64.85
N VAL E 172 -29.03 12.75 65.67
CA VAL E 172 -28.82 12.69 67.10
C VAL E 172 -30.16 12.64 67.83
N GLN E 177 -29.14 18.95 64.58
CA GLN E 177 -28.75 17.76 65.33
C GLN E 177 -27.30 17.37 65.04
N SER E 178 -26.75 17.96 63.97
CA SER E 178 -25.36 17.70 63.59
C SER E 178 -24.81 18.95 62.93
N GLY E 179 -23.65 19.41 63.42
CA GLY E 179 -23.05 20.62 62.90
C GLY E 179 -21.93 20.35 61.92
N ASN E 180 -20.69 20.59 62.34
CA ASN E 180 -19.55 20.41 61.47
C ASN E 180 -19.32 18.94 61.17
N SER E 181 -19.00 18.64 59.91
CA SER E 181 -18.71 17.28 59.48
C SER E 181 -17.68 17.33 58.36
N GLN E 182 -16.96 16.22 58.19
CA GLN E 182 -15.94 16.10 57.18
C GLN E 182 -16.11 14.79 56.42
N GLU E 183 -15.75 14.81 55.14
CA GLU E 183 -15.88 13.63 54.29
C GLU E 183 -14.82 13.66 53.21
N SER E 184 -14.51 12.47 52.70
CA SER E 184 -13.60 12.29 51.58
C SER E 184 -14.36 11.67 50.41
N VAL E 185 -13.64 11.39 49.33
CA VAL E 185 -14.24 10.84 48.12
C VAL E 185 -13.26 9.87 47.48
N THR E 186 -13.80 9.02 46.60
CA THR E 186 -12.99 8.06 45.84
C THR E 186 -13.39 8.17 44.38
N GLU E 187 -12.46 7.81 43.50
CA GLU E 187 -12.62 8.00 42.06
C GLU E 187 -12.63 6.64 41.35
N GLN E 188 -12.61 6.69 40.03
CA GLN E 188 -12.60 5.48 39.21
C GLN E 188 -11.22 4.83 39.30
N ASP E 189 -10.94 4.17 40.43
CA ASP E 189 -9.54 3.87 40.76
C ASP E 189 -9.03 2.63 40.02
N SER E 190 -9.56 1.45 40.33
CA SER E 190 -9.00 0.22 39.78
C SER E 190 -10.01 -0.57 38.96
N LYS E 191 -11.15 -0.96 39.53
CA LYS E 191 -12.05 -1.89 38.88
C LYS E 191 -13.48 -1.63 39.33
N ASP E 192 -14.42 -2.08 38.49
CA ASP E 192 -15.85 -2.14 38.79
C ASP E 192 -16.38 -0.87 39.46
N SER E 193 -15.75 0.27 39.19
CA SER E 193 -16.23 1.57 39.62
C SER E 193 -16.45 1.63 41.14
N THR E 194 -15.35 1.49 41.88
CA THR E 194 -15.42 1.52 43.33
C THR E 194 -15.38 2.95 43.85
N TYR E 195 -16.38 3.31 44.64
CA TYR E 195 -16.47 4.63 45.26
C TYR E 195 -16.66 4.46 46.76
N SER E 196 -15.96 5.27 47.55
CA SER E 196 -16.06 5.16 49.00
C SER E 196 -15.94 6.53 49.63
N LEU E 197 -16.55 6.67 50.81
CA LEU E 197 -16.56 7.91 51.56
C LEU E 197 -16.37 7.60 53.05
N SER E 198 -15.80 8.56 53.77
CA SER E 198 -15.54 8.40 55.19
C SER E 198 -15.98 9.65 55.95
N SER E 199 -16.21 9.49 57.24
CA SER E 199 -16.61 10.58 58.12
C SER E 199 -15.54 10.83 59.17
N THR E 200 -15.38 12.10 59.53
CA THR E 200 -14.31 12.53 60.44
C THR E 200 -14.86 13.50 61.48
N LEU E 201 -15.96 13.11 62.13
CA LEU E 201 -16.56 13.97 63.15
C LEU E 201 -15.57 14.26 64.27
N THR E 202 -15.62 15.49 64.78
CA THR E 202 -14.77 15.94 65.88
C THR E 202 -15.67 16.40 67.03
N LEU E 203 -15.52 15.76 68.18
CA LEU E 203 -16.31 16.09 69.36
C LEU E 203 -15.73 15.37 70.57
N SER E 204 -15.80 16.03 71.73
CA SER E 204 -15.36 15.40 72.96
C SER E 204 -16.38 14.34 73.40
N LYS E 205 -15.93 13.46 74.29
CA LYS E 205 -16.81 12.40 74.78
C LYS E 205 -17.90 12.95 75.70
N ALA E 206 -17.60 14.00 76.45
CA ALA E 206 -18.56 14.52 77.42
C ALA E 206 -19.85 14.98 76.73
N ASP E 207 -19.72 15.70 75.63
CA ASP E 207 -20.88 16.11 74.85
C ASP E 207 -21.27 15.08 73.80
N TYR E 208 -20.47 14.05 73.57
CA TYR E 208 -20.87 12.96 72.71
C TYR E 208 -21.77 11.95 73.41
N GLU E 209 -21.73 11.92 74.74
CA GLU E 209 -22.54 10.97 75.49
C GLU E 209 -24.04 11.23 75.35
N LYS E 210 -24.43 12.40 74.82
CA LYS E 210 -25.85 12.69 74.65
C LYS E 210 -26.51 11.73 73.67
N HIS E 211 -25.77 11.26 72.68
CA HIS E 211 -26.31 10.38 71.65
C HIS E 211 -25.41 9.18 71.47
N LYS E 212 -25.97 8.10 70.95
CA LYS E 212 -25.22 6.88 70.70
C LYS E 212 -25.36 6.45 69.24
N ALA E 215 -24.05 7.97 65.24
CA ALA E 215 -25.12 7.37 64.46
C ALA E 215 -25.28 8.06 63.12
N CYS E 216 -24.54 7.60 62.11
CA CYS E 216 -24.60 8.16 60.78
C CYS E 216 -25.65 7.43 59.94
N GLU E 217 -26.43 8.20 59.19
CA GLU E 217 -27.45 7.68 58.30
C GLU E 217 -27.04 7.95 56.86
N VAL E 218 -27.03 6.92 56.03
CA VAL E 218 -26.62 7.00 54.64
C VAL E 218 -27.77 6.53 53.76
N THR E 219 -28.08 7.30 52.73
CA THR E 219 -29.08 6.95 51.74
C THR E 219 -28.45 7.01 50.36
N HIS E 220 -28.76 6.02 49.53
CA HIS E 220 -28.17 5.89 48.20
C HIS E 220 -29.28 5.77 47.16
N GLN E 221 -29.00 6.23 45.95
CA GLN E 221 -29.96 6.09 44.86
C GLN E 221 -30.22 4.63 44.51
N GLY E 222 -29.26 3.75 44.78
CA GLY E 222 -29.45 2.33 44.56
C GLY E 222 -29.95 1.62 45.80
N LEU E 223 -29.38 1.96 46.95
CA LEU E 223 -29.79 1.41 48.23
C LEU E 223 -30.91 2.28 48.79
N SER E 224 -32.16 1.86 48.57
CA SER E 224 -33.30 2.67 48.96
C SER E 224 -33.36 2.84 50.47
N SER E 225 -33.04 1.81 51.23
CA SER E 225 -33.12 1.88 52.68
C SER E 225 -32.08 2.84 53.23
N PRO E 226 -32.46 3.85 54.01
CA PRO E 226 -31.47 4.74 54.62
C PRO E 226 -30.75 4.09 55.80
N VAL E 227 -29.70 3.32 55.49
CA VAL E 227 -29.03 2.53 56.53
C VAL E 227 -28.43 3.46 57.58
N THR E 228 -28.76 3.21 58.84
CA THR E 228 -28.29 4.02 59.95
C THR E 228 -27.46 3.16 60.89
N LYS E 229 -26.32 3.69 61.32
CA LYS E 229 -25.41 3.00 62.23
C LYS E 229 -25.24 3.84 63.48
N SER E 230 -25.26 3.18 64.64
CA SER E 230 -25.16 3.83 65.93
C SER E 230 -23.82 3.52 66.58
N PHE E 231 -23.57 4.17 67.71
CA PHE E 231 -22.34 3.97 68.47
C PHE E 231 -22.23 2.54 68.99
#